data_5U1A
#
_entry.id   5U1A
#
_cell.length_a   128.412
_cell.length_b   128.412
_cell.length_c   165.041
_cell.angle_alpha   90.000
_cell.angle_beta   90.000
_cell.angle_gamma   90.000
#
_symmetry.space_group_name_H-M   'P 4'
#
loop_
_entity.id
_entity.type
_entity.pdbx_description
1 polymer 'Ferritin,MtrE protein chimera'
2 non-polymer 'SODIUM ION'
3 non-polymer 'FE (III) ION'
4 non-polymer GLYCEROL
5 non-polymer 'CHLORIDE ION'
6 water water
#
_entity_poly.entity_id   1
_entity_poly.type   'polypeptide(L)'
_entity_poly.pdbx_seq_one_letter_code
;MLSKDIIKLLNEQVNKEMNSSNLYMSMSSWCYTGSRQGSLSGGNVSSSYSLDGCGTFLFDHAAEEYEHAKKLIVFLNENN
VPVQLTSISAPEHKFEGLTQIFQKAYEHEQHISESINNIVDHAIKSKDHATFNFLQWYVSEQHEEEVLFKDILDKIELIG
NENHGLYLADQYVKGIAKSRKS
;
_entity_poly.pdbx_strand_id   A,B,C,D,E,F,G,H,I,J,K,L
#
loop_
_chem_comp.id
_chem_comp.type
_chem_comp.name
_chem_comp.formula
CL non-polymer 'CHLORIDE ION' 'Cl -1'
FE non-polymer 'FE (III) ION' 'Fe 3'
GOL non-polymer GLYCEROL 'C3 H8 O3'
NA non-polymer 'SODIUM ION' 'Na 1'
#
# COMPACT_ATOMS: atom_id res chain seq x y z
N MET A 1 57.94 -60.64 61.47
CA MET A 1 56.59 -60.47 62.06
C MET A 1 56.55 -59.15 62.74
N LEU A 2 55.35 -58.66 62.91
CA LEU A 2 55.26 -57.27 63.43
C LEU A 2 55.60 -57.31 64.91
N SER A 3 56.32 -56.34 65.39
CA SER A 3 56.56 -56.22 66.81
C SER A 3 55.30 -55.88 67.64
N LYS A 4 55.36 -56.13 68.92
CA LYS A 4 54.25 -55.91 69.83
C LYS A 4 53.89 -54.42 69.82
N ASP A 5 54.91 -53.55 69.87
CA ASP A 5 54.69 -52.14 69.90
C ASP A 5 54.01 -51.63 68.61
N ILE A 6 54.45 -52.10 67.45
CA ILE A 6 53.91 -51.69 66.18
C ILE A 6 52.45 -52.18 66.09
N ILE A 7 52.18 -53.40 66.52
CA ILE A 7 50.81 -53.90 66.53
C ILE A 7 49.91 -53.00 67.36
N LYS A 8 50.36 -52.65 68.56
CA LYS A 8 49.55 -51.80 69.39
C LYS A 8 49.33 -50.42 68.75
N LEU A 9 50.36 -49.81 68.17
CA LEU A 9 50.22 -48.50 67.53
C LEU A 9 49.29 -48.54 66.31
N LEU A 10 49.37 -49.61 65.51
CA LEU A 10 48.51 -49.76 64.36
C LEU A 10 47.03 -49.92 64.81
N ASN A 11 46.77 -50.70 65.84
CA ASN A 11 45.45 -50.83 66.40
C ASN A 11 44.92 -49.52 66.92
N GLU A 12 45.78 -48.81 67.63
CA GLU A 12 45.36 -47.48 68.10
C GLU A 12 45.03 -46.56 66.93
N GLN A 13 45.80 -46.63 65.83
CA GLN A 13 45.53 -45.82 64.68
C GLN A 13 44.18 -46.14 64.01
N VAL A 14 43.81 -47.42 63.95
CA VAL A 14 42.50 -47.81 63.43
C VAL A 14 41.42 -47.07 64.22
N ASN A 15 41.50 -47.17 65.58
CA ASN A 15 40.55 -46.53 66.41
C ASN A 15 40.53 -44.98 66.28
N LYS A 16 41.73 -44.37 66.13
CA LYS A 16 41.79 -42.97 65.88
C LYS A 16 41.14 -42.55 64.59
N GLU A 17 41.33 -43.32 63.52
CA GLU A 17 40.70 -42.98 62.25
C GLU A 17 39.20 -43.12 62.33
N MET A 18 38.67 -44.09 63.06
CA MET A 18 37.21 -44.21 63.19
C MET A 18 36.69 -42.99 63.98
N ASN A 19 37.40 -42.63 65.03
CA ASN A 19 37.04 -41.47 65.80
C ASN A 19 37.05 -40.15 64.92
N SER A 20 38.08 -40.02 64.08
CA SER A 20 38.15 -38.88 63.16
C SER A 20 37.01 -38.84 62.20
N SER A 21 36.69 -39.97 61.63
CA SER A 21 35.59 -40.04 60.71
C SER A 21 34.32 -39.53 61.38
N ASN A 22 34.04 -39.98 62.61
CA ASN A 22 32.83 -39.50 63.30
C ASN A 22 32.88 -38.02 63.61
N LEU A 23 34.04 -37.53 63.99
CA LEU A 23 34.21 -36.12 64.26
C LEU A 23 33.86 -35.27 63.00
N TYR A 24 34.40 -35.71 61.85
CA TYR A 24 34.11 -34.96 60.63
C TYR A 24 32.63 -35.05 60.19
N MET A 25 31.96 -36.19 60.46
CA MET A 25 30.55 -36.26 60.21
C MET A 25 29.78 -35.29 61.09
N SER A 26 30.18 -35.18 62.35
CA SER A 26 29.54 -34.23 63.25
C SER A 26 29.78 -32.77 62.80
N MET A 27 30.97 -32.46 62.38
CA MET A 27 31.27 -31.12 61.82
C MET A 27 30.46 -30.84 60.59
N SER A 28 30.30 -31.84 59.74
CA SER A 28 29.48 -31.71 58.57
C SER A 28 28.07 -31.38 58.89
N SER A 29 27.51 -32.08 59.86
CA SER A 29 26.17 -31.83 60.30
C SER A 29 26.04 -30.41 60.91
N TRP A 30 27.02 -29.96 61.66
CA TRP A 30 27.00 -28.58 62.17
C TRP A 30 26.90 -27.59 61.04
N CYS A 31 27.65 -27.82 59.96
CA CYS A 31 27.58 -26.94 58.79
C CYS A 31 26.19 -26.87 58.23
N TYR A 32 25.56 -28.01 58.05
CA TYR A 32 24.17 -28.03 57.58
C TYR A 32 23.15 -27.53 58.55
N THR A 33 23.27 -27.70 59.84
CA THR A 33 22.22 -27.39 60.79
C THR A 33 22.64 -26.75 62.18
N GLY A 34 23.92 -26.41 62.36
CA GLY A 34 24.45 -25.85 63.59
C GLY A 34 23.98 -24.51 64.03
N SER A 35 23.89 -24.35 65.39
CA SER A 35 23.24 -23.12 66.01
C SER A 35 24.14 -21.89 66.10
N SER A 48 23.69 -20.89 62.78
CA SER A 48 22.27 -21.00 62.44
C SER A 48 21.97 -21.08 60.93
N TYR A 49 22.95 -20.85 60.07
CA TYR A 49 22.79 -20.97 58.57
C TYR A 49 23.04 -22.36 57.95
N SER A 50 22.48 -22.72 56.76
CA SER A 50 23.00 -23.89 56.03
C SER A 50 24.27 -23.71 55.14
N LEU A 51 25.39 -24.21 55.59
CA LEU A 51 26.65 -24.09 54.87
C LEU A 51 26.89 -25.43 54.18
N ASP A 52 26.22 -25.64 53.07
CA ASP A 52 26.25 -26.96 52.40
C ASP A 52 27.51 -27.23 51.68
N GLY A 53 28.26 -26.19 51.29
CA GLY A 53 29.56 -26.40 50.68
C GLY A 53 30.54 -27.02 51.66
N CYS A 54 30.64 -26.39 52.83
CA CYS A 54 31.46 -26.95 53.87
C CYS A 54 30.93 -28.28 54.37
N GLY A 55 29.63 -28.38 54.49
CA GLY A 55 28.99 -29.63 54.90
C GLY A 55 29.36 -30.81 53.99
N THR A 56 29.30 -30.58 52.67
CA THR A 56 29.67 -31.62 51.71
C THR A 56 31.14 -31.97 51.76
N PHE A 57 31.98 -30.95 51.85
CA PHE A 57 33.39 -31.15 51.94
C PHE A 57 33.75 -32.03 53.19
N LEU A 58 33.19 -31.68 54.34
CA LEU A 58 33.52 -32.39 55.54
C LEU A 58 32.97 -33.83 55.55
N PHE A 59 31.79 -34.04 54.98
CA PHE A 59 31.26 -35.37 54.79
C PHE A 59 32.19 -36.21 53.95
N ASP A 60 32.61 -35.67 52.84
CA ASP A 60 33.53 -36.39 51.98
C ASP A 60 34.86 -36.69 52.67
N HIS A 61 35.35 -35.75 53.46
CA HIS A 61 36.55 -35.99 54.19
C HIS A 61 36.34 -37.08 55.27
N ALA A 62 35.21 -37.06 55.93
CA ALA A 62 34.85 -38.14 56.86
C ALA A 62 34.91 -39.52 56.24
N ALA A 63 34.33 -39.63 55.04
CA ALA A 63 34.32 -40.89 54.33
C ALA A 63 35.71 -41.35 53.99
N GLU A 64 36.58 -40.43 53.61
CA GLU A 64 37.93 -40.76 53.33
C GLU A 64 38.72 -41.23 54.55
N GLU A 65 38.45 -40.64 55.69
CA GLU A 65 39.10 -41.07 56.91
C GLU A 65 38.69 -42.51 57.22
N TYR A 66 37.43 -42.86 56.99
CA TYR A 66 37.02 -44.22 57.20
C TYR A 66 37.70 -45.17 56.21
N GLU A 67 37.93 -44.74 54.99
CA GLU A 67 38.71 -45.52 54.04
C GLU A 67 40.16 -45.76 54.57
N HIS A 68 40.76 -44.81 55.27
CA HIS A 68 42.04 -45.02 55.89
C HIS A 68 41.95 -46.10 56.97
N ALA A 69 40.91 -46.06 57.81
CA ALA A 69 40.70 -47.10 58.76
C ALA A 69 40.59 -48.49 58.12
N LYS A 70 39.83 -48.57 57.05
CA LYS A 70 39.66 -49.83 56.33
C LYS A 70 40.99 -50.37 55.78
N LYS A 71 41.82 -49.51 55.20
CA LYS A 71 43.07 -49.93 54.67
C LYS A 71 44.00 -50.45 55.74
N LEU A 72 44.00 -49.85 56.91
CA LEU A 72 44.75 -50.39 58.01
C LEU A 72 44.22 -51.74 58.53
N ILE A 73 42.91 -51.92 58.56
CA ILE A 73 42.34 -53.19 58.95
C ILE A 73 42.73 -54.30 57.96
N VAL A 74 42.69 -54.00 56.66
CA VAL A 74 43.14 -54.95 55.65
C VAL A 74 44.57 -55.40 55.89
N PHE A 75 45.43 -54.45 56.18
CA PHE A 75 46.83 -54.74 56.47
C PHE A 75 46.96 -55.64 57.68
N LEU A 76 46.26 -55.34 58.76
CA LEU A 76 46.29 -56.19 59.93
C LEU A 76 45.76 -57.60 59.64
N ASN A 77 44.63 -57.72 58.97
CA ASN A 77 44.05 -59.03 58.64
C ASN A 77 45.06 -59.84 57.79
N GLU A 78 45.61 -59.19 56.78
CA GLU A 78 46.54 -59.87 55.85
C GLU A 78 47.83 -60.27 56.50
N ASN A 79 48.28 -59.55 57.56
CA ASN A 79 49.43 -59.90 58.31
C ASN A 79 49.15 -60.80 59.52
N ASN A 80 47.93 -61.32 59.61
CA ASN A 80 47.57 -62.18 60.70
C ASN A 80 47.66 -61.57 62.09
N VAL A 81 47.33 -60.28 62.23
CA VAL A 81 47.40 -59.62 63.52
C VAL A 81 45.98 -59.32 63.95
N PRO A 82 45.60 -59.62 65.17
CA PRO A 82 44.23 -59.34 65.65
C PRO A 82 43.94 -57.82 65.66
N VAL A 83 42.74 -57.47 65.20
CA VAL A 83 42.30 -56.10 65.24
C VAL A 83 41.60 -55.92 66.58
N GLN A 84 41.91 -54.90 67.33
CA GLN A 84 41.31 -54.74 68.69
C GLN A 84 40.57 -53.42 68.72
N LEU A 85 39.28 -53.46 68.40
CA LEU A 85 38.50 -52.29 68.32
C LEU A 85 38.04 -51.95 69.71
N THR A 86 38.18 -50.69 70.08
CA THR A 86 37.72 -50.23 71.40
C THR A 86 36.48 -49.45 71.20
N SER A 87 35.89 -48.92 72.25
CA SER A 87 34.73 -48.06 72.05
C SER A 87 35.19 -46.78 71.32
N ILE A 88 34.37 -46.23 70.47
CA ILE A 88 34.73 -45.04 69.71
C ILE A 88 33.88 -43.96 70.38
N SER A 89 34.53 -42.98 70.98
CA SER A 89 33.74 -41.98 71.80
C SER A 89 32.90 -41.10 70.87
N ALA A 90 31.73 -40.67 71.32
CA ALA A 90 30.92 -39.79 70.59
C ALA A 90 31.73 -38.48 70.32
N PRO A 91 31.64 -37.95 69.12
CA PRO A 91 32.37 -36.75 68.81
C PRO A 91 31.72 -35.51 69.43
N GLU A 92 32.50 -34.46 69.46
CA GLU A 92 31.97 -33.18 69.85
C GLU A 92 31.01 -32.72 68.74
N HIS A 93 29.98 -32.03 69.16
CA HIS A 93 28.88 -31.63 68.31
C HIS A 93 28.58 -30.14 68.30
N LYS A 94 29.11 -29.37 69.24
CA LYS A 94 28.83 -27.93 69.31
C LYS A 94 30.05 -27.17 68.93
N PHE A 95 29.92 -26.24 68.01
CA PHE A 95 31.03 -25.48 67.56
C PHE A 95 30.63 -23.99 67.52
N GLU A 96 31.61 -23.14 67.62
CA GLU A 96 31.36 -21.73 67.76
C GLU A 96 31.17 -21.01 66.46
N GLY A 97 31.74 -21.50 65.39
CA GLY A 97 31.61 -20.79 64.11
C GLY A 97 32.46 -21.43 63.07
N LEU A 98 32.43 -20.88 61.85
CA LEU A 98 33.12 -21.54 60.73
C LEU A 98 34.63 -21.54 60.88
N THR A 99 35.20 -20.43 61.27
CA THR A 99 36.62 -20.36 61.56
C THR A 99 37.04 -21.36 62.60
N GLN A 100 36.29 -21.42 63.66
CA GLN A 100 36.66 -22.30 64.75
C GLN A 100 36.58 -23.76 64.38
N ILE A 101 35.58 -24.14 63.61
CA ILE A 101 35.45 -25.51 63.19
C ILE A 101 36.66 -25.90 62.32
N PHE A 102 37.07 -25.04 61.37
CA PHE A 102 38.20 -25.40 60.56
C PHE A 102 39.54 -25.30 61.31
N GLN A 103 39.61 -24.45 62.33
CA GLN A 103 40.78 -24.41 63.21
C GLN A 103 40.88 -25.73 63.99
N LYS A 104 39.78 -26.23 64.52
CA LYS A 104 39.79 -27.51 65.23
C LYS A 104 40.15 -28.65 64.28
N ALA A 105 39.57 -28.62 63.10
CA ALA A 105 39.85 -29.66 62.11
C ALA A 105 41.32 -29.67 61.73
N TYR A 106 41.89 -28.51 61.47
CA TYR A 106 43.29 -28.44 61.14
C TYR A 106 44.18 -28.93 62.26
N GLU A 107 43.91 -28.52 63.48
CA GLU A 107 44.66 -29.04 64.63
C GLU A 107 44.53 -30.53 64.77
N HIS A 108 43.33 -31.03 64.52
CA HIS A 108 43.11 -32.45 64.56
C HIS A 108 43.97 -33.18 63.48
N GLU A 109 43.98 -32.65 62.26
CA GLU A 109 44.83 -33.24 61.24
C GLU A 109 46.33 -33.19 61.62
N GLN A 110 46.78 -32.15 62.23
CA GLN A 110 48.17 -32.10 62.70
C GLN A 110 48.42 -33.19 63.72
N HIS A 111 47.48 -33.43 64.64
CA HIS A 111 47.63 -34.51 65.60
C HIS A 111 47.69 -35.90 64.91
N ILE A 112 46.86 -36.12 63.91
CA ILE A 112 46.88 -37.38 63.15
C ILE A 112 48.25 -37.53 62.45
N SER A 113 48.74 -36.46 61.83
CA SER A 113 50.07 -36.50 61.19
C SER A 113 51.15 -36.93 62.19
N GLU A 114 51.12 -36.40 63.39
CA GLU A 114 52.07 -36.74 64.43
C GLU A 114 51.94 -38.20 64.81
N SER A 115 50.72 -38.66 64.98
CA SER A 115 50.52 -40.06 65.36
C SER A 115 51.07 -41.02 64.31
N ILE A 116 50.93 -40.69 63.03
CA ILE A 116 51.52 -41.49 61.99
C ILE A 116 53.06 -41.40 62.01
N ASN A 117 53.61 -40.22 62.19
CA ASN A 117 55.04 -40.09 62.34
C ASN A 117 55.59 -40.96 63.47
N ASN A 118 54.87 -41.07 64.57
CA ASN A 118 55.28 -41.90 65.64
C ASN A 118 55.35 -43.39 65.26
N ILE A 119 54.38 -43.86 64.48
CA ILE A 119 54.39 -45.22 64.00
C ILE A 119 55.60 -45.43 63.10
N VAL A 120 55.85 -44.52 62.21
CA VAL A 120 56.91 -44.64 61.23
C VAL A 120 58.26 -44.68 61.93
N ASP A 121 58.37 -43.85 62.94
CA ASP A 121 59.55 -43.81 63.75
C ASP A 121 59.79 -45.14 64.47
N HIS A 122 58.74 -45.73 65.01
CA HIS A 122 58.86 -47.02 65.62
C HIS A 122 59.21 -48.14 64.61
N ALA A 123 58.70 -48.07 63.40
CA ALA A 123 59.03 -49.04 62.37
C ALA A 123 60.54 -48.97 62.06
N ILE A 124 61.09 -47.77 61.96
CA ILE A 124 62.57 -47.62 61.77
C ILE A 124 63.34 -48.24 62.93
N LYS A 125 62.96 -47.95 64.15
CA LYS A 125 63.63 -48.48 65.31
C LYS A 125 63.56 -49.96 65.42
N SER A 126 62.48 -50.58 65.06
CA SER A 126 62.39 -52.00 65.12
C SER A 126 62.80 -52.67 63.84
N LYS A 127 63.35 -51.95 62.88
CA LYS A 127 63.72 -52.47 61.57
C LYS A 127 62.63 -53.13 60.82
N ASP A 128 61.41 -52.69 61.02
CA ASP A 128 60.27 -53.22 60.31
C ASP A 128 60.02 -52.46 59.01
N HIS A 129 60.85 -52.75 58.03
CA HIS A 129 60.76 -52.10 56.77
C HIS A 129 59.54 -52.35 55.92
N ALA A 130 58.97 -53.51 56.06
CA ALA A 130 57.76 -53.79 55.35
C ALA A 130 56.65 -52.84 55.82
N THR A 131 56.58 -52.65 57.10
CA THR A 131 55.58 -51.74 57.64
C THR A 131 55.89 -50.28 57.31
N PHE A 132 57.15 -49.88 57.39
CA PHE A 132 57.60 -48.55 56.93
C PHE A 132 57.11 -48.29 55.51
N ASN A 133 57.36 -49.24 54.62
CA ASN A 133 56.99 -49.14 53.22
C ASN A 133 55.47 -49.04 53.03
N PHE A 134 54.73 -49.85 53.78
CA PHE A 134 53.29 -49.75 53.74
C PHE A 134 52.73 -48.42 54.14
N LEU A 135 53.27 -47.84 55.18
CA LEU A 135 52.80 -46.61 55.72
C LEU A 135 53.06 -45.35 54.81
N GLN A 136 53.82 -45.47 53.77
CA GLN A 136 54.18 -44.26 52.97
C GLN A 136 52.98 -43.68 52.27
N TRP A 137 52.06 -44.48 51.73
CA TRP A 137 50.85 -43.92 51.14
CA TRP A 137 50.85 -43.93 51.15
C TRP A 137 50.14 -43.06 52.20
N TYR A 138 50.17 -43.48 53.44
CA TYR A 138 49.41 -42.86 54.49
C TYR A 138 50.09 -41.57 54.96
N VAL A 139 51.41 -41.57 55.07
CA VAL A 139 52.18 -40.35 55.33
C VAL A 139 51.89 -39.30 54.27
N SER A 140 51.90 -39.70 53.03
CA SER A 140 51.72 -38.81 51.91
C SER A 140 50.30 -38.27 51.84
N GLU A 141 49.29 -39.13 51.95
CA GLU A 141 47.89 -38.68 51.92
CA GLU A 141 47.89 -38.68 51.92
C GLU A 141 47.57 -37.80 53.08
N GLN A 142 48.11 -38.12 54.24
CA GLN A 142 47.86 -37.30 55.41
C GLN A 142 48.42 -35.96 55.29
N HIS A 143 49.61 -35.86 54.73
CA HIS A 143 50.20 -34.57 54.52
C HIS A 143 49.39 -33.69 53.56
N GLU A 144 48.89 -34.26 52.49
CA GLU A 144 48.01 -33.58 51.56
C GLU A 144 46.73 -33.09 52.27
N GLU A 145 46.18 -33.91 53.15
CA GLU A 145 44.99 -33.50 53.93
C GLU A 145 45.26 -32.37 54.87
N GLU A 146 46.37 -32.43 55.56
CA GLU A 146 46.75 -31.38 56.49
C GLU A 146 46.94 -30.08 55.79
N VAL A 147 47.63 -30.09 54.69
CA VAL A 147 47.79 -28.89 53.87
C VAL A 147 46.46 -28.35 53.34
N LEU A 148 45.59 -29.22 52.87
CA LEU A 148 44.27 -28.81 52.38
C LEU A 148 43.48 -28.08 53.49
N PHE A 149 43.49 -28.61 54.70
CA PHE A 149 42.80 -27.95 55.79
C PHE A 149 43.39 -26.58 56.16
N LYS A 150 44.72 -26.49 56.14
CA LYS A 150 45.39 -25.24 56.33
C LYS A 150 44.98 -24.24 55.25
N ASP A 151 44.94 -24.66 54.00
CA ASP A 151 44.55 -23.78 52.92
C ASP A 151 43.10 -23.26 53.06
N ILE A 152 42.19 -24.15 53.44
CA ILE A 152 40.80 -23.73 53.60
C ILE A 152 40.68 -22.75 54.77
N LEU A 153 41.31 -23.08 55.88
CA LEU A 153 41.31 -22.22 57.04
C LEU A 153 41.81 -20.84 56.70
N ASP A 154 42.93 -20.78 56.00
CA ASP A 154 43.46 -19.50 55.57
C ASP A 154 42.53 -18.71 54.63
N LYS A 155 41.88 -19.40 53.71
CA LYS A 155 40.93 -18.76 52.84
C LYS A 155 39.71 -18.19 53.60
N ILE A 156 39.20 -18.94 54.58
CA ILE A 156 38.14 -18.47 55.43
C ILE A 156 38.56 -17.19 56.14
N GLU A 157 39.80 -17.12 56.59
CA GLU A 157 40.32 -15.91 57.26
C GLU A 157 40.55 -14.77 56.27
N LEU A 158 41.03 -15.03 55.07
CA LEU A 158 41.09 -14.01 54.07
C LEU A 158 39.76 -13.39 53.65
N ILE A 159 38.74 -14.20 53.54
CA ILE A 159 37.41 -13.71 53.13
C ILE A 159 36.78 -12.90 54.25
N GLY A 160 36.83 -13.40 55.46
CA GLY A 160 36.23 -12.70 56.58
C GLY A 160 34.74 -13.04 56.69
N ASN A 161 34.09 -12.55 57.73
CA ASN A 161 32.62 -12.79 57.83
C ASN A 161 31.76 -11.55 57.81
N GLU A 162 32.31 -10.41 57.43
CA GLU A 162 31.48 -9.25 57.22
C GLU A 162 30.63 -9.50 55.95
N ASN A 163 29.42 -8.97 55.94
CA ASN A 163 28.49 -9.10 54.82
C ASN A 163 28.21 -10.54 54.30
N HIS A 164 28.55 -10.85 53.07
CA HIS A 164 28.32 -12.14 52.52
C HIS A 164 29.54 -13.01 52.55
N GLY A 165 30.45 -12.69 53.45
CA GLY A 165 31.64 -13.47 53.64
C GLY A 165 31.42 -14.95 53.81
N LEU A 166 30.53 -15.32 54.68
CA LEU A 166 30.22 -16.74 54.93
C LEU A 166 29.75 -17.42 53.68
N TYR A 167 28.86 -16.76 52.93
CA TYR A 167 28.45 -17.28 51.63
C TYR A 167 29.62 -17.47 50.70
N LEU A 168 30.49 -16.49 50.57
CA LEU A 168 31.64 -16.65 49.71
C LEU A 168 32.55 -17.81 50.13
N ALA A 169 32.78 -17.92 51.42
CA ALA A 169 33.61 -18.99 51.94
C ALA A 169 32.98 -20.37 51.64
N ASP A 170 31.68 -20.47 51.86
CA ASP A 170 30.99 -21.69 51.60
C ASP A 170 31.02 -22.11 50.12
N GLN A 171 30.89 -21.14 49.22
CA GLN A 171 31.02 -21.39 47.80
C GLN A 171 32.40 -21.79 47.41
N TYR A 172 33.40 -21.20 48.02
CA TYR A 172 34.77 -21.59 47.78
C TYR A 172 35.00 -23.07 48.14
N VAL A 173 34.57 -23.45 49.33
CA VAL A 173 34.73 -24.82 49.81
C VAL A 173 33.91 -25.80 48.95
N LYS A 174 32.72 -25.40 48.55
CA LYS A 174 31.89 -26.22 47.66
C LYS A 174 32.67 -26.55 46.38
N GLY A 175 33.34 -25.56 45.83
CA GLY A 175 34.19 -25.77 44.65
C GLY A 175 35.34 -26.73 44.88
N ILE A 176 35.98 -26.64 46.03
CA ILE A 176 37.02 -27.61 46.37
C ILE A 176 36.41 -29.00 46.46
N ALA A 177 35.30 -29.15 47.13
CA ALA A 177 34.70 -30.48 47.28
C ALA A 177 34.40 -31.10 45.92
N LYS A 178 33.86 -30.29 45.05
CA LYS A 178 33.48 -30.75 43.70
C LYS A 178 34.73 -31.13 42.89
N SER A 179 35.80 -30.37 42.96
CA SER A 179 36.96 -30.68 42.17
C SER A 179 37.68 -31.90 42.72
N ARG A 180 37.63 -32.19 44.02
CA ARG A 180 38.26 -33.38 44.52
C ARG A 180 37.49 -34.67 44.23
N LYS A 181 36.21 -34.65 43.84
CA LYS A 181 35.54 -35.95 43.53
C LYS A 181 35.25 -36.25 42.12
N LEU B 2 11.83 -0.12 -5.39
CA LEU B 2 11.49 0.56 -4.16
C LEU B 2 10.98 1.97 -4.46
N SER B 3 10.05 2.41 -3.67
CA SER B 3 9.62 3.78 -3.72
C SER B 3 10.69 4.79 -3.25
N LYS B 4 10.53 6.03 -3.65
CA LYS B 4 11.45 7.08 -3.32
C LYS B 4 11.55 7.32 -1.82
N ASP B 5 10.41 7.29 -1.17
CA ASP B 5 10.36 7.48 0.28
C ASP B 5 11.12 6.36 1.05
N ILE B 6 10.90 5.11 0.64
CA ILE B 6 11.51 3.98 1.26
C ILE B 6 13.04 4.04 1.00
N ILE B 7 13.45 4.40 -0.20
CA ILE B 7 14.85 4.55 -0.52
C ILE B 7 15.51 5.58 0.39
N LYS B 8 14.87 6.73 0.56
CA LYS B 8 15.41 7.74 1.41
C LYS B 8 15.53 7.24 2.89
N LEU B 9 14.49 6.59 3.39
CA LEU B 9 14.54 6.08 4.76
C LEU B 9 15.60 4.98 4.97
N LEU B 10 15.75 4.10 3.99
CA LEU B 10 16.76 3.06 4.05
C LEU B 10 18.19 3.65 4.06
N ASN B 11 18.43 4.65 3.21
CA ASN B 11 19.71 5.32 3.19
C ASN B 11 19.99 6.02 4.48
N GLU B 12 18.97 6.69 5.04
CA GLU B 12 19.15 7.31 6.34
C GLU B 12 19.49 6.27 7.41
N GLN B 13 18.83 5.10 7.37
CA GLN B 13 19.12 4.05 8.33
C GLN B 13 20.59 3.51 8.23
N VAL B 14 21.12 3.40 7.03
CA VAL B 14 22.50 2.99 6.83
C VAL B 14 23.41 3.95 7.62
N ASN B 15 23.18 5.28 7.38
CA ASN B 15 23.97 6.29 8.02
C ASN B 15 23.79 6.30 9.54
N LYS B 16 22.57 6.06 10.02
CA LYS B 16 22.37 5.98 11.44
C LYS B 16 23.09 4.79 12.07
N GLU B 17 23.09 3.64 11.42
CA GLU B 17 23.82 2.50 11.95
C GLU B 17 25.33 2.77 11.98
N MET B 18 25.88 3.46 11.00
CA MET B 18 27.32 3.74 11.04
C MET B 18 27.61 4.71 12.19
N ASN B 19 26.75 5.72 12.34
CA ASN B 19 26.88 6.65 13.44
C ASN B 19 26.85 5.88 14.84
N SER B 20 25.88 4.95 14.95
CA SER B 20 25.76 4.17 16.17
C SER B 20 26.99 3.33 16.46
N SER B 21 27.49 2.67 15.43
CA SER B 21 28.67 1.89 15.54
C SER B 21 29.80 2.70 16.10
N ASN B 22 30.03 3.92 15.58
CA ASN B 22 31.12 4.75 16.10
C ASN B 22 30.89 5.19 17.51
N LEU B 23 29.68 5.47 17.87
CA LEU B 23 29.35 5.83 19.25
C LEU B 23 29.70 4.66 20.20
N TYR B 24 29.32 3.46 19.83
CA TYR B 24 29.67 2.31 20.65
C TYR B 24 31.17 2.02 20.75
N MET B 25 31.95 2.29 19.66
CA MET B 25 33.36 2.19 19.76
C MET B 25 33.94 3.20 20.72
N SER B 26 33.40 4.42 20.71
CA SER B 26 33.86 5.43 21.64
C SER B 26 33.52 5.05 23.09
N MET B 27 32.34 4.52 23.32
CA MET B 27 31.97 4.04 24.64
C MET B 27 32.87 2.90 25.10
N SER B 28 33.21 2.02 24.18
CA SER B 28 34.13 0.94 24.47
C SER B 28 35.45 1.44 24.93
N SER B 29 35.99 2.43 24.21
CA SER B 29 37.26 3.00 24.55
C SER B 29 37.19 3.70 25.95
N TRP B 30 36.08 4.39 26.25
CA TRP B 30 35.93 4.97 27.57
C TRP B 30 36.02 3.91 28.66
N CYS B 31 35.41 2.75 28.43
CA CYS B 31 35.49 1.65 29.39
C CYS B 31 36.90 1.23 29.64
N TYR B 32 37.67 1.06 28.60
CA TYR B 32 39.10 0.75 28.75
C TYR B 32 39.96 1.86 29.29
N THR B 33 39.70 3.11 29.01
CA THR B 33 40.61 4.20 29.38
C THR B 33 39.97 5.55 29.91
N GLY B 34 38.67 5.62 30.10
CA GLY B 34 37.95 6.78 30.53
C GLY B 34 38.18 7.27 31.93
N SER B 48 43.76 4.90 38.05
CA SER B 48 43.50 4.38 36.70
C SER B 48 42.90 2.93 36.79
N TYR B 49 41.85 2.62 36.05
CA TYR B 49 41.34 1.22 35.96
C TYR B 49 40.64 0.96 34.60
N SER B 50 40.55 -0.27 34.17
CA SER B 50 39.94 -0.62 32.95
C SER B 50 38.76 -1.55 33.12
N LEU B 51 37.64 -1.18 32.54
CA LEU B 51 36.47 -2.03 32.58
C LEU B 51 36.46 -2.80 31.27
N ASP B 52 37.25 -3.84 31.19
CA ASP B 52 37.47 -4.58 29.95
C ASP B 52 36.30 -5.47 29.59
N GLY B 53 35.49 -5.86 30.56
CA GLY B 53 34.28 -6.62 30.25
C GLY B 53 33.28 -5.78 29.49
N CYS B 54 33.01 -4.61 30.01
CA CYS B 54 32.14 -3.68 29.34
C CYS B 54 32.77 -3.20 28.03
N GLY B 55 34.05 -2.94 28.04
CA GLY B 55 34.77 -2.54 26.85
C GLY B 55 34.64 -3.54 25.70
N THR B 56 34.81 -4.83 26.02
CA THR B 56 34.66 -5.87 25.03
C THR B 56 33.24 -6.02 24.53
N PHE B 57 32.30 -5.98 25.44
CA PHE B 57 30.91 -6.06 25.09
C PHE B 57 30.52 -4.92 24.11
N LEU B 58 30.91 -3.69 24.44
CA LEU B 58 30.54 -2.57 23.60
C LEU B 58 31.23 -2.58 22.24
N PHE B 59 32.47 -3.01 22.20
CA PHE B 59 33.19 -3.22 20.93
C PHE B 59 32.47 -4.20 20.07
N ASP B 60 32.10 -5.34 20.64
CA ASP B 60 31.38 -6.34 19.87
C ASP B 60 30.05 -5.84 19.40
N HIS B 61 29.35 -5.06 20.24
CA HIS B 61 28.09 -4.52 19.82
C HIS B 61 28.31 -3.48 18.70
N ALA B 62 29.33 -2.66 18.80
CA ALA B 62 29.66 -1.76 17.68
C ALA B 62 29.88 -2.47 16.38
N ALA B 63 30.63 -3.57 16.40
CA ALA B 63 30.89 -4.33 15.19
C ALA B 63 29.61 -4.89 14.62
N GLU B 64 28.71 -5.34 15.46
CA GLU B 64 27.43 -5.85 14.99
C GLU B 64 26.55 -4.75 14.39
N GLU B 65 26.58 -3.54 14.91
CA GLU B 65 25.84 -2.44 14.30
C GLU B 65 26.39 -2.16 12.90
N TYR B 66 27.70 -2.24 12.72
CA TYR B 66 28.24 -2.08 11.39
C TYR B 66 27.80 -3.20 10.47
N GLU B 67 27.69 -4.41 10.96
CA GLU B 67 27.11 -5.52 10.17
C GLU B 67 25.67 -5.21 9.75
N HIS B 68 24.87 -4.55 10.57
CA HIS B 68 23.53 -4.11 10.20
C HIS B 68 23.61 -3.11 9.05
N ALA B 69 24.51 -2.15 9.12
CA ALA B 69 24.72 -1.23 8.04
C ALA B 69 25.08 -1.96 6.72
N LYS B 70 25.97 -2.91 6.80
CA LYS B 70 26.36 -3.70 5.66
C LYS B 70 25.22 -4.48 5.03
N LYS B 71 24.37 -5.09 5.83
CA LYS B 71 23.24 -5.83 5.34
C LYS B 71 22.27 -4.95 4.63
N LEU B 72 22.04 -3.75 5.13
CA LEU B 72 21.24 -2.79 4.43
C LEU B 72 21.83 -2.33 3.08
N ILE B 73 23.15 -2.12 3.04
CA ILE B 73 23.84 -1.76 1.82
C ILE B 73 23.69 -2.91 0.78
N VAL B 74 23.86 -4.13 1.19
CA VAL B 74 23.67 -5.28 0.30
C VAL B 74 22.27 -5.27 -0.31
N PHE B 75 21.28 -5.03 0.50
CA PHE B 75 19.91 -4.94 0.03
C PHE B 75 19.72 -3.82 -0.99
N LEU B 76 20.26 -2.66 -0.73
CA LEU B 76 20.22 -1.57 -1.69
C LEU B 76 20.94 -1.92 -3.01
N ASN B 77 22.14 -2.44 -2.93
CA ASN B 77 22.92 -2.84 -4.12
C ASN B 77 22.12 -3.88 -4.95
N GLU B 78 21.58 -4.88 -4.25
CA GLU B 78 20.85 -5.98 -4.93
C GLU B 78 19.57 -5.50 -5.54
N ASN B 79 18.94 -4.45 -5.00
CA ASN B 79 17.77 -3.87 -5.56
C ASN B 79 18.02 -2.73 -6.53
N ASN B 80 19.27 -2.55 -6.92
CA ASN B 80 19.62 -1.51 -7.86
C ASN B 80 19.32 -0.08 -7.41
N VAL B 81 19.46 0.22 -6.14
CA VAL B 81 19.21 1.55 -5.62
C VAL B 81 20.58 2.14 -5.20
N PRO B 82 20.88 3.35 -5.55
CA PRO B 82 22.16 3.96 -5.13
C PRO B 82 22.16 4.16 -3.58
N VAL B 83 23.30 3.88 -3.00
CA VAL B 83 23.51 4.07 -1.58
C VAL B 83 24.07 5.50 -1.50
N GLN B 84 23.58 6.31 -0.60
CA GLN B 84 24.05 7.68 -0.42
C GLN B 84 24.64 7.77 0.98
N LEU B 85 25.92 7.58 1.11
CA LEU B 85 26.60 7.67 2.35
C LEU B 85 26.89 9.15 2.59
N THR B 86 26.58 9.59 3.81
CA THR B 86 26.83 10.97 4.20
C THR B 86 28.03 10.92 5.11
N SER B 87 28.50 12.08 5.56
CA SER B 87 29.50 12.14 6.53
C SER B 87 28.98 11.52 7.85
N ILE B 88 29.80 10.81 8.59
CA ILE B 88 29.39 10.10 9.77
C ILE B 88 29.98 10.94 10.91
N SER B 89 29.11 11.36 11.81
CA SER B 89 29.47 12.25 12.91
C SER B 89 30.53 11.63 13.82
N ALA B 90 31.44 12.48 14.31
CA ALA B 90 32.28 12.13 15.41
C ALA B 90 31.36 11.84 16.60
N PRO B 91 31.62 10.76 17.34
CA PRO B 91 30.75 10.44 18.47
C PRO B 91 31.15 11.28 19.68
N GLU B 92 30.27 11.34 20.66
CA GLU B 92 30.67 11.75 22.01
C GLU B 92 31.81 10.89 22.56
N HIS B 93 32.74 11.52 23.22
CA HIS B 93 33.88 10.86 23.82
C HIS B 93 33.97 10.97 25.37
N LYS B 94 33.19 11.85 26.01
CA LYS B 94 33.25 12.02 27.47
C LYS B 94 32.04 11.45 28.09
N PHE B 95 32.21 10.60 29.09
CA PHE B 95 31.04 10.05 29.75
C PHE B 95 31.26 10.16 31.27
N GLU B 96 30.19 10.16 32.01
CA GLU B 96 30.27 10.45 33.45
C GLU B 96 30.52 9.20 34.24
N GLY B 97 30.12 8.02 33.77
CA GLY B 97 30.31 6.84 34.60
C GLY B 97 29.65 5.65 33.95
N LEU B 98 29.78 4.46 34.58
CA LEU B 98 29.33 3.25 33.94
C LEU B 98 27.80 3.21 33.81
N THR B 99 27.08 3.59 34.85
CA THR B 99 25.65 3.69 34.77
C THR B 99 25.20 4.61 33.68
N GLN B 100 25.82 5.77 33.61
CA GLN B 100 25.40 6.74 32.63
C GLN B 100 25.65 6.29 31.20
N ILE B 101 26.76 5.62 30.97
CA ILE B 101 27.05 5.13 29.64
C ILE B 101 26.00 4.09 29.22
N PHE B 102 25.63 3.16 30.09
CA PHE B 102 24.62 2.20 29.72
C PHE B 102 23.21 2.79 29.64
N GLN B 103 22.95 3.84 30.41
CA GLN B 103 21.69 4.58 30.29
C GLN B 103 21.62 5.25 28.89
N LYS B 104 22.71 5.89 28.45
CA LYS B 104 22.73 6.49 27.14
C LYS B 104 22.59 5.45 26.05
N ALA B 105 23.30 4.35 26.21
CA ALA B 105 23.24 3.26 25.23
C ALA B 105 21.83 2.71 25.09
N TYR B 106 21.20 2.45 26.21
CA TYR B 106 19.84 1.95 26.17
C TYR B 106 18.86 2.92 25.50
N GLU B 107 18.95 4.19 25.87
CA GLU B 107 18.12 5.20 25.20
C GLU B 107 18.39 5.27 23.70
N HIS B 108 19.66 5.16 23.37
CA HIS B 108 20.01 5.16 21.97
C HIS B 108 19.42 3.94 21.22
N GLU B 109 19.49 2.75 21.81
CA GLU B 109 18.83 1.61 21.23
C GLU B 109 17.33 1.78 21.06
N GLN B 110 16.67 2.39 22.04
CA GLN B 110 15.25 2.67 21.89
C GLN B 110 15.00 3.60 20.68
N HIS B 111 15.83 4.61 20.50
CA HIS B 111 15.72 5.47 19.32
C HIS B 111 15.91 4.70 17.99
N ILE B 112 16.89 3.81 17.95
CA ILE B 112 17.11 3.00 16.74
C ILE B 112 15.85 2.10 16.49
N SER B 113 15.31 1.49 17.54
CA SER B 113 14.06 0.71 17.39
C SER B 113 12.95 1.52 16.78
N GLU B 114 12.79 2.73 17.25
CA GLU B 114 11.75 3.65 16.75
C GLU B 114 11.99 3.98 15.28
N SER B 115 13.25 4.23 14.90
CA SER B 115 13.54 4.55 13.53
C SER B 115 13.24 3.38 12.59
N ILE B 116 13.50 2.15 13.02
CA ILE B 116 13.15 0.99 12.24
C ILE B 116 11.62 0.82 12.16
N ASN B 117 10.91 1.01 13.25
CA ASN B 117 9.47 0.98 13.20
C ASN B 117 8.89 1.97 12.20
N ASN B 118 9.48 3.15 12.09
CA ASN B 118 9.05 4.12 11.14
C ASN B 118 9.19 3.60 9.68
N ILE B 119 10.29 2.92 9.38
CA ILE B 119 10.46 2.39 8.04
C ILE B 119 9.42 1.33 7.78
N VAL B 120 9.20 0.46 8.73
CA VAL B 120 8.30 -0.66 8.57
C VAL B 120 6.88 -0.16 8.35
N ASP B 121 6.55 0.87 9.10
CA ASP B 121 5.28 1.51 8.95
C ASP B 121 5.09 2.09 7.57
N HIS B 122 6.10 2.76 7.05
CA HIS B 122 6.02 3.29 5.71
C HIS B 122 5.92 2.15 4.65
N ALA B 123 6.60 1.03 4.83
CA ALA B 123 6.50 -0.08 3.92
C ALA B 123 5.03 -0.59 3.85
N ILE B 124 4.38 -0.71 5.00
CA ILE B 124 2.95 -1.09 5.03
C ILE B 124 2.08 -0.09 4.24
N LYS B 125 2.27 1.18 4.51
CA LYS B 125 1.51 2.20 3.84
C LYS B 125 1.72 2.25 2.35
N SER B 126 2.91 2.03 1.87
CA SER B 126 3.14 2.08 0.47
C SER B 126 3.02 0.73 -0.17
N LYS B 127 2.52 -0.30 0.53
CA LYS B 127 2.42 -1.63 -0.03
C LYS B 127 3.71 -2.23 -0.52
N ASP B 128 4.84 -1.85 0.10
CA ASP B 128 6.09 -2.46 -0.21
C ASP B 128 6.36 -3.67 0.64
N HIS B 129 5.73 -4.78 0.29
CA HIS B 129 5.81 -5.95 1.15
C HIS B 129 7.08 -6.72 1.07
N ALA B 130 7.80 -6.60 0.00
CA ALA B 130 9.09 -7.20 -0.06
C ALA B 130 10.02 -6.56 0.92
N THR B 131 9.94 -5.25 0.99
CA THR B 131 10.78 -4.54 1.97
C THR B 131 10.33 -4.80 3.43
N PHE B 132 9.04 -4.82 3.67
CA PHE B 132 8.48 -5.24 4.98
C PHE B 132 9.07 -6.56 5.40
N ASN B 133 9.01 -7.53 4.50
CA ASN B 133 9.53 -8.88 4.77
C ASN B 133 11.03 -8.88 5.06
N PHE B 134 11.77 -8.12 4.28
CA PHE B 134 13.21 -8.01 4.52
C PHE B 134 13.56 -7.43 5.85
N LEU B 135 12.86 -6.41 6.28
CA LEU B 135 13.13 -5.75 7.49
C LEU B 135 12.81 -6.57 8.79
N GLN B 136 12.18 -7.72 8.70
CA GLN B 136 11.77 -8.45 9.89
C GLN B 136 12.94 -8.93 10.69
N TRP B 137 14.02 -9.26 10.03
CA TRP B 137 15.19 -9.68 10.71
C TRP B 137 15.70 -8.53 11.58
N TYR B 138 15.66 -7.35 11.05
CA TYR B 138 16.11 -6.15 11.69
C TYR B 138 15.23 -5.77 12.89
N VAL B 139 13.94 -5.83 12.72
CA VAL B 139 13.00 -5.60 13.83
C VAL B 139 13.28 -6.57 14.99
N SER B 140 13.47 -7.82 14.68
CA SER B 140 13.68 -8.86 15.65
C SER B 140 15.04 -8.70 16.35
N GLU B 141 16.12 -8.52 15.59
CA GLU B 141 17.44 -8.34 16.18
C GLU B 141 17.50 -7.08 17.01
N GLN B 142 16.88 -6.01 16.55
CA GLN B 142 16.91 -4.80 17.27
C GLN B 142 16.22 -4.89 18.58
N HIS B 143 15.10 -5.59 18.59
CA HIS B 143 14.41 -5.79 19.83
C HIS B 143 15.22 -6.56 20.85
N GLU B 144 15.88 -7.60 20.43
CA GLU B 144 16.78 -8.39 21.28
C GLU B 144 17.92 -7.51 21.82
N GLU B 145 18.44 -6.61 21.00
CA GLU B 145 19.47 -5.67 21.46
C GLU B 145 18.99 -4.72 22.51
N GLU B 146 17.84 -4.16 22.28
CA GLU B 146 17.24 -3.22 23.23
C GLU B 146 16.99 -3.87 24.55
N VAL B 147 16.42 -5.05 24.54
CA VAL B 147 16.22 -5.82 25.75
C VAL B 147 17.52 -6.19 26.48
N LEU B 148 18.53 -6.58 25.73
CA LEU B 148 19.84 -6.89 26.31
C LEU B 148 20.41 -5.66 27.04
N PHE B 149 20.34 -4.47 26.43
CA PHE B 149 20.81 -3.28 27.09
C PHE B 149 20.03 -2.92 28.34
N LYS B 150 18.72 -3.11 28.31
CA LYS B 150 17.89 -2.92 29.48
C LYS B 150 18.30 -3.89 30.58
N ASP B 151 18.57 -5.17 30.26
CA ASP B 151 19.01 -6.16 31.25
C ASP B 151 20.34 -5.78 31.88
N ILE B 152 21.27 -5.32 31.09
CA ILE B 152 22.56 -4.97 31.63
C ILE B 152 22.44 -3.73 32.53
N LEU B 153 21.72 -2.72 32.05
CA LEU B 153 21.50 -1.52 32.82
C LEU B 153 20.89 -1.81 34.15
N ASP B 154 19.86 -2.65 34.16
CA ASP B 154 19.24 -3.04 35.41
C ASP B 154 20.16 -3.81 36.33
N LYS B 155 20.96 -4.69 35.80
CA LYS B 155 21.96 -5.40 36.61
C LYS B 155 22.99 -4.47 37.24
N ILE B 156 23.47 -3.48 36.49
CA ILE B 156 24.39 -2.47 36.99
C ILE B 156 23.74 -1.75 38.16
N GLU B 157 22.45 -1.43 38.06
CA GLU B 157 21.72 -0.77 39.15
C GLU B 157 21.48 -1.71 40.34
N LEU B 158 21.17 -2.96 40.12
CA LEU B 158 21.09 -3.92 41.19
C LEU B 158 22.39 -4.13 41.97
N ILE B 159 23.52 -4.17 41.30
CA ILE B 159 24.80 -4.44 41.92
C ILE B 159 25.22 -3.19 42.72
N GLY B 160 25.09 -2.01 42.14
CA GLY B 160 25.50 -0.81 42.83
C GLY B 160 26.98 -0.55 42.63
N ASN B 161 27.46 0.61 43.10
CA ASN B 161 28.92 0.86 42.96
C ASN B 161 29.65 1.04 44.30
N GLU B 162 29.06 0.70 45.41
CA GLU B 162 29.87 0.72 46.62
C GLU B 162 30.83 -0.47 46.58
N ASN B 163 31.97 -0.33 47.25
CA ASN B 163 32.98 -1.36 47.30
C ASN B 163 33.43 -1.90 45.90
N HIS B 164 33.33 -3.19 45.65
CA HIS B 164 33.75 -3.75 44.39
C HIS B 164 32.62 -3.94 43.40
N GLY B 165 31.58 -3.14 43.55
CA GLY B 165 30.44 -3.18 42.68
C GLY B 165 30.79 -3.05 41.19
N LEU B 166 31.65 -2.10 40.85
CA LEU B 166 32.06 -1.92 39.47
C LEU B 166 32.74 -3.14 38.91
N TYR B 167 33.62 -3.75 39.71
CA TYR B 167 34.25 -5.01 39.32
C TYR B 167 33.20 -6.08 39.08
N LEU B 168 32.25 -6.25 39.99
CA LEU B 168 31.23 -7.26 39.78
C LEU B 168 30.40 -7.01 38.51
N ALA B 169 30.05 -5.77 38.27
CA ALA B 169 29.31 -5.43 37.09
C ALA B 169 30.10 -5.72 35.83
N ASP B 170 31.36 -5.36 35.83
CA ASP B 170 32.25 -5.62 34.70
C ASP B 170 32.40 -7.08 34.39
N GLN B 171 32.53 -7.92 35.44
CA GLN B 171 32.61 -9.36 35.26
C GLN B 171 31.30 -9.93 34.74
N TYR B 172 30.16 -9.40 35.22
CA TYR B 172 28.89 -9.83 34.68
C TYR B 172 28.78 -9.58 33.16
N VAL B 173 29.12 -8.38 32.77
CA VAL B 173 29.09 -7.98 31.33
C VAL B 173 30.09 -8.79 30.51
N LYS B 174 31.28 -9.02 31.06
CA LYS B 174 32.29 -9.87 30.41
C LYS B 174 31.68 -11.22 30.07
N GLY B 175 30.95 -11.80 31.01
CA GLY B 175 30.25 -13.09 30.81
C GLY B 175 29.22 -13.04 29.70
N ILE B 176 28.46 -11.97 29.62
CA ILE B 176 27.51 -11.80 28.56
C ILE B 176 28.28 -11.73 27.22
N ALA B 177 29.32 -10.91 27.15
CA ALA B 177 30.04 -10.79 25.90
C ALA B 177 30.56 -12.15 25.40
N LYS B 178 31.11 -12.90 26.30
CA LYS B 178 31.67 -14.21 25.99
C LYS B 178 30.57 -15.20 25.52
N SER B 179 29.42 -15.21 26.17
CA SER B 179 28.42 -16.15 25.77
C SER B 179 27.77 -15.76 24.46
N ARG B 180 27.71 -14.48 24.09
CA ARG B 180 27.18 -14.12 22.79
C ARG B 180 28.12 -14.38 21.62
N LYS B 181 29.41 -14.62 21.81
CA LYS B 181 30.31 -14.83 20.63
C LYS B 181 30.24 -16.22 20.00
N MET C 1 55.07 -28.79 62.09
CA MET C 1 55.35 -28.45 60.66
C MET C 1 56.83 -28.58 60.51
N LEU C 2 57.42 -27.90 59.56
CA LEU C 2 58.83 -28.20 59.29
C LEU C 2 59.68 -27.61 60.39
N SER C 3 60.69 -28.30 60.83
CA SER C 3 61.64 -27.76 61.77
C SER C 3 62.49 -26.60 61.18
N LYS C 4 63.08 -25.83 62.06
CA LYS C 4 63.90 -24.70 61.70
C LYS C 4 65.11 -25.20 60.89
N ASP C 5 65.74 -26.28 61.36
CA ASP C 5 66.87 -26.82 60.65
C ASP C 5 66.55 -27.31 59.24
N ILE C 6 65.45 -28.00 59.07
CA ILE C 6 65.02 -28.53 57.79
C ILE C 6 64.70 -27.34 56.85
N ILE C 7 64.04 -26.31 57.36
CA ILE C 7 63.78 -25.13 56.56
C ILE C 7 65.06 -24.50 56.05
N LYS C 8 66.04 -24.35 56.92
CA LYS C 8 67.30 -23.80 56.50
C LYS C 8 67.99 -24.66 55.45
N LEU C 9 68.02 -26.00 55.66
CA LEU C 9 68.66 -26.90 54.69
C LEU C 9 67.96 -26.89 53.34
N LEU C 10 66.62 -26.86 53.33
CA LEU C 10 65.87 -26.79 52.10
C LEU C 10 66.13 -25.50 51.34
N ASN C 11 66.17 -24.36 52.03
CA ASN C 11 66.51 -23.10 51.40
C ASN C 11 67.90 -23.12 50.84
N GLU C 12 68.84 -23.65 51.60
CA GLU C 12 70.20 -23.78 51.06
C GLU C 12 70.21 -24.66 49.81
N GLN C 13 69.43 -25.73 49.78
CA GLN C 13 69.37 -26.59 48.62
C GLN C 13 68.79 -25.89 47.37
N VAL C 14 67.78 -25.04 47.55
CA VAL C 14 67.25 -24.22 46.44
C VAL C 14 68.40 -23.42 45.84
N ASN C 15 69.15 -22.74 46.69
CA ASN C 15 70.30 -21.96 46.23
C ASN C 15 71.39 -22.76 45.58
N LYS C 16 71.65 -23.95 46.09
CA LYS C 16 72.62 -24.85 45.47
C LYS C 16 72.15 -25.27 44.07
N GLU C 17 70.88 -25.57 43.90
CA GLU C 17 70.38 -25.94 42.61
C GLU C 17 70.46 -24.77 41.60
N MET C 18 70.21 -23.55 42.06
CA MET C 18 70.33 -22.41 41.15
C MET C 18 71.79 -22.21 40.78
N ASN C 19 72.69 -22.36 41.74
CA ASN C 19 74.12 -22.29 41.48
C ASN C 19 74.55 -23.37 40.46
N SER C 20 74.05 -24.60 40.61
CA SER C 20 74.35 -25.65 39.64
C SER C 20 73.87 -25.34 38.27
N SER C 21 72.67 -24.82 38.15
CA SER C 21 72.16 -24.40 36.87
C SER C 21 73.14 -23.42 36.19
N ASN C 22 73.60 -22.44 36.92
CA ASN C 22 74.54 -21.47 36.34
C ASN C 22 75.86 -22.08 35.96
N LEU C 23 76.36 -22.97 36.80
CA LEU C 23 77.61 -23.63 36.52
C LEU C 23 77.51 -24.44 35.23
N TYR C 24 76.41 -25.20 35.08
CA TYR C 24 76.26 -26.02 33.87
C TYR C 24 76.03 -25.18 32.63
N MET C 25 75.40 -24.01 32.74
CA MET C 25 75.32 -23.14 31.60
C MET C 25 76.68 -22.63 31.20
N SER C 26 77.52 -22.31 32.16
CA SER C 26 78.87 -21.85 31.86
C SER C 26 79.71 -22.96 31.20
N MET C 27 79.58 -24.19 31.71
CA MET C 27 80.25 -25.34 31.11
C MET C 27 79.78 -25.56 29.70
N SER C 28 78.47 -25.42 29.49
CA SER C 28 77.90 -25.56 28.16
C SER C 28 78.52 -24.59 27.20
N SER C 29 78.61 -23.33 27.62
CA SER C 29 79.19 -22.32 26.80
C SER C 29 80.68 -22.61 26.50
N TRP C 30 81.43 -23.09 27.46
CA TRP C 30 82.82 -23.49 27.21
C TRP C 30 82.88 -24.55 26.11
N CYS C 31 81.97 -25.49 26.12
CA CYS C 31 81.92 -26.53 25.08
C CYS C 31 81.75 -25.93 23.71
N TYR C 32 80.84 -25.00 23.60
CA TYR C 32 80.66 -24.28 22.32
C TYR C 32 81.75 -23.34 21.96
N THR C 33 82.39 -22.65 22.86
CA THR C 33 83.34 -21.58 22.54
C THR C 33 84.66 -21.48 23.40
N GLY C 34 84.94 -22.44 24.26
CA GLY C 34 86.11 -22.51 25.09
C GLY C 34 87.42 -22.71 24.44
N TYR C 49 87.72 -25.32 19.55
CA TYR C 49 86.74 -26.35 19.14
C TYR C 49 85.24 -26.26 19.59
N SER C 50 84.26 -26.34 18.67
CA SER C 50 82.88 -26.48 19.02
C SER C 50 82.37 -27.93 19.35
N LEU C 51 82.15 -28.22 20.62
CA LEU C 51 81.68 -29.53 21.06
C LEU C 51 80.21 -29.38 21.35
N ASP C 52 79.38 -29.41 20.32
CA ASP C 52 77.97 -29.14 20.47
C ASP C 52 77.20 -30.25 21.10
N GLY C 53 77.69 -31.47 21.03
CA GLY C 53 77.02 -32.58 21.70
C GLY C 53 77.12 -32.41 23.23
N CYS C 54 78.35 -32.16 23.70
CA CYS C 54 78.54 -31.91 25.09
C CYS C 54 77.83 -30.61 25.54
N GLY C 55 77.93 -29.59 24.69
CA GLY C 55 77.28 -28.32 24.97
C GLY C 55 75.78 -28.46 25.15
N THR C 56 75.11 -29.23 24.27
CA THR C 56 73.69 -29.45 24.38
C THR C 56 73.33 -30.26 25.62
N PHE C 57 74.10 -31.30 25.90
CA PHE C 57 73.87 -32.09 27.05
C PHE C 57 73.97 -31.25 28.34
N LEU C 58 75.00 -30.44 28.46
CA LEU C 58 75.17 -29.66 29.66
C LEU C 58 74.11 -28.57 29.82
N PHE C 59 73.71 -27.94 28.72
CA PHE C 59 72.59 -27.01 28.71
C PHE C 59 71.33 -27.66 29.25
N ASP C 60 71.03 -28.83 28.71
CA ASP C 60 69.84 -29.53 29.16
C ASP C 60 69.93 -29.93 30.62
N HIS C 61 71.11 -30.31 31.08
CA HIS C 61 71.27 -30.64 32.46
C HIS C 61 71.12 -29.40 33.33
N ALA C 62 71.64 -28.27 32.90
CA ALA C 62 71.41 -27.00 33.61
C ALA C 62 69.91 -26.71 33.80
N ALA C 63 69.15 -26.89 32.75
CA ALA C 63 67.71 -26.64 32.80
C ALA C 63 67.02 -27.59 33.75
N GLU C 64 67.46 -28.83 33.80
CA GLU C 64 66.94 -29.82 34.73
C GLU C 64 67.21 -29.44 36.19
N GLU C 65 68.38 -28.90 36.47
CA GLU C 65 68.70 -28.45 37.82
C GLU C 65 67.78 -27.32 38.22
N TYR C 66 67.47 -26.42 37.32
CA TYR C 66 66.52 -25.37 37.61
C TYR C 66 65.13 -25.95 37.87
N GLU C 67 64.72 -26.99 37.16
CA GLU C 67 63.49 -27.69 37.46
C GLU C 67 63.47 -28.25 38.90
N HIS C 68 64.61 -28.75 39.38
CA HIS C 68 64.72 -29.20 40.76
C HIS C 68 64.52 -28.06 41.72
N ALA C 69 65.14 -26.90 41.46
CA ALA C 69 64.94 -25.74 42.28
C ALA C 69 63.46 -25.35 42.32
N LYS C 70 62.78 -25.36 41.18
CA LYS C 70 61.38 -25.04 41.12
C LYS C 70 60.50 -25.95 41.97
N LYS C 71 60.76 -27.27 41.91
CA LYS C 71 60.02 -28.21 42.66
C LYS C 71 60.20 -28.03 44.14
N LEU C 72 61.39 -27.71 44.58
CA LEU C 72 61.62 -27.38 45.97
C LEU C 72 60.91 -26.10 46.42
N ILE C 73 60.89 -25.08 45.57
CA ILE C 73 60.20 -23.84 45.87
C ILE C 73 58.68 -24.12 46.01
N VAL C 74 58.12 -24.91 45.12
CA VAL C 74 56.69 -25.29 45.24
C VAL C 74 56.39 -25.91 46.59
N PHE C 75 57.24 -26.83 47.01
CA PHE C 75 57.10 -27.48 48.29
C PHE C 75 57.15 -26.48 49.44
N LEU C 76 58.11 -25.56 49.42
CA LEU C 76 58.18 -24.56 50.45
C LEU C 76 56.92 -23.65 50.44
N ASN C 77 56.50 -23.16 49.28
CA ASN C 77 55.33 -22.30 49.18
C ASN C 77 54.08 -23.04 49.73
N GLU C 78 53.91 -24.28 49.33
CA GLU C 78 52.74 -25.08 49.73
C GLU C 78 52.74 -25.40 51.20
N ASN C 79 53.90 -25.48 51.83
CA ASN C 79 54.01 -25.67 53.25
C ASN C 79 54.11 -24.40 54.06
N ASN C 80 53.89 -23.29 53.39
CA ASN C 80 53.92 -21.99 54.03
C ASN C 80 55.25 -21.59 54.67
N VAL C 81 56.35 -21.95 54.08
CA VAL C 81 57.68 -21.63 54.57
C VAL C 81 58.28 -20.59 53.62
N PRO C 82 58.85 -19.51 54.12
CA PRO C 82 59.47 -18.51 53.25
C PRO C 82 60.68 -19.07 52.47
N VAL C 83 60.76 -18.72 51.20
CA VAL C 83 61.88 -19.05 50.37
C VAL C 83 62.88 -17.91 50.53
N GLN C 84 64.14 -18.20 50.80
CA GLN C 84 65.16 -17.16 50.92
C GLN C 84 66.21 -17.36 49.87
N LEU C 85 66.08 -16.68 48.77
CA LEU C 85 67.07 -16.75 47.72
C LEU C 85 68.24 -15.82 48.06
N THR C 86 69.44 -16.31 47.97
CA THR C 86 70.61 -15.54 48.41
C THR C 86 71.38 -15.13 47.20
N SER C 87 72.42 -14.34 47.45
CA SER C 87 73.34 -14.00 46.37
C SER C 87 74.11 -15.24 46.00
N ILE C 88 74.48 -15.41 44.80
CA ILE C 88 75.40 -16.56 44.37
C ILE C 88 76.60 -16.00 43.67
N SER C 89 77.86 -16.45 43.89
CA SER C 89 78.95 -16.14 43.03
C SER C 89 78.71 -16.53 41.55
N ALA C 90 79.28 -15.76 40.64
CA ALA C 90 79.46 -16.12 39.29
C ALA C 90 80.11 -17.50 39.19
N PRO C 91 79.68 -18.36 38.34
CA PRO C 91 80.34 -19.65 38.12
C PRO C 91 81.69 -19.50 37.46
N GLU C 92 82.53 -20.50 37.64
CA GLU C 92 83.76 -20.61 36.88
C GLU C 92 83.46 -20.67 35.39
N HIS C 93 84.26 -19.98 34.60
CA HIS C 93 84.08 -19.92 33.18
C HIS C 93 85.24 -20.47 32.32
N LYS C 94 86.40 -20.69 32.93
CA LYS C 94 87.58 -21.20 32.19
C LYS C 94 87.84 -22.60 32.64
N PHE C 95 88.04 -23.49 31.71
CA PHE C 95 88.30 -24.86 32.02
C PHE C 95 89.44 -25.38 31.13
N GLU C 96 90.07 -26.43 31.57
CA GLU C 96 91.33 -26.88 30.96
C GLU C 96 91.06 -27.80 29.80
N GLY C 97 89.95 -28.52 29.76
CA GLY C 97 89.72 -29.46 28.69
C GLY C 97 88.48 -30.26 28.98
N LEU C 98 88.12 -31.17 28.03
CA LEU C 98 86.86 -31.85 28.11
C LEU C 98 86.84 -32.83 29.31
N THR C 99 87.91 -33.58 29.51
CA THR C 99 88.01 -34.42 30.66
C THR C 99 87.85 -33.68 31.94
N GLN C 100 88.54 -32.57 32.04
CA GLN C 100 88.54 -31.81 33.30
C GLN C 100 87.15 -31.24 33.60
N ILE C 101 86.45 -30.78 32.58
CA ILE C 101 85.14 -30.26 32.77
C ILE C 101 84.19 -31.35 33.29
N PHE C 102 84.23 -32.56 32.70
CA PHE C 102 83.37 -33.62 33.19
C PHE C 102 83.81 -34.17 34.55
N GLN C 103 85.11 -34.10 34.85
CA GLN C 103 85.58 -34.47 36.17
C GLN C 103 85.03 -33.46 37.22
N LYS C 104 85.07 -32.17 36.94
CA LYS C 104 84.50 -31.18 37.83
C LYS C 104 83.01 -31.35 38.00
N ALA C 105 82.34 -31.59 36.89
CA ALA C 105 80.88 -31.83 36.93
C ALA C 105 80.53 -33.02 37.78
N TYR C 106 81.23 -34.11 37.58
CA TYR C 106 80.99 -35.30 38.39
C TYR C 106 81.23 -35.06 39.86
N GLU C 107 82.33 -34.43 40.20
CA GLU C 107 82.58 -34.08 41.60
C GLU C 107 81.49 -33.18 42.18
N HIS C 108 81.04 -32.24 41.37
CA HIS C 108 79.95 -31.40 41.79
C HIS C 108 78.66 -32.21 42.04
N GLU C 109 78.32 -33.14 41.16
CA GLU C 109 77.18 -33.99 41.37
C GLU C 109 77.30 -34.84 42.64
N GLN C 110 78.51 -35.34 42.94
CA GLN C 110 78.70 -36.07 44.19
C GLN C 110 78.43 -35.16 45.38
N HIS C 111 78.88 -33.89 45.33
CA HIS C 111 78.60 -32.95 46.40
C HIS C 111 77.07 -32.71 46.57
N ILE C 112 76.36 -32.55 45.47
CA ILE C 112 74.91 -32.34 45.54
C ILE C 112 74.23 -33.61 46.16
N SER C 113 74.66 -34.79 45.73
CA SER C 113 74.14 -36.05 46.35
C SER C 113 74.31 -36.06 47.84
N GLU C 114 75.49 -35.67 48.29
CA GLU C 114 75.80 -35.64 49.73
C GLU C 114 74.91 -34.63 50.44
N SER C 115 74.70 -33.45 49.84
CA SER C 115 73.87 -32.46 50.47
C SER C 115 72.42 -32.92 50.61
N ILE C 116 71.89 -33.65 49.63
CA ILE C 116 70.57 -34.19 49.73
C ILE C 116 70.52 -35.30 50.82
N ASN C 117 71.50 -36.17 50.86
CA ASN C 117 71.54 -37.15 51.90
C ASN C 117 71.51 -36.53 53.31
N ASN C 118 72.19 -35.40 53.49
CA ASN C 118 72.16 -34.72 54.73
C ASN C 118 70.74 -34.23 55.12
N ILE C 119 69.98 -33.74 54.14
CA ILE C 119 68.63 -33.30 54.42
C ILE C 119 67.78 -34.49 54.84
N VAL C 120 67.91 -35.58 54.12
CA VAL C 120 67.09 -36.74 54.36
C VAL C 120 67.39 -37.32 55.76
N ASP C 121 68.66 -37.29 56.10
CA ASP C 121 69.06 -37.70 57.39
C ASP C 121 68.49 -36.84 58.50
N HIS C 122 68.46 -35.54 58.32
CA HIS C 122 67.83 -34.66 59.28
C HIS C 122 66.30 -34.89 59.36
N ALA C 123 65.64 -35.18 58.25
CA ALA C 123 64.22 -35.46 58.27
C ALA C 123 63.94 -36.73 59.13
N ILE C 124 64.76 -37.74 58.99
CA ILE C 124 64.65 -38.95 59.86
C ILE C 124 64.81 -38.61 61.32
N LYS C 125 65.84 -37.86 61.66
CA LYS C 125 66.10 -37.48 63.04
C LYS C 125 65.03 -36.66 63.64
N SER C 126 64.41 -35.76 62.92
CA SER C 126 63.39 -34.97 63.46
C SER C 126 62.02 -35.57 63.26
N LYS C 127 61.91 -36.81 62.80
CA LYS C 127 60.65 -37.47 62.55
C LYS C 127 59.76 -36.75 61.60
N ASP C 128 60.33 -36.01 60.63
CA ASP C 128 59.56 -35.33 59.68
C ASP C 128 59.39 -36.23 58.45
N HIS C 129 58.42 -37.15 58.55
CA HIS C 129 58.25 -38.11 57.51
C HIS C 129 57.56 -37.65 56.29
N ALA C 130 56.79 -36.56 56.41
CA ALA C 130 56.24 -36.00 55.21
C ALA C 130 57.33 -35.46 54.33
N THR C 131 58.30 -34.81 54.94
CA THR C 131 59.42 -34.26 54.18
C THR C 131 60.33 -35.40 53.60
N PHE C 132 60.60 -36.42 54.42
CA PHE C 132 61.31 -37.62 53.94
C PHE C 132 60.65 -38.17 52.68
N ASN C 133 59.33 -38.34 52.76
CA ASN C 133 58.56 -38.88 51.64
C ASN C 133 58.63 -37.99 50.40
N PHE C 134 58.50 -36.69 50.62
CA PHE C 134 58.64 -35.77 49.51
C PHE C 134 59.97 -35.85 48.78
N LEU C 135 61.04 -35.93 49.54
CA LEU C 135 62.36 -35.93 49.00
C LEU C 135 62.75 -37.19 48.17
N GLN C 136 61.94 -38.24 48.17
CA GLN C 136 62.36 -39.48 47.49
C GLN C 136 62.55 -39.31 45.99
N TRP C 137 61.67 -38.56 45.31
CA TRP C 137 61.86 -38.31 43.89
C TRP C 137 63.23 -37.66 43.68
N TYR C 138 63.65 -36.82 44.60
CA TYR C 138 64.85 -36.03 44.43
C TYR C 138 66.07 -36.87 44.69
N VAL C 139 66.04 -37.72 45.70
CA VAL C 139 67.11 -38.69 45.94
C VAL C 139 67.33 -39.57 44.70
N SER C 140 66.25 -40.05 44.16
CA SER C 140 66.27 -40.96 43.02
C SER C 140 66.80 -40.25 41.74
N GLU C 141 66.28 -39.08 41.43
CA GLU C 141 66.73 -38.34 40.24
C GLU C 141 68.16 -37.91 40.35
N GLN C 142 68.55 -37.47 41.55
CA GLN C 142 69.93 -37.06 41.74
C GLN C 142 70.88 -38.20 41.57
N HIS C 143 70.50 -39.35 42.06
CA HIS C 143 71.34 -40.52 41.90
C HIS C 143 71.53 -40.90 40.44
N GLU C 144 70.48 -40.87 39.65
CA GLU C 144 70.54 -41.09 38.22
C GLU C 144 71.47 -40.07 37.54
N GLU C 145 71.42 -38.81 37.97
CA GLU C 145 72.31 -37.80 37.42
C GLU C 145 73.76 -38.02 37.75
N GLU C 146 74.04 -38.39 38.98
CA GLU C 146 75.39 -38.65 39.39
C GLU C 146 75.98 -39.82 38.61
N VAL C 147 75.22 -40.88 38.50
CA VAL C 147 75.63 -42.01 37.70
C VAL C 147 75.85 -41.68 36.21
N LEU C 148 74.97 -40.90 35.64
CA LEU C 148 75.10 -40.49 34.26
C LEU C 148 76.39 -39.70 34.03
N PHE C 149 76.75 -38.77 34.94
CA PHE C 149 77.98 -38.06 34.81
C PHE C 149 79.23 -38.95 34.93
N LYS C 150 79.18 -39.90 35.83
CA LYS C 150 80.24 -40.88 35.92
C LYS C 150 80.38 -41.67 34.62
N ASP C 151 79.25 -42.12 34.07
CA ASP C 151 79.29 -42.87 32.81
C ASP C 151 79.87 -42.07 31.65
N ILE C 152 79.49 -40.79 31.54
CA ILE C 152 80.02 -39.96 30.47
C ILE C 152 81.50 -39.74 30.65
N LEU C 153 81.90 -39.42 31.87
CA LEU C 153 83.31 -39.23 32.17
C LEU C 153 84.13 -40.46 31.78
N ASP C 154 83.64 -41.64 32.18
CA ASP C 154 84.32 -42.86 31.85
C ASP C 154 84.36 -43.14 30.32
N LYS C 155 83.31 -42.84 29.60
CA LYS C 155 83.31 -42.96 28.16
C LYS C 155 84.30 -42.03 27.47
N ILE C 156 84.40 -40.80 27.94
CA ILE C 156 85.38 -39.83 27.43
C ILE C 156 86.76 -40.42 27.62
N GLU C 157 87.03 -41.06 28.77
CA GLU C 157 88.34 -41.67 29.02
C GLU C 157 88.56 -42.94 28.19
N LEU C 158 87.56 -43.75 27.99
CA LEU C 158 87.66 -44.90 27.10
C LEU C 158 87.97 -44.52 25.64
N ILE C 159 87.36 -43.47 25.14
CA ILE C 159 87.55 -43.08 23.76
C ILE C 159 88.92 -42.49 23.57
N GLY C 160 89.34 -41.61 24.46
CA GLY C 160 90.63 -40.99 24.34
C GLY C 160 90.59 -39.79 23.42
N ASN C 161 91.68 -39.02 23.36
CA ASN C 161 91.65 -37.84 22.47
C ASN C 161 92.66 -37.87 21.33
N GLU C 162 93.23 -39.03 21.06
CA GLU C 162 94.09 -39.16 19.92
C GLU C 162 93.20 -39.14 18.67
N ASN C 163 93.70 -38.53 17.61
CA ASN C 163 93.00 -38.42 16.33
C ASN C 163 91.55 -37.84 16.40
N HIS C 164 90.55 -38.59 16.02
CA HIS C 164 89.19 -38.12 16.06
C HIS C 164 88.43 -38.51 17.31
N GLY C 165 89.15 -38.79 18.39
CA GLY C 165 88.57 -39.18 19.64
C GLY C 165 87.58 -38.12 20.18
N LEU C 166 87.92 -36.83 20.14
CA LEU C 166 87.04 -35.82 20.63
C LEU C 166 85.73 -35.79 19.84
N TYR C 167 85.82 -35.93 18.52
CA TYR C 167 84.64 -36.06 17.69
C TYR C 167 83.78 -37.24 18.13
N LEU C 168 84.38 -38.43 18.32
CA LEU C 168 83.57 -39.55 18.70
C LEU C 168 82.92 -39.35 20.08
N ALA C 169 83.65 -38.77 21.02
CA ALA C 169 83.10 -38.50 22.33
C ALA C 169 81.95 -37.53 22.25
N ASP C 170 82.10 -36.48 21.48
CA ASP C 170 81.06 -35.48 21.31
C ASP C 170 79.80 -36.05 20.69
N GLN C 171 79.95 -36.94 19.69
CA GLN C 171 78.83 -37.63 19.10
C GLN C 171 78.16 -38.58 20.07
N TYR C 172 78.93 -39.25 20.89
CA TYR C 172 78.37 -40.12 21.89
C TYR C 172 77.48 -39.32 22.88
N VAL C 173 78.01 -38.22 23.38
CA VAL C 173 77.27 -37.39 24.32
C VAL C 173 76.02 -36.75 23.64
N LYS C 174 76.13 -36.42 22.37
CA LYS C 174 75.05 -35.84 21.62
C LYS C 174 73.90 -36.85 21.59
N GLY C 175 74.23 -38.10 21.39
CA GLY C 175 73.24 -39.22 21.44
C GLY C 175 72.60 -39.40 22.78
N ILE C 176 73.34 -39.27 23.85
CA ILE C 176 72.74 -39.32 25.18
C ILE C 176 71.76 -38.15 25.33
N ALA C 177 72.18 -36.93 24.96
CA ALA C 177 71.30 -35.78 25.14
C ALA C 177 69.97 -36.00 24.39
N LYS C 178 70.07 -36.50 23.17
CA LYS C 178 68.91 -36.73 22.34
C LYS C 178 68.00 -37.80 22.93
N SER C 179 68.54 -38.88 23.45
CA SER C 179 67.70 -39.94 23.97
C SER C 179 67.05 -39.54 25.28
N ARG C 180 67.66 -38.66 26.10
CA ARG C 180 67.01 -38.22 27.29
C ARG C 180 65.91 -37.19 27.08
N LYS C 181 65.81 -36.52 25.94
CA LYS C 181 64.73 -35.52 25.71
C LYS C 181 63.54 -36.30 25.19
N SER C 182 63.80 -37.36 24.40
CA SER C 182 62.79 -38.19 23.74
C SER C 182 62.17 -39.13 24.77
N LEU D 2 78.42 -11.13 15.21
CA LEU D 2 77.76 -10.23 16.19
C LEU D 2 78.76 -9.17 16.60
N SER D 3 78.34 -7.93 16.69
CA SER D 3 79.19 -6.90 17.21
C SER D 3 79.55 -7.03 18.68
N LYS D 4 80.63 -6.38 19.10
CA LYS D 4 81.08 -6.41 20.47
C LYS D 4 79.98 -5.84 21.38
N ASP D 5 79.40 -4.71 20.97
CA ASP D 5 78.35 -4.11 21.75
C ASP D 5 77.10 -4.99 21.92
N ILE D 6 76.68 -5.63 20.87
CA ILE D 6 75.51 -6.50 20.87
C ILE D 6 75.83 -7.72 21.78
N ILE D 7 77.01 -8.28 21.68
CA ILE D 7 77.41 -9.36 22.55
C ILE D 7 77.32 -8.98 24.02
N LYS D 8 77.85 -7.82 24.36
CA LYS D 8 77.77 -7.35 25.72
C LYS D 8 76.30 -7.16 26.17
N LEU D 9 75.47 -6.52 25.34
CA LEU D 9 74.06 -6.28 25.70
C LEU D 9 73.28 -7.61 25.84
N LEU D 10 73.54 -8.59 24.98
CA LEU D 10 72.90 -9.88 25.07
C LEU D 10 73.28 -10.61 26.33
N ASN D 11 74.56 -10.59 26.70
CA ASN D 11 75.00 -11.19 27.94
C ASN D 11 74.36 -10.50 29.14
N GLU D 12 74.33 -9.19 29.10
CA GLU D 12 73.65 -8.47 30.18
C GLU D 12 72.15 -8.85 30.26
N GLN D 13 71.50 -9.03 29.12
CA GLN D 13 70.10 -9.43 29.12
C GLN D 13 69.86 -10.85 29.74
N VAL D 14 70.77 -11.78 29.47
CA VAL D 14 70.70 -13.09 30.09
C VAL D 14 70.70 -12.93 31.61
N ASN D 15 71.65 -12.15 32.11
CA ASN D 15 71.76 -11.87 33.54
C ASN D 15 70.54 -11.16 34.13
N LYS D 16 69.98 -10.24 33.39
CA LYS D 16 68.76 -9.58 33.81
C LYS D 16 67.58 -10.56 33.91
N GLU D 17 67.46 -11.46 32.94
CA GLU D 17 66.40 -12.43 33.00
C GLU D 17 66.56 -13.39 34.18
N MET D 18 67.79 -13.79 34.51
CA MET D 18 67.98 -14.67 35.66
C MET D 18 67.61 -13.91 36.94
N ASN D 19 68.03 -12.64 37.02
CA ASN D 19 67.65 -11.80 38.13
C ASN D 19 66.10 -11.64 38.27
N SER D 20 65.42 -11.45 37.15
CA SER D 20 63.96 -11.36 37.16
C SER D 20 63.31 -12.62 37.66
N SER D 21 63.79 -13.77 37.19
CA SER D 21 63.28 -15.01 37.66
C SER D 21 63.36 -15.09 39.20
N ASN D 22 64.51 -14.74 39.76
CA ASN D 22 64.66 -14.75 41.21
C ASN D 22 63.74 -13.80 41.93
N LEU D 23 63.59 -12.59 41.37
CA LEU D 23 62.74 -11.61 41.94
C LEU D 23 61.29 -12.11 42.00
N TYR D 24 60.82 -12.68 40.91
CA TYR D 24 59.44 -13.19 40.89
C TYR D 24 59.23 -14.39 41.78
N MET D 25 60.25 -15.23 41.98
CA MET D 25 60.13 -16.30 42.95
C MET D 25 60.00 -15.74 44.35
N SER D 26 60.75 -14.69 44.65
CA SER D 26 60.65 -14.07 45.97
C SER D 26 59.29 -13.40 46.17
N MET D 27 58.76 -12.75 45.15
CA MET D 27 57.42 -12.17 45.22
C MET D 27 56.37 -13.26 45.39
N SER D 28 56.56 -14.38 44.72
CA SER D 28 55.66 -15.51 44.85
C SER D 28 55.63 -16.01 46.27
N SER D 29 56.79 -16.16 46.87
CA SER D 29 56.89 -16.58 48.24
C SER D 29 56.22 -15.58 49.20
N TRP D 30 56.39 -14.28 48.96
CA TRP D 30 55.69 -13.26 49.78
C TRP D 30 54.19 -13.48 49.73
N CYS D 31 53.66 -13.78 48.56
CA CYS D 31 52.21 -14.05 48.41
C CYS D 31 51.77 -15.20 49.26
N TYR D 32 52.51 -16.26 49.25
CA TYR D 32 52.22 -17.40 50.13
C TYR D 32 52.50 -17.17 51.59
N THR D 33 53.47 -16.42 52.01
CA THR D 33 53.88 -16.32 53.40
C THR D 33 54.31 -14.90 53.97
N GLY D 34 54.14 -13.84 53.18
CA GLY D 34 54.44 -12.50 53.56
C GLY D 34 55.86 -12.10 53.91
N SER D 35 55.97 -11.01 54.64
CA SER D 35 57.28 -10.47 54.88
C SER D 35 58.23 -11.29 55.73
N ARG D 36 57.70 -12.31 56.39
CA ARG D 36 58.56 -13.20 57.13
C ARG D 36 59.03 -14.24 56.13
N TYR D 49 48.29 -13.30 55.28
CA TYR D 49 47.38 -14.16 54.42
C TYR D 49 48.11 -15.03 53.35
N SER D 50 47.60 -16.25 53.04
CA SER D 50 48.05 -16.96 51.82
C SER D 50 47.30 -16.55 50.51
N LEU D 51 47.99 -15.83 49.63
CA LEU D 51 47.45 -15.43 48.36
C LEU D 51 47.98 -16.36 47.32
N ASP D 52 47.38 -17.53 47.21
CA ASP D 52 47.88 -18.59 46.34
C ASP D 52 47.64 -18.34 44.90
N GLY D 53 46.63 -17.56 44.55
CA GLY D 53 46.38 -17.22 43.16
C GLY D 53 47.53 -16.35 42.63
N CYS D 54 47.85 -15.30 43.37
CA CYS D 54 48.96 -14.45 43.00
C CYS D 54 50.28 -15.19 43.10
N GLY D 55 50.42 -16.00 44.14
CA GLY D 55 51.63 -16.79 44.32
C GLY D 55 51.90 -17.71 43.15
N THR D 56 50.86 -18.39 42.66
CA THR D 56 51.00 -19.27 41.49
C THR D 56 51.32 -18.51 40.23
N PHE D 57 50.63 -17.41 40.02
CA PHE D 57 50.85 -16.58 38.86
C PHE D 57 52.33 -16.09 38.84
N LEU D 58 52.82 -15.59 39.94
CA LEU D 58 54.17 -15.05 39.97
C LEU D 58 55.25 -16.14 39.81
N PHE D 59 55.01 -17.32 40.41
CA PHE D 59 55.88 -18.46 40.20
C PHE D 59 55.96 -18.83 38.71
N ASP D 60 54.79 -18.91 38.08
CA ASP D 60 54.76 -19.24 36.68
C ASP D 60 55.45 -18.18 35.83
N HIS D 61 55.29 -16.92 36.20
CA HIS D 61 55.95 -15.87 35.48
C HIS D 61 57.47 -15.95 35.70
N ALA D 62 57.91 -16.25 36.90
CA ALA D 62 59.34 -16.49 37.14
C ALA D 62 59.93 -17.58 36.22
N ALA D 63 59.19 -18.67 36.09
CA ALA D 63 59.64 -19.76 35.24
C ALA D 63 59.75 -19.35 33.79
N GLU D 64 58.82 -18.51 33.35
CA GLU D 64 58.83 -17.98 32.01
C GLU D 64 60.03 -17.08 31.74
N GLU D 65 60.40 -16.29 32.72
CA GLU D 65 61.57 -15.43 32.58
C GLU D 65 62.83 -16.31 32.42
N TYR D 66 62.91 -17.41 33.16
CA TYR D 66 64.01 -18.30 32.98
C TYR D 66 64.02 -18.93 31.58
N GLU D 67 62.86 -19.24 31.05
CA GLU D 67 62.77 -19.70 29.66
C GLU D 67 63.33 -18.65 28.66
N HIS D 68 63.12 -17.37 28.93
CA HIS D 68 63.70 -16.34 28.09
C HIS D 68 65.21 -16.35 28.19
N ALA D 69 65.76 -16.47 29.40
CA ALA D 69 67.20 -16.60 29.58
C ALA D 69 67.75 -17.81 28.78
N LYS D 70 67.08 -18.94 28.84
CA LYS D 70 67.50 -20.09 28.10
C LYS D 70 67.56 -19.90 26.59
N LYS D 71 66.52 -19.26 26.03
CA LYS D 71 66.48 -19.00 24.63
C LYS D 71 67.58 -18.07 24.18
N LEU D 72 67.92 -17.08 24.98
CA LEU D 72 69.05 -16.24 24.68
C LEU D 72 70.39 -16.96 24.75
N ILE D 73 70.56 -17.86 25.72
CA ILE D 73 71.76 -18.65 25.82
C ILE D 73 71.93 -19.56 24.57
N VAL D 74 70.85 -20.17 24.13
CA VAL D 74 70.89 -20.99 22.91
C VAL D 74 71.39 -20.16 21.72
N PHE D 75 70.86 -18.95 21.58
CA PHE D 75 71.28 -18.08 20.53
C PHE D 75 72.77 -17.73 20.61
N LEU D 76 73.24 -17.41 21.79
CA LEU D 76 74.67 -17.15 21.96
C LEU D 76 75.53 -18.39 21.64
N ASN D 77 75.17 -19.55 22.14
CA ASN D 77 75.91 -20.78 21.89
C ASN D 77 75.95 -21.07 20.37
N GLU D 78 74.81 -20.95 19.73
CA GLU D 78 74.68 -21.25 18.28
C GLU D 78 75.44 -20.28 17.43
N ASN D 79 75.63 -19.04 17.89
CA ASN D 79 76.42 -18.06 17.22
C ASN D 79 77.89 -18.03 17.63
N ASN D 80 78.31 -19.00 18.41
CA ASN D 80 79.66 -19.08 18.89
C ASN D 80 80.15 -17.91 19.73
N VAL D 81 79.31 -17.35 20.57
CA VAL D 81 79.67 -16.22 21.40
C VAL D 81 79.67 -16.73 22.85
N PRO D 82 80.70 -16.44 23.62
CA PRO D 82 80.73 -16.86 25.01
C PRO D 82 79.62 -16.23 25.87
N VAL D 83 78.99 -17.03 26.71
CA VAL D 83 78.04 -16.60 27.64
C VAL D 83 78.81 -16.22 28.91
N GLN D 84 78.58 -15.04 29.46
CA GLN D 84 79.31 -14.63 30.67
C GLN D 84 78.27 -14.40 31.75
N LEU D 85 78.05 -15.41 32.59
CA LEU D 85 77.14 -15.27 33.66
C LEU D 85 77.84 -14.59 34.82
N THR D 86 77.17 -13.59 35.39
CA THR D 86 77.77 -12.80 36.47
C THR D 86 77.06 -13.22 37.74
N SER D 87 77.50 -12.64 38.84
CA SER D 87 77.02 -12.98 40.11
C SER D 87 75.50 -12.66 40.23
N ILE D 88 74.82 -13.43 41.01
CA ILE D 88 73.40 -13.32 41.23
C ILE D 88 73.16 -12.57 42.57
N SER D 89 72.41 -11.53 42.44
CA SER D 89 72.04 -10.72 43.68
C SER D 89 70.81 -11.24 44.34
N ALA D 90 70.76 -11.28 45.64
CA ALA D 90 69.57 -11.68 46.38
C ALA D 90 68.46 -10.72 46.00
N PRO D 91 67.27 -11.24 45.67
CA PRO D 91 66.14 -10.35 45.39
C PRO D 91 65.59 -9.78 46.66
N GLU D 92 64.87 -8.65 46.53
CA GLU D 92 64.10 -8.13 47.66
C GLU D 92 63.09 -9.15 48.13
N HIS D 93 62.91 -9.24 49.43
CA HIS D 93 61.99 -10.23 50.00
C HIS D 93 60.87 -9.64 50.85
N LYS D 94 60.95 -8.38 51.21
CA LYS D 94 59.91 -7.71 52.04
C LYS D 94 59.14 -6.76 51.17
N PHE D 95 57.84 -6.84 51.25
CA PHE D 95 57.01 -5.98 50.48
C PHE D 95 55.86 -5.51 51.37
N GLU D 96 55.40 -4.33 51.08
CA GLU D 96 54.34 -3.65 51.77
C GLU D 96 52.94 -4.23 51.67
N GLY D 97 52.58 -4.75 50.51
CA GLY D 97 51.20 -5.20 50.32
C GLY D 97 51.04 -5.63 48.87
N LEU D 98 49.84 -6.09 48.54
CA LEU D 98 49.61 -6.66 47.21
C LEU D 98 49.71 -5.63 46.11
N THR D 99 49.12 -4.45 46.31
CA THR D 99 49.29 -3.37 45.35
C THR D 99 50.72 -3.02 45.11
N GLN D 100 51.46 -2.90 46.17
CA GLN D 100 52.86 -2.48 46.03
C GLN D 100 53.70 -3.51 45.31
N ILE D 101 53.45 -4.78 45.57
CA ILE D 101 54.17 -5.82 44.89
C ILE D 101 53.91 -5.77 43.39
N PHE D 102 52.64 -5.62 42.98
CA PHE D 102 52.35 -5.54 41.56
C PHE D 102 52.80 -4.24 40.91
N GLN D 103 52.85 -3.14 41.70
CA GLN D 103 53.40 -1.90 41.21
C GLN D 103 54.93 -2.08 40.95
N LYS D 104 55.65 -2.71 41.85
CA LYS D 104 57.05 -2.99 41.61
C LYS D 104 57.28 -3.90 40.42
N ALA D 105 56.47 -4.92 40.34
CA ALA D 105 56.54 -5.86 39.20
C ALA D 105 56.30 -5.17 37.88
N TYR D 106 55.28 -4.36 37.83
CA TYR D 106 54.98 -3.62 36.61
C TYR D 106 56.12 -2.68 36.21
N GLU D 107 56.64 -1.93 37.16
CA GLU D 107 57.79 -1.09 36.88
C GLU D 107 59.01 -1.89 36.40
N HIS D 108 59.21 -3.03 37.01
CA HIS D 108 60.26 -3.92 36.59
C HIS D 108 60.07 -4.39 35.11
N GLU D 109 58.85 -4.78 34.78
CA GLU D 109 58.56 -5.17 33.41
C GLU D 109 58.78 -4.01 32.41
N GLN D 110 58.43 -2.79 32.79
CA GLN D 110 58.73 -1.67 31.94
C GLN D 110 60.22 -1.51 31.71
N HIS D 111 61.02 -1.68 32.78
CA HIS D 111 62.46 -1.61 32.63
C HIS D 111 63.00 -2.72 31.66
N ILE D 112 62.48 -3.93 31.78
CA ILE D 112 62.90 -5.00 30.91
C ILE D 112 62.52 -4.68 29.44
N SER D 113 61.30 -4.16 29.22
CA SER D 113 60.90 -3.73 27.88
C SER D 113 61.87 -2.74 27.27
N GLU D 114 62.26 -1.77 28.08
CA GLU D 114 63.23 -0.75 27.64
C GLU D 114 64.58 -1.36 27.31
N SER D 115 65.03 -2.30 28.14
CA SER D 115 66.33 -2.94 27.89
C SER D 115 66.32 -3.73 26.57
N ILE D 116 65.22 -4.39 26.26
CA ILE D 116 65.09 -5.07 24.97
C ILE D 116 65.05 -4.06 23.80
N ASN D 117 64.29 -3.01 23.94
CA ASN D 117 64.28 -1.96 22.94
C ASN D 117 65.68 -1.43 22.63
N ASN D 118 66.49 -1.28 23.65
CA ASN D 118 67.83 -0.83 23.47
C ASN D 118 68.67 -1.82 22.62
N ILE D 119 68.49 -3.10 22.84
CA ILE D 119 69.22 -4.08 22.05
C ILE D 119 68.76 -4.01 20.60
N VAL D 120 67.47 -3.92 20.38
CA VAL D 120 66.91 -3.93 19.05
C VAL D 120 67.41 -2.72 18.26
N ASP D 121 67.45 -1.59 18.98
CA ASP D 121 67.96 -0.40 18.39
C ASP D 121 69.42 -0.52 17.99
N HIS D 122 70.23 -1.13 18.84
CA HIS D 122 71.62 -1.37 18.51
C HIS D 122 71.79 -2.34 17.30
N ALA D 123 70.95 -3.36 17.21
CA ALA D 123 71.00 -4.27 16.09
C ALA D 123 70.72 -3.49 14.75
N ILE D 124 69.75 -2.61 14.76
CA ILE D 124 69.51 -1.75 13.57
C ILE D 124 70.72 -0.88 13.22
N LYS D 125 71.29 -0.24 14.19
CA LYS D 125 72.46 0.59 13.99
C LYS D 125 73.66 -0.14 13.48
N SER D 126 73.90 -1.34 13.94
CA SER D 126 75.02 -2.08 13.48
C SER D 126 74.68 -2.96 12.28
N LYS D 127 73.49 -2.83 11.69
CA LYS D 127 73.06 -3.65 10.58
C LYS D 127 73.08 -5.12 10.85
N ASP D 128 72.84 -5.51 12.10
CA ASP D 128 72.79 -6.89 12.44
C ASP D 128 71.35 -7.39 12.36
N HIS D 129 70.93 -7.67 11.13
CA HIS D 129 69.55 -8.03 10.92
C HIS D 129 69.18 -9.40 11.30
N ALA D 130 70.16 -10.31 11.38
CA ALA D 130 69.84 -11.61 11.88
C ALA D 130 69.45 -11.52 13.35
N THR D 131 70.18 -10.71 14.08
CA THR D 131 69.85 -10.55 15.49
C THR D 131 68.50 -9.78 15.70
N PHE D 132 68.29 -8.73 14.92
CA PHE D 132 66.98 -8.04 14.89
C PHE D 132 65.85 -9.04 14.71
N ASN D 133 65.98 -9.89 13.68
CA ASN D 133 64.98 -10.89 13.38
C ASN D 133 64.75 -11.88 14.52
N PHE D 134 65.84 -12.33 15.08
CA PHE D 134 65.75 -13.24 16.24
C PHE D 134 65.01 -12.66 17.42
N LEU D 135 65.27 -11.41 17.73
CA LEU D 135 64.69 -10.77 18.86
C LEU D 135 63.18 -10.50 18.80
N GLN D 136 62.54 -10.68 17.63
CA GLN D 136 61.12 -10.29 17.50
C GLN D 136 60.22 -11.10 18.42
N TRP D 137 60.43 -12.41 18.57
CA TRP D 137 59.64 -13.20 19.48
C TRP D 137 59.74 -12.57 20.89
N TYR D 138 60.89 -12.05 21.24
CA TYR D 138 61.15 -11.58 22.58
C TYR D 138 60.51 -10.22 22.79
N VAL D 139 60.59 -9.34 21.81
CA VAL D 139 59.88 -8.06 21.85
C VAL D 139 58.38 -8.27 22.06
N SER D 140 57.84 -9.20 21.30
CA SER D 140 56.42 -9.50 21.30
C SER D 140 55.99 -10.14 22.64
N GLU D 141 56.69 -11.12 23.12
CA GLU D 141 56.35 -11.77 24.40
C GLU D 141 56.50 -10.80 25.55
N GLN D 142 57.53 -10.01 25.53
CA GLN D 142 57.75 -9.04 26.61
C GLN D 142 56.64 -8.02 26.65
N HIS D 143 56.20 -7.59 25.50
CA HIS D 143 55.11 -6.65 25.46
C HIS D 143 53.83 -7.20 26.06
N GLU D 144 53.49 -8.43 25.71
CA GLU D 144 52.36 -9.14 26.31
C GLU D 144 52.50 -9.25 27.84
N GLU D 145 53.71 -9.51 28.32
CA GLU D 145 53.94 -9.56 29.76
C GLU D 145 53.75 -8.23 30.46
N GLU D 146 54.26 -7.17 29.86
CA GLU D 146 54.13 -5.87 30.43
C GLU D 146 52.70 -5.45 30.50
N VAL D 147 51.96 -5.68 29.44
CA VAL D 147 50.53 -5.38 29.44
C VAL D 147 49.74 -6.21 30.46
N LEU D 148 50.07 -7.48 30.57
CA LEU D 148 49.43 -8.35 31.54
C LEU D 148 49.63 -7.83 32.97
N PHE D 149 50.84 -7.40 33.33
CA PHE D 149 51.07 -6.83 34.64
C PHE D 149 50.32 -5.54 34.89
N LYS D 150 50.24 -4.69 33.88
CA LYS D 150 49.44 -3.48 33.98
C LYS D 150 47.98 -3.83 34.20
N ASP D 151 47.45 -4.79 33.46
CA ASP D 151 46.06 -5.19 33.63
C ASP D 151 45.76 -5.73 35.03
N ILE D 152 46.66 -6.56 35.56
CA ILE D 152 46.44 -7.12 36.88
C ILE D 152 46.53 -6.01 37.94
N LEU D 153 47.51 -5.15 37.83
CA LEU D 153 47.66 -4.03 38.74
C LEU D 153 46.40 -3.18 38.76
N ASP D 154 45.88 -2.85 37.57
CA ASP D 154 44.68 -2.08 37.49
C ASP D 154 43.44 -2.80 38.08
N LYS D 155 43.33 -4.09 37.87
CA LYS D 155 42.26 -4.87 38.46
C LYS D 155 42.31 -4.91 39.96
N ILE D 156 43.51 -5.07 40.54
CA ILE D 156 43.70 -5.03 41.97
C ILE D 156 43.21 -3.70 42.50
N GLU D 157 43.49 -2.60 41.80
CA GLU D 157 43.03 -1.26 42.22
C GLU D 157 41.53 -1.09 42.02
N LEU D 158 40.94 -1.60 40.96
CA LEU D 158 39.51 -1.59 40.80
C LEU D 158 38.75 -2.34 41.90
N ILE D 159 39.24 -3.50 42.30
CA ILE D 159 38.57 -4.32 43.27
C ILE D 159 38.67 -3.68 44.66
N GLY D 160 39.84 -3.20 45.03
CA GLY D 160 40.01 -2.61 46.32
C GLY D 160 40.29 -3.62 47.40
N ASN D 161 40.64 -3.17 48.60
CA ASN D 161 40.91 -4.17 49.67
C ASN D 161 39.97 -4.06 50.87
N GLU D 162 38.88 -3.36 50.70
CA GLU D 162 37.87 -3.35 51.70
C GLU D 162 37.22 -4.73 51.72
N ASN D 163 36.84 -5.19 52.89
CA ASN D 163 36.17 -6.49 53.06
C ASN D 163 36.88 -7.74 52.45
N HIS D 164 36.28 -8.41 51.50
CA HIS D 164 36.83 -9.56 50.84
C HIS D 164 37.51 -9.22 49.52
N GLY D 165 37.90 -7.97 49.36
CA GLY D 165 38.57 -7.52 48.15
C GLY D 165 39.82 -8.30 47.84
N LEU D 166 40.69 -8.57 48.84
CA LEU D 166 41.88 -9.36 48.58
C LEU D 166 41.55 -10.73 48.07
N TYR D 167 40.54 -11.37 48.65
CA TYR D 167 40.07 -12.66 48.14
C TYR D 167 39.65 -12.56 46.70
N LEU D 168 38.83 -11.55 46.35
CA LEU D 168 38.40 -11.43 44.98
C LEU D 168 39.58 -11.21 44.01
N ALA D 169 40.52 -10.38 44.41
CA ALA D 169 41.66 -10.12 43.58
C ALA D 169 42.50 -11.39 43.38
N ASP D 170 42.71 -12.12 44.46
CA ASP D 170 43.47 -13.35 44.39
C ASP D 170 42.82 -14.41 43.48
N GLN D 171 41.49 -14.51 43.54
CA GLN D 171 40.73 -15.38 42.65
C GLN D 171 40.80 -14.95 41.21
N TYR D 172 40.76 -13.64 40.98
CA TYR D 172 40.92 -13.14 39.63
C TYR D 172 42.28 -13.57 39.02
N VAL D 173 43.33 -13.33 39.79
CA VAL D 173 44.70 -13.66 39.34
C VAL D 173 44.86 -15.20 39.19
N LYS D 174 44.28 -15.97 40.09
CA LYS D 174 44.27 -17.42 39.97
C LYS D 174 43.71 -17.84 38.63
N GLY D 175 42.61 -17.24 38.22
CA GLY D 175 41.99 -17.50 36.91
C GLY D 175 42.89 -17.18 35.75
N ILE D 176 43.61 -16.05 35.81
CA ILE D 176 44.54 -15.72 34.76
C ILE D 176 45.65 -16.80 34.74
N ALA D 177 46.21 -17.17 35.89
CA ALA D 177 47.28 -18.13 35.89
C ALA D 177 46.85 -19.44 35.25
N LYS D 178 45.67 -19.88 35.59
CA LYS D 178 45.13 -21.14 35.07
C LYS D 178 44.91 -21.05 33.54
N SER D 179 44.38 -19.95 33.03
CA SER D 179 44.11 -19.88 31.62
C SER D 179 45.39 -19.74 30.82
N ARG D 180 46.46 -19.16 31.36
CA ARG D 180 47.69 -19.11 30.61
C ARG D 180 48.48 -20.44 30.59
N LYS D 181 48.20 -21.40 31.44
CA LYS D 181 48.94 -22.69 31.38
C LYS D 181 48.20 -23.57 30.40
N SER D 182 46.86 -23.44 30.35
CA SER D 182 45.96 -24.25 29.53
C SER D 182 46.06 -23.81 28.09
N LEU E 2 53.16 3.87 24.77
CA LEU E 2 53.20 4.44 23.40
C LEU E 2 53.48 5.91 23.47
N SER E 3 54.32 6.41 22.60
CA SER E 3 54.54 7.84 22.49
C SER E 3 53.29 8.65 22.06
N LYS E 4 53.31 9.94 22.32
CA LYS E 4 52.20 10.80 21.98
C LYS E 4 52.02 10.83 20.47
N ASP E 5 53.11 10.94 19.75
CA ASP E 5 53.06 10.95 18.30
C ASP E 5 52.49 9.66 17.69
N ILE E 6 52.89 8.53 18.19
CA ILE E 6 52.45 7.22 17.70
C ILE E 6 50.94 7.07 18.03
N ILE E 7 50.51 7.49 19.22
CA ILE E 7 49.10 7.48 19.55
C ILE E 7 48.29 8.30 18.57
N LYS E 8 48.74 9.49 18.28
CA LYS E 8 48.04 10.32 17.33
C LYS E 8 47.98 9.67 15.94
N LEU E 9 49.11 9.15 15.46
CA LEU E 9 49.13 8.52 14.13
C LEU E 9 48.25 7.27 14.06
N LEU E 10 48.23 6.45 15.12
CA LEU E 10 47.38 5.30 15.16
C LEU E 10 45.88 5.67 15.15
N ASN E 11 45.50 6.68 15.89
CA ASN E 11 44.12 7.17 15.86
C ASN E 11 43.76 7.71 14.48
N GLU E 12 44.68 8.47 13.90
CA GLU E 12 44.43 8.92 12.53
C GLU E 12 44.29 7.74 11.56
N GLN E 13 45.07 6.69 11.72
CA GLN E 13 44.97 5.52 10.88
C GLN E 13 43.61 4.78 11.01
N VAL E 14 43.08 4.70 12.22
CA VAL E 14 41.76 4.13 12.43
C VAL E 14 40.76 4.92 11.58
N ASN E 15 40.80 6.25 11.68
CA ASN E 15 39.93 7.11 10.89
C ASN E 15 40.11 6.98 9.39
N LYS E 16 41.36 6.83 8.94
CA LYS E 16 41.61 6.62 7.54
C LYS E 16 41.02 5.30 7.04
N GLU E 17 41.13 4.24 7.83
CA GLU E 17 40.53 2.99 7.45
C GLU E 17 39.01 3.05 7.39
N MET E 18 38.38 3.75 8.29
CA MET E 18 36.91 3.89 8.26
C MET E 18 36.54 4.70 7.02
N ASN E 19 37.28 5.74 6.75
CA ASN E 19 37.05 6.54 5.53
C ASN E 19 37.20 5.69 4.25
N SER E 20 38.24 4.84 4.21
CA SER E 20 38.41 3.93 3.07
C SER E 20 37.27 2.99 2.89
N SER E 21 36.83 2.40 3.99
CA SER E 21 35.70 1.53 3.94
C SER E 21 34.49 2.21 3.26
N ASN E 22 34.19 3.43 3.70
CA ASN E 22 33.06 4.16 3.09
C ASN E 22 33.27 4.50 1.63
N LEU E 23 34.48 4.86 1.28
CA LEU E 23 34.81 5.13 -0.09
C LEU E 23 34.56 3.90 -0.97
N TYR E 24 35.02 2.75 -0.53
CA TYR E 24 34.83 1.53 -1.29
C TYR E 24 33.38 1.08 -1.35
N MET E 25 32.60 1.35 -0.33
CA MET E 25 31.17 1.12 -0.43
C MET E 25 30.52 2.00 -1.46
N SER E 26 30.92 3.24 -1.54
CA SER E 26 30.39 4.14 -2.55
C SER E 26 30.79 3.71 -3.95
N MET E 27 32.03 3.28 -4.14
CA MET E 27 32.48 2.75 -5.44
C MET E 27 31.72 1.52 -5.79
N SER E 28 31.46 0.66 -4.82
CA SER E 28 30.69 -0.54 -5.04
C SER E 28 29.32 -0.21 -5.54
N SER E 29 28.67 0.75 -4.91
CA SER E 29 27.34 1.17 -5.31
C SER E 29 27.34 1.74 -6.71
N TRP E 30 28.36 2.53 -7.08
CA TRP E 30 28.45 3.03 -8.44
C TRP E 30 28.48 1.88 -9.43
N CYS E 31 29.24 0.84 -9.12
CA CYS E 31 29.29 -0.34 -9.99
C CYS E 31 27.92 -0.96 -10.17
N TYR E 32 27.29 -1.22 -9.08
CA TYR E 32 25.98 -1.77 -9.10
C TYR E 32 24.87 -0.90 -9.69
N THR E 33 24.84 0.42 -9.54
CA THR E 33 23.67 1.08 -9.97
C THR E 33 23.62 1.27 -11.43
N GLY E 34 22.39 1.38 -11.93
CA GLY E 34 22.10 1.53 -13.31
C GLY E 34 21.31 2.78 -13.55
N SER E 46 28.83 3.26 -19.12
CA SER E 46 29.56 2.67 -17.99
C SER E 46 28.74 2.83 -16.73
N SER E 47 28.35 4.06 -16.45
CA SER E 47 27.59 4.49 -15.30
C SER E 47 26.20 3.85 -15.22
N SER E 48 25.57 3.71 -16.38
CA SER E 48 24.25 3.14 -16.48
C SER E 48 24.16 1.63 -16.38
N TYR E 49 25.27 0.93 -16.37
CA TYR E 49 25.22 -0.55 -16.34
C TYR E 49 25.37 -1.25 -14.98
N SER E 50 24.77 -2.44 -14.75
CA SER E 50 25.11 -3.18 -13.52
C SER E 50 26.43 -4.04 -13.56
N LEU E 51 27.48 -3.59 -12.94
CA LEU E 51 28.76 -4.24 -12.90
C LEU E 51 28.84 -4.94 -11.50
N ASP E 52 28.18 -6.06 -11.36
CA ASP E 52 28.06 -6.73 -10.11
C ASP E 52 29.32 -7.46 -9.66
N GLY E 53 30.17 -7.81 -10.60
CA GLY E 53 31.45 -8.40 -10.24
C GLY E 53 32.34 -7.41 -9.53
N CYS E 54 32.49 -6.25 -10.14
CA CYS E 54 33.24 -5.17 -9.51
C CYS E 54 32.56 -4.71 -8.23
N GLY E 55 31.25 -4.59 -8.27
CA GLY E 55 30.47 -4.23 -7.10
C GLY E 55 30.72 -5.14 -5.89
N THR E 56 30.71 -6.45 -6.13
CA THR E 56 30.99 -7.40 -5.06
C THR E 56 32.40 -7.34 -4.56
N PHE E 57 33.33 -7.25 -5.48
CA PHE E 57 34.72 -7.12 -5.10
C PHE E 57 34.96 -5.90 -4.22
N LEU E 58 34.44 -4.74 -4.63
CA LEU E 58 34.67 -3.52 -3.87
C LEU E 58 33.99 -3.53 -2.51
N PHE E 59 32.77 -4.10 -2.44
CA PHE E 59 32.09 -4.29 -1.18
C PHE E 59 32.93 -5.12 -0.23
N ASP E 60 33.41 -6.23 -0.73
CA ASP E 60 34.25 -7.10 0.10
C ASP E 60 35.55 -6.39 0.53
N HIS E 61 36.14 -5.60 -0.34
CA HIS E 61 37.29 -4.85 0.02
C HIS E 61 36.95 -3.80 1.08
N ALA E 62 35.83 -3.14 0.94
CA ALA E 62 35.36 -2.20 2.00
C ALA E 62 35.26 -2.87 3.35
N ALA E 63 34.70 -4.06 3.39
CA ALA E 63 34.57 -4.81 4.63
C ALA E 63 35.90 -5.15 5.24
N GLU E 64 36.86 -5.51 4.40
CA GLU E 64 38.20 -5.80 4.87
C GLU E 64 38.90 -4.56 5.47
N GLU E 65 38.69 -3.38 4.88
CA GLU E 65 39.25 -2.17 5.44
C GLU E 65 38.68 -1.90 6.81
N TYR E 66 37.40 -2.15 7.00
CA TYR E 66 36.83 -1.99 8.30
C TYR E 66 37.39 -2.98 9.31
N GLU E 67 37.68 -4.19 8.87
CA GLU E 67 38.40 -5.15 9.72
C GLU E 67 39.77 -4.62 10.17
N HIS E 68 40.47 -3.91 9.29
CA HIS E 68 41.73 -3.28 9.69
C HIS E 68 41.51 -2.22 10.75
N ALA E 69 40.47 -1.39 10.59
CA ALA E 69 40.12 -0.42 11.59
C ALA E 69 39.86 -1.07 12.94
N LYS E 70 39.11 -2.16 12.95
CA LYS E 70 38.81 -2.87 14.16
C LYS E 70 40.06 -3.42 14.86
N LYS E 71 40.97 -4.00 14.12
CA LYS E 71 42.19 -4.51 14.67
C LYS E 71 43.05 -3.45 15.28
N LEU E 72 43.10 -2.29 14.68
CA LEU E 72 43.78 -1.17 15.27
C LEU E 72 43.13 -0.66 16.57
N ILE E 73 41.80 -0.61 16.60
CA ILE E 73 41.08 -0.25 17.79
C ILE E 73 41.38 -1.25 18.95
N VAL E 74 41.38 -2.53 18.64
CA VAL E 74 41.72 -3.56 19.65
C VAL E 74 43.08 -3.30 20.24
N PHE E 75 44.06 -3.02 19.38
CA PHE E 75 45.40 -2.69 19.83
C PHE E 75 45.41 -1.48 20.76
N LEU E 76 44.73 -0.43 20.39
CA LEU E 76 44.63 0.76 21.24
C LEU E 76 43.97 0.44 22.61
N ASN E 77 42.84 -0.26 22.58
CA ASN E 77 42.13 -0.62 23.80
C ASN E 77 43.06 -1.45 24.72
N GLU E 78 43.69 -2.45 24.13
CA GLU E 78 44.55 -3.38 24.90
C GLU E 78 45.78 -2.70 25.45
N ASN E 79 46.27 -1.64 24.81
CA ASN E 79 47.36 -0.85 25.29
C ASN E 79 46.97 0.33 26.17
N ASN E 80 45.70 0.40 26.54
CA ASN E 80 45.22 1.45 27.37
C ASN E 80 45.36 2.88 26.79
N VAL E 81 45.19 3.03 25.49
CA VAL E 81 45.32 4.31 24.85
C VAL E 81 43.88 4.72 24.39
N PRO E 82 43.47 5.93 24.62
CA PRO E 82 42.15 6.36 24.16
C PRO E 82 41.98 6.37 22.65
N VAL E 83 40.86 5.86 22.17
CA VAL E 83 40.54 5.93 20.74
C VAL E 83 39.79 7.24 20.59
N GLN E 84 40.17 8.11 19.67
CA GLN E 84 39.47 9.41 19.53
C GLN E 84 38.94 9.50 18.14
N LEU E 85 37.71 9.06 17.92
CA LEU E 85 37.14 9.01 16.61
C LEU E 85 36.64 10.46 16.28
N THR E 86 36.94 10.85 15.08
CA THR E 86 36.46 12.05 14.44
C THR E 86 35.48 11.60 13.39
N SER E 87 35.01 12.53 12.55
CA SER E 87 34.04 12.25 11.60
C SER E 87 34.60 11.29 10.53
N ILE E 88 33.73 10.63 9.85
CA ILE E 88 34.09 9.95 8.58
C ILE E 88 33.57 10.77 7.45
N SER E 89 34.42 11.30 6.62
CA SER E 89 33.98 12.22 5.50
C SER E 89 33.11 11.47 4.49
N ALA E 90 32.14 12.13 3.94
CA ALA E 90 31.30 11.57 2.89
C ALA E 90 32.26 11.27 1.69
N PRO E 91 32.11 10.04 1.13
CA PRO E 91 32.99 9.69 0.03
C PRO E 91 32.51 10.33 -1.27
N GLU E 92 33.38 10.40 -2.23
CA GLU E 92 33.00 10.68 -3.63
C GLU E 92 32.01 9.63 -4.12
N HIS E 93 31.03 10.01 -4.85
CA HIS E 93 29.94 9.17 -5.28
C HIS E 93 29.75 9.17 -6.83
N LYS E 94 30.32 10.09 -7.58
CA LYS E 94 30.18 10.14 -9.00
C LYS E 94 31.50 9.87 -9.66
N PHE E 95 31.49 8.94 -10.58
CA PHE E 95 32.70 8.54 -11.23
C PHE E 95 32.41 8.52 -12.73
N GLU E 96 33.50 8.66 -13.47
CA GLU E 96 33.41 8.78 -14.92
C GLU E 96 33.35 7.40 -15.58
N GLY E 97 33.89 6.36 -14.97
CA GLY E 97 33.89 5.09 -15.64
C GLY E 97 34.66 4.07 -14.84
N LEU E 98 34.72 2.85 -15.35
CA LEU E 98 35.34 1.76 -14.58
C LEU E 98 36.81 1.93 -14.46
N THR E 99 37.51 2.32 -15.54
CA THR E 99 38.93 2.62 -15.43
C THR E 99 39.21 3.67 -14.40
N GLN E 100 38.41 4.73 -14.43
CA GLN E 100 38.67 5.84 -13.52
C GLN E 100 38.44 5.46 -12.06
N ILE E 101 37.45 4.66 -11.81
CA ILE E 101 37.20 4.18 -10.46
C ILE E 101 38.38 3.37 -9.93
N PHE E 102 38.91 2.45 -10.72
CA PHE E 102 40.04 1.65 -10.30
C PHE E 102 41.34 2.45 -10.25
N GLN E 103 41.47 3.49 -11.08
CA GLN E 103 42.59 4.40 -11.00
C GLN E 103 42.55 5.16 -9.65
N LYS E 104 41.37 5.67 -9.27
CA LYS E 104 41.24 6.34 -8.00
C LYS E 104 41.51 5.40 -6.83
N ALA E 105 40.98 4.20 -6.93
CA ALA E 105 41.18 3.21 -5.88
C ALA E 105 42.65 2.86 -5.71
N TYR E 106 43.34 2.63 -6.80
CA TYR E 106 44.74 2.35 -6.74
C TYR E 106 45.56 3.49 -6.13
N GLU E 107 45.30 4.70 -6.55
CA GLU E 107 45.95 5.85 -5.95
C GLU E 107 45.66 5.97 -4.45
N HIS E 108 44.43 5.69 -4.09
CA HIS E 108 44.06 5.67 -2.69
C HIS E 108 44.85 4.60 -1.90
N GLU E 109 44.97 3.39 -2.46
CA GLU E 109 45.75 2.35 -1.80
C GLU E 109 47.23 2.76 -1.66
N GLN E 110 47.81 3.44 -2.67
CA GLN E 110 49.15 3.94 -2.51
C GLN E 110 49.26 4.93 -1.37
N HIS E 111 48.28 5.82 -1.23
CA HIS E 111 48.25 6.75 -0.10
CA HIS E 111 48.25 6.75 -0.10
C HIS E 111 48.19 6.03 1.27
N ILE E 112 47.37 5.01 1.35
CA ILE E 112 47.26 4.23 2.60
C ILE E 112 48.63 3.54 2.90
N SER E 113 49.24 2.96 1.88
CA SER E 113 50.58 2.36 2.05
C SER E 113 51.59 3.35 2.63
N GLU E 114 51.58 4.55 2.09
CA GLU E 114 52.47 5.60 2.54
C GLU E 114 52.18 5.99 4.01
N SER E 115 50.90 6.07 4.36
CA SER E 115 50.55 6.43 5.71
C SER E 115 51.00 5.36 6.71
N ILE E 116 50.91 4.09 6.36
CA ILE E 116 51.42 3.04 7.19
C ILE E 116 52.98 3.10 7.31
N ASN E 117 53.64 3.30 6.21
CA ASN E 117 55.08 3.49 6.25
C ASN E 117 55.50 4.61 7.21
N ASN E 118 54.75 5.70 7.24
CA ASN E 118 55.04 6.78 8.12
C ASN E 118 54.93 6.36 9.62
N ILE E 119 53.95 5.55 9.96
CA ILE E 119 53.81 5.10 11.31
C ILE E 119 55.00 4.22 11.67
N VAL E 120 55.36 3.32 10.77
CA VAL E 120 56.41 2.36 11.03
C VAL E 120 57.75 3.10 11.23
N ASP E 121 57.93 4.12 10.41
CA ASP E 121 59.08 4.95 10.53
C ASP E 121 59.15 5.66 11.85
N HIS E 122 58.03 6.19 12.33
CA HIS E 122 58.01 6.82 13.63
C HIS E 122 58.28 5.80 14.77
N ALA E 123 57.78 4.57 14.65
CA ALA E 123 58.03 3.57 15.65
C ALA E 123 59.56 3.27 15.72
N ILE E 124 60.22 3.19 14.60
CA ILE E 124 61.71 3.03 14.60
C ILE E 124 62.41 4.19 15.29
N LYS E 125 62.03 5.39 14.96
CA LYS E 125 62.63 6.58 15.55
C LYS E 125 62.42 6.69 17.02
N SER E 126 61.27 6.32 17.52
CA SER E 126 61.02 6.42 18.91
C SER E 126 61.37 5.14 19.64
N LYS E 127 62.00 4.17 18.99
CA LYS E 127 62.32 2.88 19.61
C LYS E 127 61.17 2.14 20.16
N ASP E 128 59.98 2.30 19.54
CA ASP E 128 58.83 1.57 19.94
C ASP E 128 58.74 0.26 19.14
N HIS E 129 59.52 -0.73 19.56
CA HIS E 129 59.59 -1.96 18.82
C HIS E 129 58.45 -2.89 18.98
N ALA E 130 57.71 -2.76 20.06
CA ALA E 130 56.51 -3.53 20.19
C ALA E 130 55.52 -3.10 19.16
N THR E 131 55.40 -1.80 18.97
CA THR E 131 54.46 -1.30 17.95
C THR E 131 54.94 -1.62 16.52
N PHE E 132 56.24 -1.49 16.26
CA PHE E 132 56.83 -1.95 14.98
C PHE E 132 56.43 -3.38 14.69
N ASN E 133 56.61 -4.25 15.68
CA ASN E 133 56.27 -5.67 15.55
C ASN E 133 54.78 -5.90 15.27
N PHE E 134 53.95 -5.18 15.99
CA PHE E 134 52.53 -5.28 15.75
C PHE E 134 52.09 -4.90 14.35
N LEU E 135 52.65 -3.84 13.85
CA LEU E 135 52.29 -3.33 12.57
C LEU E 135 52.68 -4.22 11.34
N GLN E 136 53.47 -5.25 11.53
CA GLN E 136 53.97 -6.01 10.37
C GLN E 136 52.86 -6.72 9.61
N TRP E 137 51.86 -7.30 10.30
CA TRP E 137 50.74 -7.91 9.59
C TRP E 137 50.10 -6.85 8.68
N TYR E 138 50.04 -5.62 9.13
CA TYR E 138 49.32 -4.57 8.46
C TYR E 138 50.12 -4.07 7.25
N VAL E 139 51.43 -3.91 7.41
CA VAL E 139 52.30 -3.58 6.29
C VAL E 139 52.16 -4.63 5.16
N SER E 140 52.18 -5.88 5.55
CA SER E 140 52.13 -6.98 4.62
C SER E 140 50.75 -7.06 3.92
N GLU E 141 49.65 -6.99 4.67
CA GLU E 141 48.32 -7.03 4.08
C GLU E 141 48.05 -5.86 3.18
N GLN E 142 48.52 -4.68 3.59
CA GLN E 142 48.31 -3.50 2.79
C GLN E 142 49.05 -3.61 1.48
N HIS E 143 50.25 -4.13 1.52
CA HIS E 143 51.00 -4.30 0.31
C HIS E 143 50.31 -5.24 -0.69
N GLU E 144 49.78 -6.36 -0.20
CA GLU E 144 49.00 -7.26 -1.02
C GLU E 144 47.78 -6.55 -1.64
N GLU E 145 47.12 -5.70 -0.86
CA GLU E 145 45.97 -4.95 -1.39
C GLU E 145 46.35 -3.95 -2.47
N GLU E 146 47.43 -3.24 -2.26
CA GLU E 146 47.90 -2.29 -3.23
C GLU E 146 48.26 -2.95 -4.54
N VAL E 147 48.98 -4.04 -4.45
CA VAL E 147 49.29 -4.82 -5.63
C VAL E 147 48.06 -5.37 -6.36
N LEU E 148 47.09 -5.87 -5.60
CA LEU E 148 45.86 -6.40 -6.18
C LEU E 148 45.12 -5.31 -6.97
N PHE E 149 45.03 -4.09 -6.41
CA PHE E 149 44.40 -3.01 -7.16
C PHE E 149 45.14 -2.62 -8.44
N LYS E 150 46.47 -2.62 -8.38
CA LYS E 150 47.26 -2.40 -9.57
C LYS E 150 46.98 -3.48 -10.62
N ASP E 151 46.95 -4.72 -10.19
CA ASP E 151 46.69 -5.82 -11.14
C ASP E 151 45.29 -5.71 -11.79
N ILE E 152 44.28 -5.35 -11.00
CA ILE E 152 42.94 -5.23 -11.56
C ILE E 152 42.86 -4.07 -12.53
N LEU E 153 43.42 -2.94 -12.12
CA LEU E 153 43.46 -1.78 -13.00
C LEU E 153 44.14 -2.13 -14.33
N ASP E 154 45.26 -2.81 -14.28
CA ASP E 154 45.95 -3.20 -15.48
C ASP E 154 45.13 -4.19 -16.35
N LYS E 155 44.44 -5.14 -15.74
CA LYS E 155 43.57 -6.02 -16.46
C LYS E 155 42.39 -5.29 -17.16
N ILE E 156 41.80 -4.32 -16.48
CA ILE E 156 40.77 -3.49 -17.07
C ILE E 156 41.30 -2.78 -18.28
N GLU E 157 42.53 -2.28 -18.23
CA GLU E 157 43.18 -1.65 -19.40
C GLU E 157 43.55 -2.62 -20.49
N LEU E 158 44.02 -3.81 -20.17
CA LEU E 158 44.27 -4.83 -21.17
C LEU E 158 42.99 -5.25 -21.94
N ILE E 159 41.86 -5.39 -21.24
CA ILE E 159 40.65 -5.84 -21.84
C ILE E 159 40.07 -4.75 -22.73
N GLY E 160 40.03 -3.53 -22.25
CA GLY E 160 39.48 -2.44 -23.02
C GLY E 160 37.98 -2.35 -22.88
N ASN E 161 37.36 -1.30 -23.42
CA ASN E 161 35.87 -1.24 -23.32
C ASN E 161 35.14 -1.27 -24.66
N GLU E 162 35.83 -1.61 -25.73
CA GLU E 162 35.13 -1.81 -26.97
C GLU E 162 34.30 -3.10 -26.85
N ASN E 163 33.15 -3.11 -27.51
CA ASN E 163 32.20 -4.23 -27.52
C ASN E 163 31.77 -4.76 -26.12
N HIS E 164 32.05 -5.99 -25.77
CA HIS E 164 31.73 -6.54 -24.51
C HIS E 164 32.90 -6.54 -23.52
N GLY E 165 33.83 -5.64 -23.73
CA GLY E 165 34.97 -5.46 -22.85
C GLY E 165 34.55 -5.24 -21.39
N LEU E 166 33.57 -4.36 -21.14
CA LEU E 166 33.16 -4.14 -19.77
C LEU E 166 32.61 -5.39 -19.12
N TYR E 167 31.83 -6.16 -19.87
CA TYR E 167 31.37 -7.45 -19.40
C TYR E 167 32.53 -8.37 -19.06
N LEU E 168 33.51 -8.49 -19.96
CA LEU E 168 34.64 -9.37 -19.65
C LEU E 168 35.43 -8.91 -18.41
N ALA E 169 35.63 -7.61 -18.29
CA ALA E 169 36.31 -7.10 -17.10
C ALA E 169 35.54 -7.40 -15.82
N ASP E 170 34.24 -7.18 -15.88
CA ASP E 170 33.40 -7.46 -14.73
C ASP E 170 33.40 -8.94 -14.32
N GLN E 171 33.39 -9.84 -15.30
CA GLN E 171 33.48 -11.27 -15.02
C GLN E 171 34.83 -11.66 -14.48
N TYR E 172 35.88 -11.02 -14.97
CA TYR E 172 37.20 -11.26 -14.42
C TYR E 172 37.26 -10.90 -12.92
N VAL E 173 36.78 -9.71 -12.62
CA VAL E 173 36.80 -9.22 -11.23
C VAL E 173 35.87 -10.08 -10.34
N LYS E 174 34.73 -10.49 -10.86
CA LYS E 174 33.83 -11.38 -10.14
C LYS E 174 34.58 -12.66 -9.71
N GLY E 175 35.36 -13.21 -10.61
CA GLY E 175 36.18 -14.38 -10.33
C GLY E 175 37.22 -14.16 -9.25
N ILE E 176 37.87 -13.00 -9.27
CA ILE E 176 38.79 -12.67 -8.21
C ILE E 176 38.03 -12.58 -6.87
N ALA E 177 36.90 -11.90 -6.84
CA ALA E 177 36.17 -11.76 -5.60
C ALA E 177 35.82 -13.12 -5.00
N LYS E 178 35.36 -14.01 -5.86
CA LYS E 178 34.95 -15.34 -5.44
C LYS E 178 36.15 -16.14 -4.92
N SER E 179 37.29 -16.07 -5.55
CA SER E 179 38.41 -16.86 -5.12
C SER E 179 39.00 -16.29 -3.82
N ARG E 180 38.91 -15.01 -3.56
CA ARG E 180 39.39 -14.49 -2.30
C ARG E 180 38.48 -14.77 -1.10
N LYS E 181 37.23 -15.15 -1.26
CA LYS E 181 36.35 -15.39 -0.08
C LYS E 181 36.59 -16.72 0.65
N MET F 1 8.98 -30.28 57.39
CA MET F 1 10.16 -30.87 58.04
C MET F 1 9.86 -32.21 58.66
N LEU F 2 10.90 -32.95 59.02
CA LEU F 2 10.73 -34.23 59.65
C LEU F 2 10.26 -34.11 61.06
N SER F 3 9.38 -34.97 61.51
CA SER F 3 8.96 -34.94 62.88
C SER F 3 10.08 -35.34 63.88
N LYS F 4 9.88 -34.93 65.15
CA LYS F 4 10.87 -35.11 66.15
C LYS F 4 11.14 -36.61 66.37
N ASP F 5 10.08 -37.39 66.42
CA ASP F 5 10.17 -38.81 66.67
C ASP F 5 10.95 -39.54 65.55
N ILE F 6 10.63 -39.22 64.31
CA ILE F 6 11.31 -39.79 63.20
C ILE F 6 12.77 -39.41 63.15
N ILE F 7 13.08 -38.16 63.45
CA ILE F 7 14.47 -37.72 63.54
C ILE F 7 15.23 -38.55 64.55
N LYS F 8 14.65 -38.75 65.71
CA LYS F 8 15.33 -39.53 66.71
C LYS F 8 15.55 -41.02 66.22
N LEU F 9 14.52 -41.61 65.64
CA LEU F 9 14.65 -42.99 65.12
C LEU F 9 15.70 -43.12 63.99
N LEU F 10 15.74 -42.13 63.08
CA LEU F 10 16.71 -42.10 62.03
C LEU F 10 18.15 -41.98 62.55
N ASN F 11 18.35 -41.11 63.54
CA ASN F 11 19.67 -40.99 64.17
C ASN F 11 20.04 -42.27 64.88
N GLU F 12 19.11 -42.88 65.56
CA GLU F 12 19.39 -44.17 66.19
C GLU F 12 19.78 -45.22 65.12
N GLN F 13 19.15 -45.21 64.00
CA GLN F 13 19.49 -46.12 62.91
C GLN F 13 20.93 -45.92 62.35
N VAL F 14 21.32 -44.66 62.21
CA VAL F 14 22.70 -44.32 61.83
C VAL F 14 23.64 -44.98 62.80
N ASN F 15 23.39 -44.78 64.09
CA ASN F 15 24.23 -45.38 65.16
C ASN F 15 24.24 -46.86 65.16
N LYS F 16 23.12 -47.49 64.88
CA LYS F 16 23.09 -48.93 64.76
C LYS F 16 23.93 -49.41 63.58
N GLU F 17 23.87 -48.74 62.48
CA GLU F 17 24.71 -49.09 61.33
C GLU F 17 26.20 -48.94 61.62
N MET F 18 26.59 -47.89 62.35
CA MET F 18 28.00 -47.71 62.68
C MET F 18 28.42 -48.85 63.64
N ASN F 19 27.57 -49.16 64.60
CA ASN F 19 27.84 -50.24 65.52
C ASN F 19 27.98 -51.59 64.79
N SER F 20 27.08 -51.84 63.82
CA SER F 20 27.18 -53.07 63.01
C SER F 20 28.46 -53.15 62.27
N SER F 21 28.84 -52.08 61.64
CA SER F 21 30.07 -52.05 60.91
C SER F 21 31.24 -52.49 61.80
N ASN F 22 31.32 -51.93 63.02
CA ASN F 22 32.39 -52.34 63.90
C ASN F 22 32.34 -53.77 64.33
N LEU F 23 31.14 -54.24 64.61
CA LEU F 23 30.98 -55.64 65.00
C LEU F 23 31.47 -56.57 63.86
N TYR F 24 31.08 -56.27 62.62
CA TYR F 24 31.51 -57.13 61.54
C TYR F 24 33.02 -57.01 61.24
N MET F 25 33.65 -55.90 61.51
CA MET F 25 35.10 -55.84 61.43
C MET F 25 35.75 -56.72 62.45
N SER F 26 35.19 -56.74 63.66
CA SER F 26 35.73 -57.62 64.69
C SER F 26 35.54 -59.10 64.32
N MET F 27 34.37 -59.45 63.77
CA MET F 27 34.12 -60.80 63.32
C MET F 27 35.06 -61.19 62.19
N SER F 28 35.33 -60.25 61.29
CA SER F 28 36.26 -60.47 60.22
C SER F 28 37.62 -60.81 60.74
N SER F 29 38.08 -60.03 61.72
CA SER F 29 39.38 -60.29 62.30
C SER F 29 39.42 -61.65 63.00
N TRP F 30 38.35 -62.05 63.69
CA TRP F 30 38.32 -63.39 64.32
C TRP F 30 38.54 -64.45 63.24
N CYS F 31 37.89 -64.29 62.08
CA CYS F 31 38.07 -65.25 60.99
C CYS F 31 39.54 -65.36 60.57
N TYR F 32 40.17 -64.24 60.41
CA TYR F 32 41.61 -64.25 60.10
C TYR F 32 42.54 -64.69 61.20
N THR F 33 42.26 -64.44 62.46
CA THR F 33 43.21 -64.69 63.53
C THR F 33 42.63 -65.27 64.89
N GLY F 34 41.32 -65.62 64.94
CA GLY F 34 40.71 -66.13 66.10
C GLY F 34 41.10 -67.55 66.51
N SER F 48 48.35 -71.35 63.50
CA SER F 48 46.92 -71.74 63.55
C SER F 48 46.39 -71.85 62.11
N TYR F 49 45.26 -71.18 61.84
CA TYR F 49 44.67 -71.06 60.47
C TYR F 49 43.72 -69.84 60.29
N SER F 50 43.63 -69.35 59.08
CA SER F 50 42.95 -68.24 58.62
C SER F 50 41.73 -68.73 57.87
N LEU F 51 40.55 -68.19 58.18
CA LEU F 51 39.37 -68.34 57.36
C LEU F 51 39.24 -67.07 56.55
N ASP F 52 40.02 -66.93 55.49
CA ASP F 52 40.07 -65.68 54.74
C ASP F 52 38.89 -65.46 53.86
N GLY F 53 38.18 -66.52 53.48
CA GLY F 53 36.95 -66.38 52.73
C GLY F 53 35.89 -65.68 53.58
N CYS F 54 35.67 -66.22 54.74
CA CYS F 54 34.74 -65.62 55.67
C CYS F 54 35.21 -64.25 56.13
N GLY F 55 36.51 -64.12 56.37
CA GLY F 55 37.10 -62.86 56.75
C GLY F 55 36.86 -61.75 55.73
N THR F 56 37.06 -62.07 54.46
CA THR F 56 36.79 -61.11 53.38
C THR F 56 35.34 -60.76 53.25
N PHE F 57 34.49 -61.77 53.32
CA PHE F 57 33.07 -61.54 53.24
C PHE F 57 32.60 -60.61 54.38
N LEU F 58 33.01 -60.87 55.60
CA LEU F 58 32.57 -60.05 56.73
C LEU F 58 33.10 -58.63 56.68
N PHE F 59 34.35 -58.46 56.23
CA PHE F 59 34.94 -57.14 56.01
C PHE F 59 34.09 -56.37 55.01
N ASP F 60 33.79 -57.00 53.90
CA ASP F 60 32.99 -56.35 52.88
C ASP F 60 31.60 -56.04 53.37
N HIS F 61 31.01 -56.90 54.17
CA HIS F 61 29.73 -56.60 54.75
C HIS F 61 29.82 -55.43 55.73
N ALA F 62 30.86 -55.38 56.54
CA ALA F 62 31.10 -54.22 57.41
C ALA F 62 31.13 -52.89 56.62
N ALA F 63 31.84 -52.90 55.51
CA ALA F 63 31.92 -51.72 54.66
C ALA F 63 30.61 -51.31 54.10
N GLU F 64 29.80 -52.28 53.74
CA GLU F 64 28.44 -52.03 53.23
C GLU F 64 27.53 -51.39 54.31
N GLU F 65 27.67 -51.85 55.54
CA GLU F 65 26.88 -51.26 56.61
C GLU F 65 27.28 -49.79 56.79
N TYR F 66 28.55 -49.47 56.69
CA TYR F 66 28.95 -48.10 56.73
C TYR F 66 28.40 -47.28 55.58
N GLU F 67 28.30 -47.85 54.41
CA GLU F 67 27.64 -47.21 53.29
C GLU F 67 26.16 -46.88 53.58
N HIS F 68 25.48 -47.77 54.29
CA HIS F 68 24.11 -47.48 54.70
C HIS F 68 24.07 -46.32 55.68
N ALA F 69 25.00 -46.28 56.66
CA ALA F 69 25.09 -45.16 57.57
C ALA F 69 25.28 -43.86 56.82
N LYS F 70 26.17 -43.84 55.85
CA LYS F 70 26.42 -42.64 55.07
C LYS F 70 25.18 -42.14 54.31
N LYS F 71 24.42 -43.04 53.71
CA LYS F 71 23.21 -42.71 52.98
C LYS F 71 22.18 -42.09 53.89
N LEU F 72 22.05 -42.62 55.08
CA LEU F 72 21.15 -42.06 56.05
C LEU F 72 21.60 -40.64 56.52
N ILE F 73 22.90 -40.45 56.74
CA ILE F 73 23.44 -39.17 57.13
C ILE F 73 23.19 -38.12 56.01
N VAL F 74 23.38 -38.49 54.76
CA VAL F 74 23.08 -37.58 53.64
C VAL F 74 21.63 -37.11 53.68
N PHE F 75 20.72 -38.04 53.90
CA PHE F 75 19.31 -37.71 54.02
C PHE F 75 19.05 -36.73 55.18
N LEU F 76 19.64 -36.97 56.32
CA LEU F 76 19.49 -36.06 57.45
C LEU F 76 20.08 -34.65 57.15
N ASN F 77 21.29 -34.60 56.59
CA ASN F 77 21.91 -33.32 56.23
C ASN F 77 21.02 -32.55 55.23
N GLU F 78 20.55 -33.25 54.21
CA GLU F 78 19.74 -32.62 53.15
C GLU F 78 18.38 -32.19 53.65
N ASN F 79 17.83 -32.81 54.70
CA ASN F 79 16.63 -32.41 55.32
C ASN F 79 16.80 -31.40 56.48
N ASN F 80 18.01 -30.91 56.65
CA ASN F 80 18.32 -29.95 57.67
C ASN F 80 18.12 -30.45 59.09
N VAL F 81 18.39 -31.70 59.37
CA VAL F 81 18.17 -32.29 60.68
C VAL F 81 19.59 -32.58 61.28
N PRO F 82 19.78 -32.27 62.53
CA PRO F 82 21.03 -32.59 63.19
C PRO F 82 21.33 -34.09 63.30
N VAL F 83 22.53 -34.50 62.99
CA VAL F 83 22.98 -35.85 63.09
C VAL F 83 23.59 -35.95 64.49
N GLN F 84 23.21 -36.91 65.30
CA GLN F 84 23.76 -37.03 66.65
C GLN F 84 24.42 -38.38 66.81
N LEU F 85 25.71 -38.40 66.60
CA LEU F 85 26.44 -39.65 66.65
C LEU F 85 26.76 -40.01 68.10
N THR F 86 26.55 -41.23 68.47
CA THR F 86 26.81 -41.71 69.84
C THR F 86 28.06 -42.50 69.86
N SER F 87 28.49 -42.87 71.03
CA SER F 87 29.66 -43.72 71.14
C SER F 87 29.33 -45.08 70.53
N ILE F 88 30.34 -45.70 69.92
CA ILE F 88 30.16 -47.03 69.33
C ILE F 88 30.81 -47.98 70.31
N SER F 89 30.00 -48.91 70.84
CA SER F 89 30.48 -49.79 71.93
C SER F 89 31.56 -50.74 71.41
N ALA F 90 32.52 -51.10 72.24
CA ALA F 90 33.52 -52.06 71.81
C ALA F 90 32.83 -53.37 71.44
N PRO F 91 33.18 -53.92 70.26
CA PRO F 91 32.40 -55.10 69.83
C PRO F 91 32.88 -56.33 70.50
N GLU F 92 32.07 -57.37 70.50
CA GLU F 92 32.57 -58.72 70.92
C GLU F 92 33.73 -59.12 70.01
N HIS F 93 34.73 -59.72 70.57
CA HIS F 93 35.93 -60.13 69.87
C HIS F 93 36.23 -61.64 70.04
N LYS F 94 35.62 -62.33 70.98
CA LYS F 94 35.87 -63.79 71.18
C LYS F 94 34.69 -64.56 70.75
N PHE F 95 34.89 -65.56 69.96
CA PHE F 95 33.83 -66.38 69.47
C PHE F 95 34.28 -67.84 69.55
N GLU F 96 33.29 -68.70 69.64
CA GLU F 96 33.56 -70.11 69.88
C GLU F 96 33.85 -70.86 68.60
N GLY F 97 33.39 -70.39 67.45
CA GLY F 97 33.61 -71.14 66.24
C GLY F 97 32.84 -70.50 65.10
N LEU F 98 32.98 -71.11 63.92
CA LEU F 98 32.45 -70.48 62.70
C LEU F 98 30.92 -70.50 62.71
N THR F 99 30.31 -71.61 63.11
CA THR F 99 28.87 -71.62 63.26
C THR F 99 28.36 -70.56 64.19
N GLN F 100 29.00 -70.42 65.31
CA GLN F 100 28.53 -69.50 66.32
C GLN F 100 28.63 -68.03 65.84
N ILE F 101 29.73 -67.72 65.14
CA ILE F 101 29.87 -66.40 64.61
C ILE F 101 28.76 -66.07 63.61
N PHE F 102 28.45 -66.98 62.71
CA PHE F 102 27.38 -66.73 61.76
C PHE F 102 26.00 -66.77 62.37
N GLN F 103 25.84 -67.53 63.44
CA GLN F 103 24.57 -67.50 64.20
C GLN F 103 24.40 -66.14 64.84
N LYS F 104 25.44 -65.58 65.45
CA LYS F 104 25.35 -64.24 66.02
C LYS F 104 25.08 -63.19 64.97
N ALA F 105 25.78 -63.32 63.85
CA ALA F 105 25.60 -62.38 62.74
C ALA F 105 24.18 -62.41 62.22
N TYR F 106 23.66 -63.59 62.00
CA TYR F 106 22.29 -63.71 61.54
C TYR F 106 21.28 -63.13 62.51
N GLU F 107 21.41 -63.44 63.78
CA GLU F 107 20.55 -62.82 64.78
C GLU F 107 20.67 -61.31 64.81
N HIS F 108 21.86 -60.82 64.65
CA HIS F 108 22.07 -59.40 64.55
C HIS F 108 21.33 -58.77 63.34
N GLU F 109 21.46 -59.43 62.17
CA GLU F 109 20.73 -58.94 61.01
C GLU F 109 19.21 -58.99 61.21
N GLN F 110 18.69 -60.00 61.88
CA GLN F 110 17.26 -60.00 62.20
C GLN F 110 16.88 -58.82 63.06
N HIS F 111 17.71 -58.50 64.05
CA HIS F 111 17.45 -57.31 64.89
C HIS F 111 17.45 -56.02 64.04
N ILE F 112 18.39 -55.88 63.12
CA ILE F 112 18.44 -54.69 62.27
C ILE F 112 17.15 -54.63 61.40
N SER F 113 16.76 -55.76 60.83
CA SER F 113 15.48 -55.80 60.07
C SER F 113 14.31 -55.32 60.87
N GLU F 114 14.22 -55.76 62.12
CA GLU F 114 13.15 -55.37 63.02
C GLU F 114 13.21 -53.84 63.30
N SER F 115 14.41 -53.32 63.51
CA SER F 115 14.55 -51.92 63.78
C SER F 115 14.13 -51.06 62.58
N ILE F 116 14.40 -51.49 61.37
CA ILE F 116 13.93 -50.81 60.19
C ILE F 116 12.40 -50.90 60.06
N ASN F 117 11.84 -52.08 60.28
CA ASN F 117 10.41 -52.20 60.28
C ASN F 117 9.75 -51.23 61.26
N ASN F 118 10.33 -51.02 62.44
CA ASN F 118 9.80 -50.11 63.40
C ASN F 118 9.78 -48.68 62.88
N ILE F 119 10.83 -48.24 62.17
CA ILE F 119 10.84 -46.91 61.68
C ILE F 119 9.80 -46.75 60.62
N VAL F 120 9.70 -47.71 59.74
CA VAL F 120 8.75 -47.62 58.61
C VAL F 120 7.35 -47.59 59.10
N ASP F 121 7.11 -48.38 60.11
CA ASP F 121 5.79 -48.39 60.77
C ASP F 121 5.47 -47.08 61.35
N HIS F 122 6.44 -46.48 62.01
CA HIS F 122 6.25 -45.18 62.57
C HIS F 122 5.97 -44.12 61.51
N ALA F 123 6.67 -44.15 60.39
CA ALA F 123 6.49 -43.21 59.30
C ALA F 123 5.05 -43.30 58.79
N ILE F 124 4.51 -44.52 58.63
CA ILE F 124 3.10 -44.66 58.23
C ILE F 124 2.15 -43.99 59.24
N LYS F 125 2.36 -44.29 60.52
CA LYS F 125 1.50 -43.76 61.55
C LYS F 125 1.57 -42.28 61.67
N SER F 126 2.70 -41.66 61.49
CA SER F 126 2.79 -40.26 61.63
C SER F 126 2.62 -39.57 60.30
N LYS F 127 2.22 -40.26 59.23
CA LYS F 127 2.09 -39.62 57.95
C LYS F 127 3.30 -39.01 57.38
N ASP F 128 4.50 -39.48 57.72
CA ASP F 128 5.70 -38.97 57.03
C ASP F 128 5.98 -39.86 55.86
N HIS F 129 5.31 -39.60 54.79
CA HIS F 129 5.44 -40.45 53.61
C HIS F 129 6.66 -40.21 52.79
N ALA F 130 7.26 -39.02 52.91
CA ALA F 130 8.49 -38.81 52.23
C ALA F 130 9.58 -39.69 52.82
N THR F 131 9.57 -39.79 54.15
CA THR F 131 10.54 -40.66 54.79
C THR F 131 10.29 -42.16 54.50
N PHE F 132 9.02 -42.57 54.54
CA PHE F 132 8.62 -43.92 54.12
C PHE F 132 9.21 -44.23 52.75
N ASN F 133 8.99 -43.34 51.81
CA ASN F 133 9.45 -43.52 50.44
C ASN F 133 10.97 -43.63 50.33
N PHE F 134 11.65 -42.75 51.06
CA PHE F 134 13.10 -42.81 51.07
C PHE F 134 13.66 -44.11 51.60
N LEU F 135 13.07 -44.63 52.64
CA LEU F 135 13.56 -45.81 53.28
C LEU F 135 13.39 -47.13 52.48
N GLN F 136 12.70 -47.11 51.35
CA GLN F 136 12.44 -48.37 50.64
C GLN F 136 13.72 -49.06 50.14
N TRP F 137 14.70 -48.31 49.65
CA TRP F 137 15.96 -48.91 49.26
C TRP F 137 16.56 -49.67 50.46
N TYR F 138 16.39 -49.15 51.66
CA TYR F 138 17.01 -49.68 52.83
C TYR F 138 16.29 -50.91 53.31
N VAL F 139 14.95 -50.89 53.29
CA VAL F 139 14.15 -52.07 53.58
C VAL F 139 14.56 -53.25 52.67
N SER F 140 14.68 -52.95 51.39
CA SER F 140 14.98 -53.93 50.39
C SER F 140 16.40 -54.50 50.55
N GLU F 141 17.39 -53.63 50.69
CA GLU F 141 18.79 -54.08 50.86
C GLU F 141 18.96 -54.87 52.13
N GLN F 142 18.32 -54.42 53.21
CA GLN F 142 18.47 -55.14 54.47
C GLN F 142 17.86 -56.52 54.38
N HIS F 143 16.73 -56.61 53.70
CA HIS F 143 16.14 -57.93 53.56
C HIS F 143 17.06 -58.91 52.80
N GLU F 144 17.66 -58.46 51.71
CA GLU F 144 18.64 -59.25 50.98
C GLU F 144 19.83 -59.67 51.88
N GLU F 145 20.28 -58.75 52.75
CA GLU F 145 21.36 -59.09 53.68
C GLU F 145 20.99 -60.14 54.71
N GLU F 146 19.80 -60.01 55.26
CA GLU F 146 19.33 -60.96 56.22
C GLU F 146 19.22 -62.33 55.62
N VAL F 147 18.63 -62.42 54.46
CA VAL F 147 18.55 -63.68 53.74
C VAL F 147 19.91 -64.28 53.39
N LEU F 148 20.84 -63.46 52.97
CA LEU F 148 22.19 -63.91 52.64
C LEU F 148 22.86 -64.54 53.89
N PHE F 149 22.74 -63.91 55.05
CA PHE F 149 23.28 -64.48 56.26
C PHE F 149 22.65 -65.80 56.68
N LYS F 150 21.33 -65.89 56.51
CA LYS F 150 20.64 -67.16 56.73
C LYS F 150 21.16 -68.24 55.79
N ASP F 151 21.32 -67.90 54.52
CA ASP F 151 21.83 -68.88 53.55
C ASP F 151 23.26 -69.37 53.90
N ILE F 152 24.13 -68.45 54.31
CA ILE F 152 25.48 -68.83 54.66
C ILE F 152 25.51 -69.69 55.89
N LEU F 153 24.76 -69.28 56.91
CA LEU F 153 24.67 -70.06 58.13
C LEU F 153 24.19 -71.47 57.84
N ASP F 154 23.14 -71.60 57.03
CA ASP F 154 22.65 -72.91 56.67
C ASP F 154 23.67 -73.75 55.88
N LYS F 155 24.40 -73.15 54.99
CA LYS F 155 25.44 -73.83 54.25
C LYS F 155 26.58 -74.33 55.16
N ILE F 156 27.00 -73.51 56.12
CA ILE F 156 27.98 -73.90 57.10
C ILE F 156 27.50 -75.13 57.86
N GLU F 157 26.22 -75.15 58.21
CA GLU F 157 25.60 -76.29 58.87
C GLU F 157 25.52 -77.55 57.96
N LEU F 158 25.13 -77.38 56.72
CA LEU F 158 25.12 -78.46 55.76
C LEU F 158 26.50 -79.10 55.54
N ILE F 159 27.54 -78.31 55.45
CA ILE F 159 28.88 -78.79 55.17
C ILE F 159 29.41 -79.54 56.39
N GLY F 160 29.26 -78.97 57.58
CA GLY F 160 29.77 -79.62 58.74
C GLY F 160 31.21 -79.32 58.99
N ASN F 161 31.75 -79.77 60.12
CA ASN F 161 33.21 -79.51 60.36
C ASN F 161 34.06 -80.77 60.50
N GLU F 162 33.55 -81.93 60.14
CA GLU F 162 34.44 -83.07 60.12
C GLU F 162 35.39 -82.91 58.94
N ASN F 163 36.59 -83.47 59.08
CA ASN F 163 37.64 -83.41 58.08
C ASN F 163 37.96 -81.99 57.54
N HIS F 164 37.80 -81.72 56.26
CA HIS F 164 38.05 -80.43 55.66
C HIS F 164 36.79 -79.60 55.45
N GLY F 165 35.80 -79.86 56.27
CA GLY F 165 34.55 -79.13 56.24
C GLY F 165 34.77 -77.61 56.39
N LEU F 166 35.61 -77.18 57.35
CA LEU F 166 35.85 -75.76 57.50
C LEU F 166 36.44 -75.14 56.26
N TYR F 167 37.40 -75.83 55.65
CA TYR F 167 37.93 -75.39 54.37
C TYR F 167 36.86 -75.26 53.33
N LEU F 168 36.00 -76.27 53.16
CA LEU F 168 34.96 -76.17 52.17
C LEU F 168 34.02 -74.98 52.43
N ALA F 169 33.64 -74.80 53.68
CA ALA F 169 32.77 -73.70 54.04
C ALA F 169 33.42 -72.33 53.71
N ASP F 170 34.69 -72.21 54.08
CA ASP F 170 35.43 -70.99 53.80
C ASP F 170 35.55 -70.68 52.31
N GLN F 171 35.78 -71.70 51.49
CA GLN F 171 35.84 -71.54 50.05
C GLN F 171 34.46 -71.18 49.46
N TYR F 172 33.41 -71.76 50.01
CA TYR F 172 32.08 -71.38 49.60
C TYR F 172 31.81 -69.86 49.83
N VAL F 173 32.11 -69.41 51.03
CA VAL F 173 31.89 -68.01 51.39
C VAL F 173 32.82 -67.08 50.57
N LYS F 174 34.07 -67.50 50.34
CA LYS F 174 34.97 -66.77 49.49
C LYS F 174 34.35 -66.51 48.12
N GLY F 175 33.73 -67.54 47.55
CA GLY F 175 33.02 -67.44 46.27
C GLY F 175 31.86 -66.44 46.30
N ILE F 176 31.10 -66.42 47.39
CA ILE F 176 30.05 -65.47 47.52
C ILE F 176 30.67 -64.06 47.59
N ALA F 177 31.70 -63.85 48.38
CA ALA F 177 32.27 -62.54 48.52
C ALA F 177 32.75 -62.00 47.14
N LYS F 178 33.40 -62.87 46.39
CA LYS F 178 33.92 -62.50 45.08
C LYS F 178 32.79 -62.17 44.11
N SER F 179 31.71 -62.92 44.10
CA SER F 179 30.65 -62.66 43.15
C SER F 179 29.88 -61.39 43.53
N ARG F 180 29.78 -61.02 44.79
CA ARG F 180 29.11 -59.80 45.13
C ARG F 180 29.93 -58.53 44.87
N LYS F 181 31.23 -58.58 44.65
CA LYS F 181 32.01 -57.33 44.41
C LYS F 181 31.86 -56.74 42.99
N MET G 1 -30.84 -16.47 -9.15
CA MET G 1 -32.14 -16.18 -8.47
C MET G 1 -32.00 -14.76 -8.04
N LEU G 2 -33.16 -14.12 -7.86
CA LEU G 2 -33.13 -12.82 -7.27
C LEU G 2 -32.70 -12.91 -5.78
N SER G 3 -31.94 -11.93 -5.37
CA SER G 3 -31.65 -11.78 -3.99
C SER G 3 -32.86 -11.42 -3.12
N LYS G 4 -32.73 -11.69 -1.81
CA LYS G 4 -33.82 -11.45 -0.89
C LYS G 4 -34.11 -9.93 -0.85
N ASP G 5 -33.07 -9.12 -0.82
CA ASP G 5 -33.24 -7.70 -0.78
C ASP G 5 -33.95 -7.13 -2.03
N ILE G 6 -33.59 -7.60 -3.21
CA ILE G 6 -34.17 -7.18 -4.45
C ILE G 6 -35.64 -7.61 -4.48
N ILE G 7 -35.95 -8.82 -4.05
CA ILE G 7 -37.33 -9.26 -3.97
C ILE G 7 -38.15 -8.36 -3.09
N LYS G 8 -37.63 -8.03 -1.93
CA LYS G 8 -38.35 -7.13 -1.05
C LYS G 8 -38.57 -5.74 -1.69
N LEU G 9 -37.55 -5.18 -2.30
CA LEU G 9 -37.67 -3.86 -2.93
C LEU G 9 -38.62 -3.87 -4.13
N LEU G 10 -38.62 -4.92 -4.93
CA LEU G 10 -39.53 -5.04 -6.04
C LEU G 10 -41.00 -5.14 -5.55
N ASN G 11 -41.24 -5.92 -4.51
CA ASN G 11 -42.54 -6.01 -3.93
C ASN G 11 -43.02 -4.69 -3.35
N GLU G 12 -42.10 -4.00 -2.66
CA GLU G 12 -42.43 -2.68 -2.18
C GLU G 12 -42.79 -1.74 -3.34
N GLN G 13 -42.06 -1.81 -4.45
CA GLN G 13 -42.35 -0.96 -5.60
C GLN G 13 -43.71 -1.23 -6.22
N VAL G 14 -44.16 -2.49 -6.28
CA VAL G 14 -45.49 -2.83 -6.73
C VAL G 14 -46.50 -2.04 -5.91
N ASN G 15 -46.37 -2.14 -4.58
CA ASN G 15 -47.28 -1.47 -3.68
C ASN G 15 -47.22 0.07 -3.81
N LYS G 16 -46.02 0.61 -4.00
CA LYS G 16 -45.89 2.03 -4.21
C LYS G 16 -46.58 2.50 -5.51
N GLU G 17 -46.46 1.72 -6.58
CA GLU G 17 -47.14 2.08 -7.81
C GLU G 17 -48.64 2.02 -7.67
N MET G 18 -49.18 1.06 -6.93
CA MET G 18 -50.63 1.01 -6.75
C MET G 18 -51.08 2.21 -5.92
N ASN G 19 -50.31 2.55 -4.88
CA ASN G 19 -50.58 3.72 -4.10
C ASN G 19 -50.55 5.04 -4.95
N SER G 20 -49.56 5.13 -5.83
CA SER G 20 -49.49 6.28 -6.75
C SER G 20 -50.66 6.39 -7.65
N SER G 21 -51.05 5.28 -8.22
CA SER G 21 -52.22 5.24 -9.08
C SER G 21 -53.42 5.82 -8.35
N ASN G 22 -53.66 5.38 -7.11
CA ASN G 22 -54.80 5.90 -6.37
C ASN G 22 -54.68 7.37 -6.06
N LEU G 23 -53.51 7.81 -5.72
CA LEU G 23 -53.27 9.20 -5.46
C LEU G 23 -53.62 10.05 -6.70
N TYR G 24 -53.15 9.64 -7.87
CA TYR G 24 -53.45 10.39 -9.08
C TYR G 24 -54.93 10.35 -9.47
N MET G 25 -55.66 9.25 -9.18
CA MET G 25 -57.07 9.26 -9.37
C MET G 25 -57.76 10.27 -8.47
N SER G 26 -57.31 10.37 -7.22
CA SER G 26 -57.87 11.32 -6.31
C SER G 26 -57.59 12.77 -6.75
N MET G 27 -56.38 13.03 -7.23
CA MET G 27 -56.03 14.34 -7.76
C MET G 27 -56.90 14.67 -8.99
N SER G 28 -57.13 13.68 -9.83
CA SER G 28 -57.96 13.86 -10.98
C SER G 28 -59.35 14.27 -10.59
N SER G 29 -59.93 13.59 -9.59
CA SER G 29 -61.22 13.90 -9.13
C SER G 29 -61.28 15.32 -8.53
N TRP G 30 -60.25 15.73 -7.79
CA TRP G 30 -60.21 17.10 -7.27
C TRP G 30 -60.29 18.10 -8.41
N CYS G 31 -59.59 17.84 -9.52
CA CYS G 31 -59.67 18.72 -10.68
C CYS G 31 -61.06 18.85 -11.22
N TYR G 32 -61.73 17.74 -11.37
CA TYR G 32 -63.15 17.78 -11.78
C TYR G 32 -64.11 18.34 -10.78
N THR G 33 -63.94 18.17 -9.51
CA THR G 33 -64.93 18.60 -8.50
C THR G 33 -64.43 19.23 -7.17
N GLY G 34 -63.14 19.49 -7.01
CA GLY G 34 -62.50 20.09 -5.82
C GLY G 34 -62.58 19.29 -4.52
N SER G 46 -59.96 27.91 -7.41
CA SER G 46 -59.31 26.68 -7.88
C SER G 46 -60.23 25.46 -7.62
N SER G 47 -60.55 25.16 -6.34
CA SER G 47 -61.23 23.90 -5.89
C SER G 47 -62.70 23.79 -6.37
N SER G 48 -63.32 24.97 -6.52
CA SER G 48 -64.72 25.03 -6.93
C SER G 48 -64.96 24.88 -8.42
N TYR G 49 -63.91 24.97 -9.26
CA TYR G 49 -64.07 24.91 -10.76
C TYR G 49 -63.94 23.50 -11.36
N SER G 50 -64.59 23.18 -12.53
CA SER G 50 -64.19 21.97 -13.30
C SER G 50 -62.94 22.11 -14.24
N LEU G 51 -61.82 21.56 -13.83
CA LEU G 51 -60.58 21.60 -14.59
C LEU G 51 -60.44 20.26 -15.28
N ASP G 52 -61.15 20.07 -16.38
CA ASP G 52 -61.21 18.77 -17.04
C ASP G 52 -59.98 18.44 -17.83
N GLY G 53 -59.20 19.44 -18.23
CA GLY G 53 -57.94 19.18 -18.89
C GLY G 53 -56.95 18.52 -17.94
N CYS G 54 -56.80 19.14 -16.78
CA CYS G 54 -55.96 18.55 -15.77
C CYS G 54 -56.51 17.25 -15.25
N GLY G 55 -57.82 17.21 -15.07
CA GLY G 55 -58.50 15.98 -14.64
C GLY G 55 -58.22 14.80 -15.56
N THR G 56 -58.32 15.03 -16.88
CA THR G 56 -58.02 13.98 -17.84
C THR G 56 -56.59 13.55 -17.84
N PHE G 57 -55.70 14.52 -17.80
CA PHE G 57 -54.30 14.24 -17.77
C PHE G 57 -53.94 13.36 -16.54
N LEU G 58 -54.44 13.74 -15.36
CA LEU G 58 -54.09 13.00 -14.17
C LEU G 58 -54.70 11.60 -14.15
N PHE G 59 -55.91 11.45 -14.65
CA PHE G 59 -56.54 10.14 -14.85
C PHE G 59 -55.69 9.25 -15.70
N ASP G 60 -55.26 9.78 -16.83
CA ASP G 60 -54.42 9.01 -17.72
C ASP G 60 -53.10 8.65 -17.07
N HIS G 61 -52.53 9.57 -16.29
CA HIS G 61 -51.31 9.26 -15.61
C HIS G 61 -51.53 8.18 -14.54
N ALA G 62 -52.63 8.25 -13.82
CA ALA G 62 -52.98 7.18 -12.88
C ALA G 62 -53.03 5.81 -13.51
N ALA G 63 -53.68 5.70 -14.67
CA ALA G 63 -53.78 4.45 -15.39
C ALA G 63 -52.38 3.95 -15.79
N GLU G 64 -51.53 4.83 -16.22
CA GLU G 64 -50.17 4.48 -16.58
C GLU G 64 -49.38 3.95 -15.37
N GLU G 65 -49.56 4.53 -14.20
CA GLU G 65 -48.88 4.03 -13.03
C GLU G 65 -49.35 2.61 -12.73
N TYR G 66 -50.63 2.33 -12.89
CA TYR G 66 -51.09 1.00 -12.70
C TYR G 66 -50.51 0.02 -13.70
N GLU G 67 -50.31 0.45 -14.92
CA GLU G 67 -49.59 -0.36 -15.91
C GLU G 67 -48.15 -0.67 -15.44
N HIS G 68 -47.48 0.25 -14.79
CA HIS G 68 -46.16 -0.03 -14.20
C HIS G 68 -46.26 -1.09 -13.14
N ALA G 69 -47.26 -1.01 -12.25
CA ALA G 69 -47.48 -2.06 -11.28
C ALA G 69 -47.68 -3.42 -11.94
N LYS G 70 -48.48 -3.47 -12.96
CA LYS G 70 -48.72 -4.71 -13.69
C LYS G 70 -47.46 -5.31 -14.31
N LYS G 71 -46.63 -4.49 -14.90
CA LYS G 71 -45.39 -4.96 -15.49
C LYS G 71 -44.45 -5.52 -14.47
N LEU G 72 -44.38 -4.92 -13.30
CA LEU G 72 -43.63 -5.48 -12.22
C LEU G 72 -44.15 -6.84 -11.70
N ILE G 73 -45.49 -6.96 -11.61
CA ILE G 73 -46.10 -8.18 -11.20
C ILE G 73 -45.79 -9.32 -12.22
N VAL G 74 -45.88 -9.00 -13.50
CA VAL G 74 -45.53 -9.99 -14.55
C VAL G 74 -44.10 -10.49 -14.36
N PHE G 75 -43.19 -9.59 -14.11
CA PHE G 75 -41.80 -9.95 -13.88
C PHE G 75 -41.64 -10.84 -12.66
N LEU G 76 -42.30 -10.53 -11.57
CA LEU G 76 -42.24 -11.39 -10.40
C LEU G 76 -42.83 -12.77 -10.68
N ASN G 77 -44.00 -12.84 -11.29
CA ASN G 77 -44.66 -14.11 -11.61
C ASN G 77 -43.71 -14.97 -12.51
N GLU G 78 -43.16 -14.32 -13.55
CA GLU G 78 -42.30 -15.03 -14.51
C GLU G 78 -41.00 -15.50 -13.90
N ASN G 79 -40.51 -14.82 -12.87
CA ASN G 79 -39.34 -15.22 -12.16
C ASN G 79 -39.60 -16.12 -10.95
N ASN G 80 -40.86 -16.58 -10.80
CA ASN G 80 -41.19 -17.42 -9.69
C ASN G 80 -40.98 -16.79 -8.29
N VAL G 81 -41.23 -15.50 -8.15
CA VAL G 81 -41.07 -14.82 -6.87
C VAL G 81 -42.49 -14.47 -6.38
N PRO G 82 -42.84 -14.80 -5.13
CA PRO G 82 -44.16 -14.48 -4.62
C PRO G 82 -44.36 -12.93 -4.54
N VAL G 83 -45.56 -12.51 -4.95
CA VAL G 83 -45.94 -11.14 -4.90
C VAL G 83 -46.57 -10.93 -3.52
N GLN G 84 -46.17 -9.89 -2.79
CA GLN G 84 -46.72 -9.67 -1.44
C GLN G 84 -47.41 -8.34 -1.40
N LEU G 85 -48.69 -8.33 -1.62
CA LEU G 85 -49.47 -7.13 -1.68
C LEU G 85 -49.82 -6.73 -0.23
N THR G 86 -49.62 -5.49 0.12
CA THR G 86 -49.91 -5.01 1.45
C THR G 86 -51.11 -4.13 1.37
N SER G 87 -51.58 -3.62 2.50
CA SER G 87 -52.70 -2.70 2.47
C SER G 87 -52.29 -1.40 1.73
N ILE G 88 -53.14 -0.81 0.93
CA ILE G 88 -52.82 0.35 0.15
C ILE G 88 -53.67 1.45 0.85
N SER G 89 -53.03 2.43 1.44
CA SER G 89 -53.79 3.43 2.25
C SER G 89 -54.62 4.33 1.32
N ALA G 90 -55.77 4.79 1.78
CA ALA G 90 -56.58 5.74 1.05
C ALA G 90 -55.74 6.98 0.74
N PRO G 91 -55.82 7.49 -0.46
CA PRO G 91 -55.03 8.67 -0.82
C PRO G 91 -55.63 9.94 -0.19
N GLU G 92 -54.82 10.95 -0.09
CA GLU G 92 -55.31 12.24 0.32
C GLU G 92 -56.22 12.77 -0.79
N HIS G 93 -57.23 13.49 -0.37
CA HIS G 93 -58.29 14.02 -1.21
C HIS G 93 -58.40 15.57 -1.08
N LYS G 94 -57.71 16.23 -0.19
CA LYS G 94 -57.81 17.68 -0.05
C LYS G 94 -56.65 18.40 -0.56
N PHE G 95 -56.85 19.33 -1.51
CA PHE G 95 -55.70 20.01 -2.04
C PHE G 95 -56.05 21.50 -2.07
N GLU G 96 -55.02 22.31 -2.02
CA GLU G 96 -55.20 23.75 -1.80
C GLU G 96 -55.45 24.48 -3.09
N GLY G 97 -55.00 24.00 -4.22
CA GLY G 97 -55.16 24.71 -5.47
C GLY G 97 -54.37 23.98 -6.56
N LEU G 98 -54.40 24.49 -7.78
CA LEU G 98 -53.84 23.84 -8.92
C LEU G 98 -52.33 23.77 -8.86
N THR G 99 -51.67 24.88 -8.50
CA THR G 99 -50.25 24.84 -8.29
C THR G 99 -49.83 23.83 -7.25
N GLN G 100 -50.55 23.81 -6.16
CA GLN G 100 -50.17 22.94 -5.07
C GLN G 100 -50.33 21.46 -5.44
N ILE G 101 -51.37 21.13 -6.16
CA ILE G 101 -51.57 19.78 -6.57
C ILE G 101 -50.42 19.32 -7.50
N PHE G 102 -50.02 20.14 -8.46
CA PHE G 102 -48.93 19.75 -9.31
C PHE G 102 -47.56 19.78 -8.62
N GLN G 103 -47.42 20.63 -7.61
CA GLN G 103 -46.21 20.64 -6.78
C GLN G 103 -46.13 19.30 -6.00
N LYS G 104 -47.24 18.83 -5.41
CA LYS G 104 -47.26 17.59 -4.72
C LYS G 104 -46.96 16.41 -5.66
N ALA G 105 -47.61 16.46 -6.84
CA ALA G 105 -47.38 15.42 -7.83
C ALA G 105 -45.93 15.35 -8.26
N TYR G 106 -45.33 16.48 -8.53
CA TYR G 106 -43.94 16.50 -8.94
C TYR G 106 -43.03 15.97 -7.87
N GLU G 107 -43.22 16.40 -6.62
CA GLU G 107 -42.44 15.84 -5.52
C GLU G 107 -42.63 14.35 -5.37
N HIS G 108 -43.86 13.92 -5.55
CA HIS G 108 -44.14 12.49 -5.51
C HIS G 108 -43.39 11.73 -6.65
N GLU G 109 -43.38 12.26 -7.85
CA GLU G 109 -42.62 11.66 -8.92
C GLU G 109 -41.12 11.63 -8.62
N GLN G 110 -40.58 12.66 -8.03
CA GLN G 110 -39.18 12.61 -7.62
C GLN G 110 -38.93 11.51 -6.61
N HIS G 111 -39.83 11.31 -5.67
CA HIS G 111 -39.71 10.21 -4.71
C HIS G 111 -39.74 8.83 -5.40
N ILE G 112 -40.63 8.66 -6.37
CA ILE G 112 -40.69 7.40 -7.12
C ILE G 112 -39.36 7.21 -7.89
N SER G 113 -38.86 8.26 -8.53
CA SER G 113 -37.54 8.17 -9.22
C SER G 113 -36.45 7.68 -8.29
N GLU G 114 -36.41 8.24 -7.09
CA GLU G 114 -35.41 7.85 -6.09
C GLU G 114 -35.59 6.37 -5.68
N SER G 115 -36.83 5.94 -5.51
CA SER G 115 -37.06 4.56 -5.12
C SER G 115 -36.61 3.59 -6.21
N ILE G 116 -36.80 3.93 -7.47
CA ILE G 116 -36.32 3.10 -8.55
C ILE G 116 -34.76 3.12 -8.60
N ASN G 117 -34.15 4.28 -8.44
CA ASN G 117 -32.72 4.31 -8.36
C ASN G 117 -32.17 3.40 -7.27
N ASN G 118 -32.82 3.32 -6.14
CA ASN G 118 -32.41 2.46 -5.09
C ASN G 118 -32.46 0.98 -5.50
N ILE G 119 -33.46 0.57 -6.22
CA ILE G 119 -33.56 -0.81 -6.67
C ILE G 119 -32.38 -1.07 -7.65
N VAL G 120 -32.14 -0.16 -8.57
CA VAL G 120 -31.12 -0.35 -9.58
C VAL G 120 -29.75 -0.46 -8.94
N ASP G 121 -29.56 0.37 -7.92
CA ASP G 121 -28.34 0.33 -7.15
C ASP G 121 -28.14 -1.00 -6.47
N HIS G 122 -29.19 -1.54 -5.87
CA HIS G 122 -29.10 -2.85 -5.28
C HIS G 122 -28.86 -3.97 -6.32
N ALA G 123 -29.42 -3.87 -7.50
CA ALA G 123 -29.18 -4.82 -8.56
C ALA G 123 -27.68 -4.83 -8.94
N ILE G 124 -27.09 -3.67 -9.04
CA ILE G 124 -25.61 -3.59 -9.29
C ILE G 124 -24.81 -4.25 -8.18
N LYS G 125 -25.14 -3.94 -6.95
CA LYS G 125 -24.45 -4.53 -5.81
C LYS G 125 -24.59 -6.01 -5.73
N SER G 126 -25.71 -6.58 -6.04
CA SER G 126 -25.87 -7.97 -5.96
C SER G 126 -25.56 -8.66 -7.28
N LYS G 127 -25.01 -7.96 -8.27
CA LYS G 127 -24.73 -8.52 -9.58
C LYS G 127 -25.88 -9.14 -10.28
N ASP G 128 -27.08 -8.62 -10.05
CA ASP G 128 -28.27 -9.13 -10.71
C ASP G 128 -28.52 -8.34 -11.97
N HIS G 129 -27.81 -8.70 -13.00
CA HIS G 129 -27.92 -8.03 -14.25
C HIS G 129 -29.19 -8.17 -15.07
N ALA G 130 -29.83 -9.32 -14.95
CA ALA G 130 -31.10 -9.51 -15.59
C ALA G 130 -32.08 -8.52 -15.01
N THR G 131 -32.05 -8.34 -13.70
CA THR G 131 -32.97 -7.36 -13.11
C THR G 131 -32.61 -5.91 -13.49
N PHE G 132 -31.32 -5.59 -13.46
CA PHE G 132 -30.82 -4.28 -13.96
C PHE G 132 -31.36 -4.01 -15.34
N ASN G 133 -31.19 -4.98 -16.23
CA ASN G 133 -31.64 -4.84 -17.63
C ASN G 133 -33.14 -4.66 -17.74
N PHE G 134 -33.88 -5.43 -16.97
CA PHE G 134 -35.33 -5.25 -16.93
C PHE G 134 -35.79 -3.91 -16.49
N LEU G 135 -35.19 -3.36 -15.49
CA LEU G 135 -35.58 -2.10 -14.91
C LEU G 135 -35.31 -0.87 -15.82
N GLN G 136 -34.57 -1.01 -16.93
CA GLN G 136 -34.20 0.16 -17.70
C GLN G 136 -35.40 0.83 -18.34
N TRP G 137 -36.40 0.11 -18.78
CA TRP G 137 -37.56 0.76 -19.36
C TRP G 137 -38.21 1.61 -18.28
N TYR G 138 -38.15 1.15 -17.07
CA TYR G 138 -38.81 1.80 -15.98
C TYR G 138 -38.05 3.05 -15.53
N VAL G 139 -36.75 3.00 -15.48
CA VAL G 139 -35.90 4.17 -15.25
C VAL G 139 -36.18 5.26 -16.30
N SER G 140 -36.25 4.86 -17.53
CA SER G 140 -36.44 5.76 -18.66
C SER G 140 -37.85 6.37 -18.64
N GLU G 141 -38.89 5.56 -18.47
CA GLU G 141 -40.27 6.06 -18.41
C GLU G 141 -40.49 6.95 -17.24
N GLN G 142 -39.91 6.59 -16.09
CA GLN G 142 -40.08 7.39 -14.92
C GLN G 142 -39.44 8.75 -15.07
N HIS G 143 -38.28 8.77 -15.70
CA HIS G 143 -37.64 10.04 -15.94
C HIS G 143 -38.46 10.96 -16.82
N GLU G 144 -39.03 10.44 -17.89
CA GLU G 144 -39.93 11.18 -18.76
C GLU G 144 -41.12 11.71 -17.98
N GLU G 145 -41.69 10.90 -17.08
CA GLU G 145 -42.79 11.35 -16.25
C GLU G 145 -42.44 12.48 -15.31
N GLU G 146 -41.30 12.36 -14.67
CA GLU G 146 -40.85 13.38 -13.76
C GLU G 146 -40.62 14.67 -14.45
N VAL G 147 -39.96 14.63 -15.59
CA VAL G 147 -39.77 15.83 -16.40
C VAL G 147 -41.09 16.46 -16.88
N LEU G 148 -42.03 15.63 -17.32
CA LEU G 148 -43.33 16.12 -17.75
C LEU G 148 -44.05 16.87 -16.63
N PHE G 149 -44.04 16.33 -15.39
CA PHE G 149 -44.64 17.02 -14.28
C PHE G 149 -43.96 18.34 -13.94
N LYS G 150 -42.63 18.38 -14.02
CA LYS G 150 -41.90 19.60 -13.84
C LYS G 150 -42.30 20.63 -14.90
N ASP G 151 -42.40 20.20 -16.15
CA ASP G 151 -42.80 21.11 -17.21
C ASP G 151 -44.21 21.69 -17.01
N ILE G 152 -45.16 20.85 -16.59
CA ILE G 152 -46.52 21.33 -16.39
C ILE G 152 -46.55 22.30 -15.22
N LEU G 153 -45.90 21.95 -14.13
CA LEU G 153 -45.82 22.80 -12.96
C LEU G 153 -45.26 24.17 -13.32
N ASP G 154 -44.17 24.18 -14.08
CA ASP G 154 -43.59 25.42 -14.50
C ASP G 154 -44.52 26.25 -15.42
N LYS G 155 -45.22 25.60 -16.32
CA LYS G 155 -46.18 26.28 -17.15
C LYS G 155 -47.36 26.90 -16.35
N ILE G 156 -47.85 26.17 -15.36
CA ILE G 156 -48.88 26.68 -14.48
C ILE G 156 -48.37 27.94 -13.79
N GLU G 157 -47.11 27.96 -13.37
CA GLU G 157 -46.53 29.14 -12.71
C GLU G 157 -46.29 30.28 -13.71
N LEU G 158 -45.86 30.00 -14.92
CA LEU G 158 -45.76 31.03 -15.94
C LEU G 158 -47.09 31.70 -16.29
N ILE G 159 -48.16 30.92 -16.38
CA ILE G 159 -49.46 31.47 -16.77
C ILE G 159 -50.02 32.31 -15.64
N GLY G 160 -49.96 31.81 -14.42
CA GLY G 160 -50.53 32.52 -13.29
C GLY G 160 -52.01 32.26 -13.13
N ASN G 161 -52.63 32.74 -12.05
CA ASN G 161 -54.10 32.51 -11.94
C ASN G 161 -54.93 33.80 -11.89
N GLU G 162 -54.37 34.92 -12.28
CA GLU G 162 -55.17 36.10 -12.46
C GLU G 162 -56.04 35.90 -13.68
N ASN G 163 -57.25 36.45 -13.64
CA ASN G 163 -58.23 36.40 -14.72
C ASN G 163 -58.58 34.96 -15.23
N HIS G 164 -58.30 34.66 -16.48
CA HIS G 164 -58.56 33.39 -17.07
C HIS G 164 -57.33 32.50 -17.10
N GLY G 165 -56.40 32.77 -16.21
CA GLY G 165 -55.18 31.99 -16.12
C GLY G 165 -55.46 30.51 -15.88
N LEU G 166 -56.38 30.18 -14.96
CA LEU G 166 -56.67 28.78 -14.70
C LEU G 166 -57.23 28.11 -15.93
N TYR G 167 -58.10 28.79 -16.65
CA TYR G 167 -58.62 28.28 -17.93
C TYR G 167 -57.48 28.03 -18.91
N LEU G 168 -56.58 28.99 -19.08
CA LEU G 168 -55.46 28.77 -20.00
C LEU G 168 -54.57 27.59 -19.60
N ALA G 169 -54.31 27.47 -18.33
CA ALA G 169 -53.49 26.34 -17.83
C ALA G 169 -54.20 25.01 -18.09
N ASP G 170 -55.48 24.97 -17.81
CA ASP G 170 -56.26 23.77 -18.05
C ASP G 170 -56.31 23.36 -19.52
N GLN G 171 -56.44 24.34 -20.41
CA GLN G 171 -56.37 24.08 -21.84
C GLN G 171 -55.01 23.61 -22.29
N TYR G 172 -53.96 24.17 -21.71
CA TYR G 172 -52.63 23.70 -22.02
C TYR G 172 -52.45 22.22 -21.65
N VAL G 173 -52.84 21.88 -20.44
CA VAL G 173 -52.73 20.49 -19.97
C VAL G 173 -53.64 19.54 -20.78
N LYS G 174 -54.83 19.99 -21.14
CA LYS G 174 -55.70 19.21 -21.98
C LYS G 174 -54.99 18.84 -23.29
N GLY G 175 -54.30 19.79 -23.87
CA GLY G 175 -53.52 19.54 -25.10
C GLY G 175 -52.41 18.53 -24.91
N ILE G 176 -51.70 18.58 -23.77
CA ILE G 176 -50.69 17.59 -23.49
C ILE G 176 -51.36 16.21 -23.37
N ALA G 177 -52.46 16.11 -22.64
CA ALA G 177 -53.11 14.81 -22.47
C ALA G 177 -53.49 14.21 -23.80
N LYS G 178 -54.05 15.03 -24.66
CA LYS G 178 -54.49 14.59 -25.98
C LYS G 178 -53.31 14.15 -26.85
N SER G 179 -52.21 14.85 -26.83
CA SER G 179 -51.10 14.49 -27.67
C SER G 179 -50.40 13.24 -27.16
N ARG G 180 -50.40 12.96 -25.87
CA ARG G 180 -49.82 11.74 -25.39
C ARG G 180 -50.68 10.47 -25.64
N LYS G 181 -51.97 10.57 -25.94
CA LYS G 181 -52.78 9.35 -26.16
C LYS G 181 -52.59 8.65 -27.51
N LEU H 2 -76.83 46.13 -74.48
CA LEU H 2 -77.02 46.81 -73.23
C LEU H 2 -77.45 48.23 -73.39
N SER H 3 -78.32 48.71 -72.57
CA SER H 3 -78.68 50.12 -72.58
C SER H 3 -77.54 51.06 -72.16
N LYS H 4 -77.66 52.31 -72.55
CA LYS H 4 -76.62 53.30 -72.31
C LYS H 4 -76.49 53.49 -70.78
N ASP H 5 -77.59 53.55 -70.07
CA ASP H 5 -77.58 53.72 -68.64
C ASP H 5 -76.86 52.55 -67.89
N ILE H 6 -77.15 51.33 -68.29
CA ILE H 6 -76.56 50.15 -67.68
C ILE H 6 -75.05 50.12 -68.00
N ILE H 7 -74.68 50.46 -69.23
CA ILE H 7 -73.27 50.56 -69.60
C ILE H 7 -72.54 51.55 -68.70
N LYS H 8 -73.12 52.71 -68.51
CA LYS H 8 -72.49 53.70 -67.65
C LYS H 8 -72.37 53.19 -66.21
N LEU H 9 -73.41 52.59 -65.66
CA LEU H 9 -73.38 52.07 -64.29
C LEU H 9 -72.34 50.94 -64.11
N LEU H 10 -72.23 50.06 -65.10
CA LEU H 10 -71.27 48.99 -65.06
C LEU H 10 -69.84 49.51 -65.12
N ASN H 11 -69.58 50.49 -65.98
CA ASN H 11 -68.27 51.12 -66.04
C ASN H 11 -67.93 51.82 -64.76
N GLU H 12 -68.93 52.44 -64.15
CA GLU H 12 -68.74 53.09 -62.87
C GLU H 12 -68.37 52.06 -61.81
N GLN H 13 -69.04 50.93 -61.83
CA GLN H 13 -68.74 49.87 -60.88
C GLN H 13 -67.33 49.28 -61.03
N VAL H 14 -66.85 49.13 -62.26
CA VAL H 14 -65.48 48.68 -62.51
C VAL H 14 -64.52 49.61 -61.77
N ASN H 15 -64.69 50.93 -62.01
CA ASN H 15 -63.84 51.93 -61.40
C ASN H 15 -63.95 51.95 -59.88
N LYS H 16 -65.15 51.75 -59.34
CA LYS H 16 -65.31 51.69 -57.92
C LYS H 16 -64.61 50.48 -57.31
N GLU H 17 -64.68 49.33 -57.97
CA GLU H 17 -63.98 48.17 -57.45
C GLU H 17 -62.45 48.37 -57.49
N MET H 18 -61.92 49.03 -58.49
CA MET H 18 -60.48 49.26 -58.51
C MET H 18 -60.09 50.22 -57.38
N ASN H 19 -60.91 51.25 -57.18
CA ASN H 19 -60.69 52.21 -56.11
C ASN H 19 -60.72 51.47 -54.70
N SER H 20 -61.72 50.57 -54.54
CA SER H 20 -61.81 49.80 -53.30
C SER H 20 -60.61 48.92 -53.08
N SER H 21 -60.19 48.24 -54.12
CA SER H 21 -59.02 47.39 -54.03
C SER H 21 -57.84 48.20 -53.52
N ASN H 22 -57.60 49.38 -54.07
CA ASN H 22 -56.46 50.21 -53.59
C ASN H 22 -56.62 50.67 -52.17
N LEU H 23 -57.83 50.99 -51.77
CA LEU H 23 -58.11 51.36 -50.39
C LEU H 23 -57.73 50.18 -49.44
N TYR H 24 -58.17 48.98 -49.80
CA TYR H 24 -57.83 47.82 -48.99
C TYR H 24 -56.34 47.48 -48.93
N MET H 25 -55.60 47.73 -50.05
CA MET H 25 -54.18 47.59 -50.01
C MET H 25 -53.54 48.59 -49.06
N SER H 26 -54.04 49.82 -49.04
CA SER H 26 -53.53 50.82 -48.13
C SER H 26 -53.83 50.46 -46.66
N MET H 27 -55.02 49.96 -46.38
CA MET H 27 -55.36 49.46 -45.06
C MET H 27 -54.47 48.31 -44.64
N SER H 28 -54.20 47.42 -45.57
CA SER H 28 -53.31 46.31 -45.31
C SER H 28 -51.94 46.78 -44.92
N SER H 29 -51.41 47.74 -45.64
CA SER H 29 -50.13 48.30 -45.35
C SER H 29 -50.11 48.97 -43.96
N TRP H 30 -51.17 49.68 -43.62
CA TRP H 30 -51.25 50.30 -42.28
C TRP H 30 -51.15 49.21 -41.21
N CYS H 31 -51.82 48.07 -41.42
CA CYS H 31 -51.73 46.98 -40.45
C CYS H 31 -50.31 46.51 -40.25
N TYR H 32 -49.60 46.32 -41.34
CA TYR H 32 -48.18 45.94 -41.23
C TYR H 32 -47.26 47.01 -40.70
N THR H 33 -47.48 48.28 -40.98
CA THR H 33 -46.52 49.34 -40.66
C THR H 33 -47.10 50.71 -40.11
N GLY H 34 -48.39 50.81 -39.87
CA GLY H 34 -49.04 52.00 -39.39
C GLY H 34 -48.78 52.42 -37.96
N SER H 35 -49.26 53.69 -37.82
CA SER H 35 -49.40 54.46 -36.55
C SER H 35 -47.94 54.80 -36.15
N TYR H 49 -44.95 47.64 -33.88
CA TYR H 49 -45.51 46.28 -34.12
C TYR H 49 -46.40 46.16 -35.46
N SER H 50 -46.50 44.92 -35.99
CA SER H 50 -47.13 44.48 -37.14
C SER H 50 -48.37 43.75 -36.80
N LEU H 51 -49.52 44.08 -37.38
CA LEU H 51 -50.73 43.27 -37.28
C LEU H 51 -50.84 42.50 -38.58
N ASP H 52 -50.09 41.42 -38.69
CA ASP H 52 -49.97 40.68 -39.95
C ASP H 52 -51.17 39.85 -40.24
N GLY H 53 -51.96 39.47 -39.23
CA GLY H 53 -53.19 38.74 -39.47
C GLY H 53 -54.19 39.64 -40.21
N CYS H 54 -54.41 40.84 -39.68
CA CYS H 54 -55.25 41.76 -40.35
C CYS H 54 -54.69 42.21 -41.67
N GLY H 55 -53.38 42.44 -41.71
CA GLY H 55 -52.71 42.81 -42.93
C GLY H 55 -52.91 41.81 -44.07
N THR H 56 -52.76 40.52 -43.75
CA THR H 56 -53.01 39.48 -44.74
C THR H 56 -54.44 39.38 -45.18
N PHE H 57 -55.34 39.45 -44.23
CA PHE H 57 -56.76 39.42 -44.54
C PHE H 57 -57.14 40.58 -45.49
N LEU H 58 -56.69 41.79 -45.18
CA LEU H 58 -57.05 42.94 -46.01
C LEU H 58 -56.42 42.88 -47.39
N PHE H 59 -55.17 42.40 -47.48
CA PHE H 59 -54.52 42.17 -48.77
C PHE H 59 -55.32 41.20 -49.62
N ASP H 60 -55.71 40.10 -49.01
CA ASP H 60 -56.51 39.12 -49.73
C ASP H 60 -57.84 39.68 -50.15
N HIS H 61 -58.46 40.49 -49.30
CA HIS H 61 -59.70 41.11 -49.66
C HIS H 61 -59.50 42.10 -50.81
N ALA H 62 -58.42 42.88 -50.77
CA ALA H 62 -58.09 43.75 -51.89
C ALA H 62 -57.98 43.01 -53.21
N ALA H 63 -57.28 41.89 -53.19
CA ALA H 63 -57.11 41.08 -54.40
C ALA H 63 -58.42 40.57 -54.93
N GLU H 64 -59.29 40.16 -54.03
CA GLU H 64 -60.63 39.72 -54.43
C GLU H 64 -61.48 40.85 -55.02
N GLU H 65 -61.37 42.06 -54.53
CA GLU H 65 -62.10 43.18 -55.12
C GLU H 65 -61.59 43.40 -56.56
N TYR H 66 -60.31 43.27 -56.79
CA TYR H 66 -59.82 43.36 -58.14
C TYR H 66 -60.35 42.24 -59.02
N GLU H 67 -60.50 41.06 -58.50
CA GLU H 67 -61.16 39.96 -59.21
C GLU H 67 -62.60 40.32 -59.61
N HIS H 68 -63.33 41.04 -58.76
CA HIS H 68 -64.65 41.54 -59.11
C HIS H 68 -64.59 42.50 -60.28
N ALA H 69 -63.64 43.43 -60.25
CA ALA H 69 -63.43 44.32 -61.35
C ALA H 69 -63.15 43.56 -62.65
N LYS H 70 -62.31 42.56 -62.61
CA LYS H 70 -62.00 41.76 -63.76
C LYS H 70 -63.22 41.04 -64.35
N LYS H 71 -64.06 40.46 -63.51
CA LYS H 71 -65.23 39.79 -63.95
C LYS H 71 -66.21 40.72 -64.61
N LEU H 72 -66.35 41.92 -64.11
CA LEU H 72 -67.14 42.91 -64.80
C LEU H 72 -66.58 43.36 -66.15
N ILE H 73 -65.27 43.50 -66.25
CA ILE H 73 -64.62 43.83 -67.50
C ILE H 73 -64.85 42.70 -68.54
N VAL H 74 -64.73 41.46 -68.12
CA VAL H 74 -65.03 40.31 -69.00
C VAL H 74 -66.43 40.40 -69.55
N PHE H 75 -67.39 40.69 -68.71
CA PHE H 75 -68.78 40.85 -69.13
C PHE H 75 -68.93 41.97 -70.13
N LEU H 76 -68.32 43.11 -69.89
CA LEU H 76 -68.37 44.20 -70.85
C LEU H 76 -67.72 43.83 -72.20
N ASN H 77 -66.53 43.23 -72.17
CA ASN H 77 -65.84 42.82 -73.38
C ASN H 77 -66.71 41.85 -74.18
N GLU H 78 -67.24 40.84 -73.48
CA GLU H 78 -68.05 39.78 -74.13
C GLU H 78 -69.35 40.31 -74.68
N ASN H 79 -69.91 41.39 -74.12
CA ASN H 79 -71.07 42.01 -74.65
C ASN H 79 -70.79 43.15 -75.66
N ASN H 80 -69.55 43.29 -76.08
CA ASN H 80 -69.16 44.31 -77.00
C ASN H 80 -69.40 45.74 -76.55
N VAL H 81 -69.18 46.04 -75.28
CA VAL H 81 -69.39 47.38 -74.76
C VAL H 81 -67.96 47.90 -74.38
N PRO H 82 -67.61 49.11 -74.72
CA PRO H 82 -66.33 49.66 -74.34
C PRO H 82 -66.17 49.82 -72.83
N VAL H 83 -65.01 49.47 -72.31
CA VAL H 83 -64.69 49.63 -70.92
C VAL H 83 -64.03 51.02 -70.86
N GLN H 84 -64.43 51.90 -69.96
CA GLN H 84 -63.77 53.18 -69.81
C GLN H 84 -63.13 53.32 -68.46
N LEU H 85 -61.87 53.05 -68.37
CA LEU H 85 -61.18 53.14 -67.10
C LEU H 85 -60.79 54.58 -66.85
N THR H 86 -61.04 55.03 -65.65
CA THR H 86 -60.70 56.44 -65.28
C THR H 86 -59.46 56.31 -64.39
N SER H 87 -58.93 57.44 -63.98
CA SER H 87 -57.91 57.51 -63.03
C SER H 87 -58.39 56.96 -61.69
N ILE H 88 -57.58 56.26 -60.95
CA ILE H 88 -57.99 55.58 -59.73
C ILE H 88 -57.44 56.43 -58.60
N SER H 89 -58.33 56.86 -57.72
CA SER H 89 -58.02 57.73 -56.59
C SER H 89 -56.91 57.22 -55.70
N ALA H 90 -56.04 58.10 -55.23
CA ALA H 90 -55.13 57.72 -54.15
C ALA H 90 -55.99 57.41 -52.92
N PRO H 91 -55.75 56.30 -52.25
CA PRO H 91 -56.60 55.96 -51.08
C PRO H 91 -56.14 56.77 -49.87
N GLU H 92 -56.93 56.71 -48.83
CA GLU H 92 -56.53 57.21 -47.53
C GLU H 92 -55.39 56.30 -47.02
N HIS H 93 -54.38 56.90 -46.40
CA HIS H 93 -53.22 56.22 -45.83
C HIS H 93 -53.09 56.24 -44.30
N LYS H 94 -53.77 57.14 -43.64
CA LYS H 94 -53.64 57.31 -42.18
C LYS H 94 -54.88 56.85 -41.53
N PHE H 95 -54.74 56.00 -40.53
CA PHE H 95 -55.90 55.52 -39.84
C PHE H 95 -55.60 55.60 -38.33
N GLU H 96 -56.65 55.66 -37.57
CA GLU H 96 -56.51 55.94 -36.14
C GLU H 96 -56.27 54.69 -35.33
N GLY H 97 -56.72 53.54 -35.79
CA GLY H 97 -56.54 52.36 -35.00
C GLY H 97 -57.26 51.18 -35.65
N LEU H 98 -57.16 50.00 -35.04
CA LEU H 98 -57.70 48.81 -35.64
C LEU H 98 -59.23 48.82 -35.72
N THR H 99 -59.88 49.23 -34.66
CA THR H 99 -61.34 49.38 -34.70
C THR H 99 -61.78 50.33 -35.79
N GLN H 100 -61.10 51.45 -35.89
CA GLN H 100 -61.52 52.44 -36.86
C GLN H 100 -61.34 51.96 -38.29
N ILE H 101 -60.26 51.25 -38.55
CA ILE H 101 -60.02 50.72 -39.86
C ILE H 101 -61.11 49.74 -40.26
N PHE H 102 -61.50 48.83 -39.37
CA PHE H 102 -62.57 47.90 -39.71
C PHE H 102 -63.95 48.53 -39.73
N GLN H 103 -64.14 49.60 -38.97
CA GLN H 103 -65.39 50.38 -39.05
C GLN H 103 -65.47 51.04 -40.43
N LYS H 104 -64.38 51.63 -40.91
CA LYS H 104 -64.39 52.24 -42.23
C LYS H 104 -64.59 51.19 -43.31
N ALA H 105 -63.92 50.08 -43.17
CA ALA H 105 -64.06 48.99 -44.15
C ALA H 105 -65.47 48.48 -44.21
N TYR H 106 -66.09 48.25 -43.07
CA TYR H 106 -67.46 47.79 -43.06
C TYR H 106 -68.42 48.78 -43.70
N GLU H 107 -68.29 50.06 -43.35
CA GLU H 107 -69.10 51.07 -43.99
C GLU H 107 -68.87 51.17 -45.48
N HIS H 108 -67.63 51.00 -45.88
CA HIS H 108 -67.31 50.96 -47.27
C HIS H 108 -67.96 49.79 -47.99
N GLU H 109 -67.95 48.63 -47.41
CA GLU H 109 -68.68 47.50 -47.96
C GLU H 109 -70.17 47.73 -48.06
N GLN H 110 -70.76 48.34 -47.09
CA GLN H 110 -72.19 48.73 -47.18
C GLN H 110 -72.41 49.65 -48.37
N HIS H 111 -71.52 50.62 -48.60
CA HIS H 111 -71.63 51.49 -49.77
C HIS H 111 -71.53 50.72 -51.09
N ILE H 112 -70.62 49.77 -51.18
CA ILE H 112 -70.47 48.95 -52.39
C ILE H 112 -71.78 48.13 -52.60
N SER H 113 -72.31 47.55 -51.53
CA SER H 113 -73.60 46.83 -51.60
C SER H 113 -74.70 47.71 -52.16
N GLU H 114 -74.77 48.93 -51.70
CA GLU H 114 -75.77 49.90 -52.16
C GLU H 114 -75.58 50.21 -53.64
N SER H 115 -74.33 50.40 -54.06
CA SER H 115 -74.06 50.69 -55.45
C SER H 115 -74.48 49.53 -56.37
N ILE H 116 -74.27 48.30 -55.95
CA ILE H 116 -74.75 47.17 -56.72
C ILE H 116 -76.28 47.08 -56.72
N ASN H 117 -76.92 47.30 -55.60
CA ASN H 117 -78.36 47.36 -55.57
C ASN H 117 -78.92 48.38 -56.54
N ASN H 118 -78.27 49.52 -56.68
CA ASN H 118 -78.69 50.52 -57.62
C ASN H 118 -78.65 50.00 -59.07
N ILE H 119 -77.60 49.26 -59.42
CA ILE H 119 -77.51 48.73 -60.75
C ILE H 119 -78.63 47.72 -60.98
N VAL H 120 -78.86 46.85 -60.02
CA VAL H 120 -79.82 45.78 -60.13
C VAL H 120 -81.22 46.36 -60.28
N ASP H 121 -81.46 47.42 -59.53
CA ASP H 121 -82.71 48.10 -59.61
C ASP H 121 -82.93 48.69 -60.97
N HIS H 122 -81.90 49.32 -61.55
CA HIS H 122 -82.02 49.85 -62.87
C HIS H 122 -82.23 48.73 -63.93
N ALA H 123 -81.58 47.59 -63.79
CA ALA H 123 -81.77 46.49 -64.71
C ALA H 123 -83.25 46.04 -64.70
N ILE H 124 -83.85 45.94 -63.52
CA ILE H 124 -85.31 45.60 -63.45
C ILE H 124 -86.17 46.64 -64.19
N LYS H 125 -85.92 47.91 -63.92
CA LYS H 125 -86.67 48.96 -64.53
C LYS H 125 -86.54 49.02 -66.02
N SER H 126 -85.35 48.83 -66.53
CA SER H 126 -85.16 48.90 -67.93
C SER H 126 -85.36 47.59 -68.63
N LYS H 127 -85.82 46.58 -67.91
CA LYS H 127 -86.08 45.29 -68.40
C LYS H 127 -84.90 44.54 -68.99
N ASP H 128 -83.71 44.81 -68.46
CA ASP H 128 -82.53 44.09 -68.88
C ASP H 128 -82.32 42.90 -67.97
N HIS H 129 -83.05 41.86 -68.23
CA HIS H 129 -82.98 40.67 -67.45
C HIS H 129 -81.72 39.89 -67.51
N ALA H 130 -81.05 39.91 -68.64
CA ALA H 130 -79.82 39.22 -68.74
C ALA H 130 -78.80 39.81 -67.81
N THR H 131 -78.78 41.13 -67.74
CA THR H 131 -77.85 41.79 -66.83
C THR H 131 -78.25 41.58 -65.35
N PHE H 132 -79.54 41.63 -65.04
CA PHE H 132 -80.04 41.25 -63.71
C PHE H 132 -79.50 39.89 -63.30
N ASN H 133 -79.66 38.92 -64.19
CA ASN H 133 -79.21 37.55 -63.95
C ASN H 133 -77.69 37.46 -63.73
N PHE H 134 -76.95 38.17 -64.55
CA PHE H 134 -75.50 38.21 -64.38
C PHE H 134 -75.05 38.77 -63.03
N LEU H 135 -75.68 39.80 -62.60
CA LEU H 135 -75.32 40.45 -61.39
C LEU H 135 -75.62 39.68 -60.08
N GLN H 136 -76.33 38.56 -60.14
CA GLN H 136 -76.72 37.86 -58.92
C GLN H 136 -75.54 37.30 -58.18
N TRP H 137 -74.52 36.91 -58.89
CA TRP H 137 -73.33 36.46 -58.27
C TRP H 137 -72.76 37.59 -57.43
N TYR H 138 -72.78 38.78 -57.98
CA TYR H 138 -72.21 39.94 -57.36
C TYR H 138 -72.98 40.35 -56.11
N VAL H 139 -74.30 40.34 -56.20
CA VAL H 139 -75.19 40.61 -55.07
C VAL H 139 -74.87 39.65 -53.91
N SER H 140 -74.77 38.40 -54.23
CA SER H 140 -74.56 37.34 -53.26
C SER H 140 -73.17 37.43 -52.63
N GLU H 141 -72.12 37.56 -53.44
CA GLU H 141 -70.76 37.66 -52.92
C GLU H 141 -70.58 38.92 -52.08
N GLN H 142 -71.16 40.02 -52.51
CA GLN H 142 -71.05 41.27 -51.83
C GLN H 142 -71.69 41.17 -50.46
N HIS H 143 -72.85 40.52 -50.40
CA HIS H 143 -73.50 40.35 -49.12
C HIS H 143 -72.67 39.53 -48.14
N GLU H 144 -72.09 38.43 -48.59
CA GLU H 144 -71.17 37.62 -47.78
C GLU H 144 -69.99 38.44 -47.28
N GLU H 145 -69.46 39.33 -48.12
CA GLU H 145 -68.35 40.20 -47.70
C GLU H 145 -68.76 41.18 -46.63
N GLU H 146 -69.93 41.77 -46.74
CA GLU H 146 -70.43 42.72 -45.80
C GLU H 146 -70.63 42.06 -44.42
N VAL H 147 -71.19 40.88 -44.42
CA VAL H 147 -71.38 40.13 -43.24
C VAL H 147 -70.06 39.74 -42.58
N LEU H 148 -69.10 39.34 -43.40
CA LEU H 148 -67.81 38.98 -42.90
C LEU H 148 -67.13 40.18 -42.16
N PHE H 149 -67.21 41.38 -42.78
CA PHE H 149 -66.65 42.55 -42.16
C PHE H 149 -67.38 42.93 -40.85
N LYS H 150 -68.69 42.79 -40.83
CA LYS H 150 -69.46 43.01 -39.63
C LYS H 150 -69.04 42.03 -38.55
N ASP H 151 -68.80 40.75 -38.85
CA ASP H 151 -68.36 39.74 -37.89
C ASP H 151 -67.01 40.10 -37.30
N ILE H 152 -66.09 40.53 -38.15
CA ILE H 152 -64.77 40.84 -37.65
C ILE H 152 -64.84 42.11 -36.75
N LEU H 153 -65.53 43.12 -37.21
CA LEU H 153 -65.70 44.34 -36.45
C LEU H 153 -66.27 44.07 -35.09
N ASP H 154 -67.32 43.26 -35.03
CA ASP H 154 -67.90 42.88 -33.76
C ASP H 154 -66.96 42.09 -32.85
N LYS H 155 -66.18 41.20 -33.40
CA LYS H 155 -65.19 40.48 -32.65
C LYS H 155 -64.10 41.37 -32.07
N ILE H 156 -63.63 42.35 -32.85
CA ILE H 156 -62.68 43.34 -32.38
C ILE H 156 -63.24 44.07 -31.20
N GLU H 157 -64.51 44.43 -31.29
CA GLU H 157 -65.25 45.10 -30.20
C GLU H 157 -65.42 44.20 -28.94
N LEU H 158 -65.74 42.93 -29.12
CA LEU H 158 -65.79 41.99 -28.04
C LEU H 158 -64.46 41.72 -27.32
N ILE H 159 -63.37 41.65 -28.05
CA ILE H 159 -62.07 41.38 -27.47
C ILE H 159 -61.57 42.58 -26.70
N GLY H 160 -61.68 43.77 -27.28
CA GLY H 160 -61.19 44.94 -26.62
C GLY H 160 -59.69 45.15 -26.86
N ASN H 161 -59.15 46.28 -26.42
CA ASN H 161 -57.68 46.45 -26.59
C ASN H 161 -56.89 46.57 -25.27
N GLU H 162 -57.49 46.24 -24.16
CA GLU H 162 -56.72 46.19 -22.95
C GLU H 162 -55.78 44.97 -23.06
N ASN H 163 -54.59 45.08 -22.49
CA ASN H 163 -53.57 44.04 -22.48
C ASN H 163 -53.17 43.48 -23.88
N HIS H 164 -53.36 42.20 -24.13
CA HIS H 164 -53.03 41.61 -25.39
C HIS H 164 -54.21 41.48 -26.32
N GLY H 165 -55.19 42.31 -26.11
CA GLY H 165 -56.37 42.35 -26.92
C GLY H 165 -56.07 42.48 -28.42
N LEU H 166 -55.17 43.40 -28.80
CA LEU H 166 -54.85 43.54 -30.20
C LEU H 166 -54.25 42.28 -30.78
N TYR H 167 -53.35 41.65 -30.02
CA TYR H 167 -52.81 40.35 -30.41
C TYR H 167 -53.90 39.33 -30.63
N LEU H 168 -54.82 39.20 -29.68
CA LEU H 168 -55.91 38.23 -29.85
C LEU H 168 -56.77 38.52 -31.10
N ALA H 169 -57.08 39.78 -31.31
CA ALA H 169 -57.85 40.17 -32.46
C ALA H 169 -57.14 39.83 -33.78
N ASP H 170 -55.84 40.16 -33.81
CA ASP H 170 -55.03 39.87 -34.98
C ASP H 170 -54.93 38.37 -35.29
N GLN H 171 -54.81 37.54 -34.25
CA GLN H 171 -54.82 36.10 -34.39
C GLN H 171 -56.15 35.58 -34.86
N TYR H 172 -57.22 36.15 -34.37
CA TYR H 172 -58.55 35.77 -34.85
C TYR H 172 -58.68 36.02 -36.37
N VAL H 173 -58.31 37.22 -36.78
CA VAL H 173 -58.41 37.61 -38.20
C VAL H 173 -57.46 36.75 -39.07
N LYS H 174 -56.25 36.47 -38.56
CA LYS H 174 -55.34 35.59 -39.25
C LYS H 174 -56.00 34.26 -39.56
N GLY H 175 -56.69 33.72 -38.60
CA GLY H 175 -57.46 32.45 -38.76
C GLY H 175 -58.53 32.53 -39.81
N ILE H 176 -59.26 33.64 -39.87
CA ILE H 176 -60.26 33.80 -40.90
C ILE H 176 -59.54 33.86 -42.26
N ALA H 177 -58.47 34.61 -42.39
CA ALA H 177 -57.79 34.69 -43.67
C ALA H 177 -57.36 33.33 -44.16
N LYS H 178 -56.80 32.57 -43.27
CA LYS H 178 -56.28 31.22 -43.58
C LYS H 178 -57.41 30.30 -44.00
N SER H 179 -58.56 30.32 -43.32
CA SER H 179 -59.59 29.40 -43.66
C SER H 179 -60.27 29.80 -44.96
N ARG H 180 -60.32 31.07 -45.34
CA ARG H 180 -60.89 31.43 -46.61
C ARG H 180 -60.00 31.12 -47.83
N LYS H 181 -58.69 30.88 -47.67
CA LYS H 181 -57.83 30.72 -48.87
C LYS H 181 -57.43 29.23 -49.13
N MET I 1 -32.65 14.89 -9.47
CA MET I 1 -32.00 16.01 -10.20
C MET I 1 -30.59 15.65 -10.40
N LEU I 2 -30.00 16.33 -11.35
CA LEU I 2 -28.61 15.93 -11.67
C LEU I 2 -27.69 16.49 -10.63
N SER I 3 -26.70 15.73 -10.23
CA SER I 3 -25.70 16.20 -9.32
C SER I 3 -24.81 17.31 -9.92
N LYS I 4 -24.13 18.05 -9.06
CA LYS I 4 -23.26 19.11 -9.48
C LYS I 4 -22.14 18.57 -10.32
N ASP I 5 -21.56 17.49 -9.88
CA ASP I 5 -20.49 16.87 -10.62
C ASP I 5 -20.88 16.41 -12.03
N ILE I 6 -22.02 15.79 -12.16
CA ILE I 6 -22.53 15.30 -13.43
C ILE I 6 -22.82 16.49 -14.35
N ILE I 7 -23.41 17.54 -13.82
CA ILE I 7 -23.64 18.76 -14.60
C ILE I 7 -22.33 19.31 -15.16
N LYS I 8 -21.32 19.41 -14.32
CA LYS I 8 -20.07 19.90 -14.78
C LYS I 8 -19.45 18.98 -15.86
N LEU I 9 -19.48 17.67 -15.66
CA LEU I 9 -18.91 16.75 -16.65
C LEU I 9 -19.67 16.78 -17.99
N LEU I 10 -21.01 16.88 -17.94
CA LEU I 10 -21.80 17.00 -19.13
C LEU I 10 -21.51 18.28 -19.91
N ASN I 11 -21.37 19.39 -19.22
CA ASN I 11 -21.00 20.65 -19.86
C ASN I 11 -19.62 20.56 -20.48
N GLU I 12 -18.68 19.97 -19.75
CA GLU I 12 -17.37 19.77 -20.34
C GLU I 12 -17.45 18.90 -21.61
N GLN I 13 -18.27 17.87 -21.59
CA GLN I 13 -18.43 17.02 -22.75
C GLN I 13 -19.00 17.75 -23.98
N VAL I 14 -19.97 18.64 -23.76
CA VAL I 14 -20.49 19.47 -24.84
C VAL I 14 -19.33 20.22 -25.49
N ASN I 15 -18.52 20.86 -24.67
CA ASN I 15 -17.36 21.59 -25.18
C ASN I 15 -16.32 20.75 -25.85
N LYS I 16 -16.09 19.55 -25.36
CA LYS I 16 -15.20 18.59 -26.02
C LYS I 16 -15.73 18.22 -27.41
N GLU I 17 -17.02 17.99 -27.52
CA GLU I 17 -17.60 17.68 -28.82
C GLU I 17 -17.48 18.85 -29.79
N MET I 18 -17.65 20.10 -29.32
CA MET I 18 -17.50 21.23 -30.21
C MET I 18 -16.05 21.34 -30.65
N ASN I 19 -15.11 21.13 -29.72
CA ASN I 19 -13.71 21.13 -30.06
C ASN I 19 -13.36 20.04 -31.08
N SER I 20 -13.94 18.83 -30.93
CA SER I 20 -13.74 17.76 -31.92
C SER I 20 -14.24 18.13 -33.27
N SER I 21 -15.41 18.71 -33.35
CA SER I 21 -15.93 19.15 -34.60
C SER I 21 -14.92 20.10 -35.30
N ASN I 22 -14.38 21.08 -34.57
CA ASN I 22 -13.44 21.99 -35.17
C ASN I 22 -12.14 21.30 -35.63
N LEU I 23 -11.66 20.37 -34.80
CA LEU I 23 -10.47 19.65 -35.14
C LEU I 23 -10.66 18.85 -36.43
N TYR I 24 -11.79 18.16 -36.54
CA TYR I 24 -12.04 17.37 -37.76
C TYR I 24 -12.28 18.21 -38.98
N MET I 25 -12.84 19.41 -38.84
CA MET I 25 -12.92 20.30 -39.98
C MET I 25 -11.56 20.73 -40.44
N SER I 26 -10.67 21.00 -39.49
CA SER I 26 -9.30 21.37 -39.86
C SER I 26 -8.56 20.24 -40.54
N MET I 27 -8.74 19.01 -40.05
CA MET I 27 -8.14 17.84 -40.67
C MET I 27 -8.70 17.64 -42.06
N SER I 28 -10.01 17.85 -42.23
CA SER I 28 -10.64 17.75 -43.52
C SER I 28 -10.01 18.71 -44.51
N SER I 29 -9.82 19.94 -44.09
CA SER I 29 -9.20 20.94 -44.92
C SER I 29 -7.76 20.58 -45.28
N TRP I 30 -7.00 20.02 -44.35
CA TRP I 30 -5.65 19.55 -44.67
C TRP I 30 -5.70 18.52 -45.77
N CYS I 31 -6.65 17.62 -45.72
CA CYS I 31 -6.80 16.60 -46.79
C CYS I 31 -7.00 17.22 -48.14
N TYR I 32 -7.86 18.20 -48.19
CA TYR I 32 -8.04 18.95 -49.47
C TYR I 32 -6.92 19.84 -49.85
N THR I 33 -6.19 20.46 -48.99
CA THR I 33 -5.21 21.49 -49.34
C THR I 33 -3.83 21.50 -48.52
N GLY I 34 -3.57 20.52 -47.68
CA GLY I 34 -2.37 20.35 -46.94
C GLY I 34 -1.92 21.43 -45.94
N SER I 48 0.38 18.15 -50.25
CA SER I 48 0.18 18.91 -51.47
C SER I 48 -0.75 18.23 -52.48
N TYR I 49 -1.28 17.09 -52.10
CA TYR I 49 -2.24 16.32 -52.89
C TYR I 49 -3.68 16.58 -52.45
N SER I 50 -4.69 16.59 -53.35
CA SER I 50 -6.09 16.60 -52.87
C SER I 50 -6.66 15.16 -52.51
N LEU I 51 -6.83 14.89 -51.23
CA LEU I 51 -7.36 13.63 -50.77
C LEU I 51 -8.80 13.84 -50.42
N ASP I 52 -9.67 13.85 -51.42
CA ASP I 52 -11.07 14.19 -51.24
C ASP I 52 -11.87 13.11 -50.58
N GLY I 53 -11.43 11.87 -50.66
CA GLY I 53 -12.12 10.79 -49.96
C GLY I 53 -11.96 10.96 -48.44
N CYS I 54 -10.72 11.15 -48.02
CA CYS I 54 -10.47 11.40 -46.63
C CYS I 54 -11.06 12.72 -46.17
N GLY I 55 -10.96 13.74 -47.01
CA GLY I 55 -11.50 15.04 -46.72
C GLY I 55 -13.02 14.98 -46.47
N THR I 56 -13.75 14.24 -47.33
CA THR I 56 -15.17 14.06 -47.14
C THR I 56 -15.52 13.28 -45.89
N PHE I 57 -14.80 12.21 -45.65
CA PHE I 57 -15.00 11.42 -44.47
C PHE I 57 -14.82 12.25 -43.20
N LEU I 58 -13.73 13.01 -43.12
CA LEU I 58 -13.47 13.80 -41.92
C LEU I 58 -14.48 14.93 -41.71
N PHE I 59 -14.90 15.57 -42.82
CA PHE I 59 -15.96 16.57 -42.75
C PHE I 59 -17.23 15.98 -42.18
N ASP I 60 -17.62 14.82 -42.72
CA ASP I 60 -18.83 14.17 -42.23
C ASP I 60 -18.70 13.76 -40.79
N HIS I 61 -17.53 13.33 -40.36
CA HIS I 61 -17.34 12.99 -38.98
C HIS I 61 -17.39 14.23 -38.11
N ALA I 62 -16.82 15.35 -38.55
CA ALA I 62 -16.97 16.61 -37.84
C ALA I 62 -18.45 16.99 -37.59
N ALA I 63 -19.25 16.85 -38.62
CA ALA I 63 -20.67 17.15 -38.53
C ALA I 63 -21.38 16.23 -37.52
N GLU I 64 -21.01 14.99 -37.50
CA GLU I 64 -21.55 14.05 -36.55
C GLU I 64 -21.18 14.36 -35.10
N GLU I 65 -19.98 14.87 -34.88
CA GLU I 65 -19.56 15.27 -33.55
C GLU I 65 -20.46 16.42 -33.09
N TYR I 66 -20.76 17.36 -33.98
CA TYR I 66 -21.64 18.43 -33.63
C TYR I 66 -23.04 17.93 -33.32
N GLU I 67 -23.51 16.93 -34.03
CA GLU I 67 -24.78 16.28 -33.69
C GLU I 67 -24.77 15.70 -32.25
N HIS I 68 -23.65 15.14 -31.82
CA HIS I 68 -23.54 14.67 -30.44
C HIS I 68 -23.63 15.81 -29.47
N ALA I 69 -22.95 16.92 -29.74
CA ALA I 69 -23.06 18.11 -28.93
C ALA I 69 -24.51 18.58 -28.83
N LYS I 70 -25.24 18.61 -29.92
CA LYS I 70 -26.64 18.99 -29.91
C LYS I 70 -27.51 18.11 -29.05
N LYS I 71 -27.33 16.80 -29.14
CA LYS I 71 -28.07 15.88 -28.33
C LYS I 71 -27.83 16.04 -26.87
N LEU I 72 -26.61 16.31 -26.50
CA LEU I 72 -26.29 16.62 -25.11
C LEU I 72 -26.91 17.93 -24.62
N ILE I 73 -26.90 18.96 -25.46
CA ILE I 73 -27.53 20.22 -25.13
C ILE I 73 -29.06 20.03 -24.93
N VAL I 74 -29.70 19.26 -25.78
CA VAL I 74 -31.14 18.94 -25.63
C VAL I 74 -31.40 18.33 -24.26
N PHE I 75 -30.58 17.38 -23.87
CA PHE I 75 -30.70 16.73 -22.59
C PHE I 75 -30.56 17.73 -21.44
N LEU I 76 -29.56 18.61 -21.51
CA LEU I 76 -29.39 19.62 -20.49
C LEU I 76 -30.60 20.58 -20.44
N ASN I 77 -31.05 21.08 -21.57
CA ASN I 77 -32.18 21.98 -21.62
C ASN I 77 -33.43 21.31 -21.02
N GLU I 78 -33.67 20.07 -21.43
CA GLU I 78 -34.87 19.33 -20.97
C GLU I 78 -34.83 19.03 -19.51
N ASN I 79 -33.65 18.89 -18.92
CA ASN I 79 -33.49 18.70 -17.51
C ASN I 79 -33.30 19.96 -16.70
N ASN I 80 -33.51 21.08 -17.33
CA ASN I 80 -33.38 22.39 -16.69
C ASN I 80 -32.00 22.71 -16.12
N VAL I 81 -30.94 22.32 -16.79
CA VAL I 81 -29.57 22.55 -16.34
C VAL I 81 -28.95 23.57 -17.31
N PRO I 82 -28.30 24.60 -16.84
CA PRO I 82 -27.67 25.58 -17.71
C PRO I 82 -26.53 24.99 -18.54
N VAL I 83 -26.46 25.31 -19.81
CA VAL I 83 -25.42 24.94 -20.68
C VAL I 83 -24.35 26.02 -20.59
N GLN I 84 -23.10 25.67 -20.37
CA GLN I 84 -22.03 26.69 -20.29
C GLN I 84 -21.03 26.43 -21.36
N LEU I 85 -21.16 27.12 -22.47
CA LEU I 85 -20.21 27.00 -23.55
C LEU I 85 -18.98 27.82 -23.27
N THR I 86 -17.82 27.26 -23.42
CA THR I 86 -16.55 27.93 -23.03
C THR I 86 -15.82 28.36 -24.25
N SER I 87 -14.77 29.10 -24.06
CA SER I 87 -13.91 29.43 -25.21
C SER I 87 -13.19 28.17 -25.65
N ILE I 88 -12.87 28.04 -26.91
CA ILE I 88 -12.04 26.90 -27.28
C ILE I 88 -10.82 27.26 -28.13
N SER I 89 -9.66 26.71 -27.81
CA SER I 89 -8.51 26.82 -28.66
C SER I 89 -8.76 26.55 -30.15
N ALA I 90 -8.07 27.28 -30.99
CA ALA I 90 -7.94 27.00 -32.39
C ALA I 90 -7.42 25.55 -32.52
N PRO I 91 -7.97 24.76 -33.42
CA PRO I 91 -7.43 23.44 -33.67
C PRO I 91 -6.08 23.50 -34.36
N GLU I 92 -5.34 22.41 -34.30
CA GLU I 92 -4.13 22.29 -35.06
C GLU I 92 -4.51 22.29 -36.53
N HIS I 93 -3.69 22.91 -37.34
CA HIS I 93 -3.90 23.02 -38.78
C HIS I 93 -2.78 22.41 -39.63
N LYS I 94 -1.62 22.10 -39.04
CA LYS I 94 -0.50 21.51 -39.80
C LYS I 94 -0.32 20.12 -39.41
N PHE I 95 -0.22 19.23 -40.37
CA PHE I 95 -0.06 17.83 -40.09
C PHE I 95 1.04 17.28 -41.03
N GLU I 96 1.62 16.18 -40.63
CA GLU I 96 2.80 15.67 -41.32
C GLU I 96 2.47 14.81 -42.45
N GLY I 97 1.34 14.15 -42.47
CA GLY I 97 1.00 13.23 -43.55
C GLY I 97 -0.28 12.50 -43.19
N LEU I 98 -0.72 11.63 -44.11
CA LEU I 98 -2.05 11.01 -43.97
C LEU I 98 -2.06 10.03 -42.79
N THR I 99 -1.00 9.22 -42.64
CA THR I 99 -0.91 8.36 -41.49
C THR I 99 -0.94 9.10 -40.20
N GLN I 100 -0.21 10.17 -40.12
CA GLN I 100 -0.14 10.91 -38.87
C GLN I 100 -1.46 11.56 -38.51
N ILE I 101 -2.17 12.07 -39.49
CA ILE I 101 -3.46 12.66 -39.23
C ILE I 101 -4.42 11.60 -38.69
N PHE I 102 -4.47 10.40 -39.27
CA PHE I 102 -5.35 9.40 -38.75
C PHE I 102 -4.89 8.79 -37.40
N GLN I 103 -3.57 8.80 -37.16
CA GLN I 103 -3.06 8.43 -35.86
C GLN I 103 -3.53 9.46 -34.79
N LYS I 104 -3.45 10.73 -35.08
CA LYS I 104 -3.91 11.76 -34.13
C LYS I 104 -5.43 11.65 -33.92
N ALA I 105 -6.15 11.44 -35.01
CA ALA I 105 -7.59 11.29 -34.91
C ALA I 105 -7.99 10.11 -34.04
N TYR I 106 -7.34 8.97 -34.28
CA TYR I 106 -7.62 7.80 -33.48
C TYR I 106 -7.32 8.02 -31.99
N GLU I 107 -6.17 8.61 -31.68
CA GLU I 107 -5.87 8.93 -30.30
C GLU I 107 -6.88 9.90 -29.68
N HIS I 108 -7.31 10.86 -30.48
CA HIS I 108 -8.34 11.76 -30.03
C HIS I 108 -9.67 11.01 -29.71
N GLU I 109 -10.08 10.11 -30.58
CA GLU I 109 -11.25 9.31 -30.33
C GLU I 109 -11.11 8.46 -29.05
N GLN I 110 -9.94 7.89 -28.82
CA GLN I 110 -9.72 7.15 -27.58
C GLN I 110 -9.89 8.06 -26.36
N HIS I 111 -9.38 9.29 -26.43
CA HIS I 111 -9.59 10.24 -25.35
C HIS I 111 -11.10 10.57 -25.12
N ILE I 112 -11.83 10.76 -26.18
CA ILE I 112 -13.27 11.04 -26.06
C ILE I 112 -13.98 9.80 -25.41
N SER I 113 -13.63 8.60 -25.87
CA SER I 113 -14.18 7.39 -25.24
C SER I 113 -13.95 7.34 -23.74
N GLU I 114 -12.73 7.67 -23.34
CA GLU I 114 -12.36 7.70 -21.91
C GLU I 114 -13.16 8.76 -21.16
N SER I 115 -13.35 9.93 -21.76
CA SER I 115 -14.10 10.98 -21.09
C SER I 115 -15.56 10.57 -20.90
N ILE I 116 -16.16 9.88 -21.85
CA ILE I 116 -17.51 9.37 -21.68
C ILE I 116 -17.57 8.28 -20.60
N ASN I 117 -16.62 7.37 -20.60
CA ASN I 117 -16.56 6.38 -19.56
C ASN I 117 -16.51 7.01 -18.15
N ASN I 118 -15.78 8.11 -18.01
CA ASN I 118 -15.72 8.79 -16.76
C ASN I 118 -17.10 9.36 -16.33
N ILE I 119 -17.88 9.88 -17.27
CA ILE I 119 -19.17 10.38 -16.93
C ILE I 119 -20.08 9.25 -16.48
N VAL I 120 -20.03 8.15 -17.21
CA VAL I 120 -20.90 7.02 -16.93
C VAL I 120 -20.58 6.45 -15.54
N ASP I 121 -19.30 6.42 -15.26
CA ASP I 121 -18.85 5.98 -13.98
C ASP I 121 -19.35 6.84 -12.86
N HIS I 122 -19.31 8.15 -13.03
CA HIS I 122 -19.85 9.04 -12.03
C HIS I 122 -21.38 8.90 -11.88
N ALA I 123 -22.10 8.66 -12.97
CA ALA I 123 -23.54 8.46 -12.87
C ALA I 123 -23.84 7.21 -12.01
N ILE I 124 -23.08 6.15 -12.20
CA ILE I 124 -23.24 4.93 -11.33
C ILE I 124 -22.98 5.27 -9.86
N LYS I 125 -21.90 5.95 -9.58
CA LYS I 125 -21.55 6.31 -8.23
C LYS I 125 -22.55 7.20 -7.55
N SER I 126 -23.13 8.13 -8.25
CA SER I 126 -24.08 9.00 -7.65
C SER I 126 -25.50 8.47 -7.78
N LYS I 127 -25.70 7.24 -8.25
CA LYS I 127 -27.01 6.67 -8.44
C LYS I 127 -27.91 7.45 -9.36
N ASP I 128 -27.34 8.11 -10.34
CA ASP I 128 -28.09 8.82 -11.35
C ASP I 128 -28.37 7.92 -12.53
N HIS I 129 -29.31 7.03 -12.35
CA HIS I 129 -29.66 6.08 -13.37
C HIS I 129 -30.34 6.61 -14.59
N ALA I 130 -31.06 7.69 -14.44
CA ALA I 130 -31.66 8.28 -15.59
C ALA I 130 -30.58 8.77 -16.54
N THR I 131 -29.56 9.38 -15.97
CA THR I 131 -28.47 9.86 -16.79
C THR I 131 -27.62 8.68 -17.40
N PHE I 132 -27.36 7.66 -16.59
CA PHE I 132 -26.74 6.42 -17.09
C PHE I 132 -27.49 5.90 -18.31
N ASN I 133 -28.80 5.77 -18.18
CA ASN I 133 -29.64 5.28 -19.26
C ASN I 133 -29.60 6.15 -20.51
N PHE I 134 -29.64 7.45 -20.31
CA PHE I 134 -29.52 8.37 -21.43
C PHE I 134 -28.24 8.26 -22.19
N LEU I 135 -27.14 8.12 -21.48
CA LEU I 135 -25.84 8.07 -22.09
C LEU I 135 -25.55 6.81 -22.94
N GLN I 136 -26.40 5.79 -22.91
CA GLN I 136 -26.07 4.54 -23.60
C GLN I 136 -25.93 4.69 -25.09
N TRP I 137 -26.82 5.47 -25.74
CA TRP I 137 -26.68 5.73 -27.16
C TRP I 137 -25.29 6.31 -27.43
N TYR I 138 -24.78 7.13 -26.55
CA TYR I 138 -23.56 7.86 -26.77
C TYR I 138 -22.37 6.98 -26.56
N VAL I 139 -22.39 6.13 -25.54
CA VAL I 139 -21.35 5.14 -25.34
C VAL I 139 -21.22 4.23 -26.59
N SER I 140 -22.35 3.79 -27.09
CA SER I 140 -22.40 2.89 -28.22
C SER I 140 -21.89 3.57 -29.52
N GLU I 141 -22.39 4.75 -29.82
CA GLU I 141 -21.96 5.49 -31.01
C GLU I 141 -20.49 5.85 -30.97
N GLN I 142 -20.02 6.26 -29.78
CA GLN I 142 -18.63 6.63 -29.67
C GLN I 142 -17.73 5.43 -29.88
N HIS I 143 -18.14 4.30 -29.35
CA HIS I 143 -17.35 3.11 -29.56
C HIS I 143 -17.23 2.73 -31.03
N GLU I 144 -18.32 2.80 -31.78
CA GLU I 144 -18.32 2.56 -33.19
C GLU I 144 -17.38 3.54 -33.92
N GLU I 145 -17.37 4.81 -33.50
CA GLU I 145 -16.44 5.78 -34.10
C GLU I 145 -14.97 5.46 -33.82
N GLU I 146 -14.67 5.10 -32.61
CA GLU I 146 -13.31 4.75 -32.25
C GLU I 146 -12.82 3.56 -33.04
N VAL I 147 -13.64 2.55 -33.13
CA VAL I 147 -13.32 1.39 -33.93
C VAL I 147 -13.14 1.70 -35.42
N LEU I 148 -14.01 2.54 -35.96
CA LEU I 148 -13.92 2.95 -37.34
C LEU I 148 -12.60 3.67 -37.63
N PHE I 149 -12.16 4.56 -36.75
CA PHE I 149 -10.86 5.20 -36.92
C PHE I 149 -9.70 4.26 -36.86
N LYS I 150 -9.76 3.30 -35.94
CA LYS I 150 -8.72 2.26 -35.89
C LYS I 150 -8.70 1.48 -37.17
N ASP I 151 -9.86 1.10 -37.69
CA ASP I 151 -9.91 0.34 -38.96
C ASP I 151 -9.33 1.11 -40.14
N ILE I 152 -9.66 2.41 -40.24
CA ILE I 152 -9.15 3.20 -41.36
C ILE I 152 -7.64 3.36 -41.21
N LEU I 153 -7.16 3.66 -40.02
CA LEU I 153 -5.74 3.77 -39.78
C LEU I 153 -5.01 2.50 -40.19
N ASP I 154 -5.53 1.35 -39.77
CA ASP I 154 -4.94 0.11 -40.14
C ASP I 154 -4.98 -0.18 -41.66
N LYS I 155 -6.05 0.19 -42.34
CA LYS I 155 -6.13 0.05 -43.77
C LYS I 155 -5.11 0.94 -44.50
N ILE I 156 -4.93 2.17 -44.05
CA ILE I 156 -3.93 3.08 -44.60
C ILE I 156 -2.57 2.43 -44.46
N GLU I 157 -2.30 1.84 -43.32
CA GLU I 157 -1.05 1.12 -43.08
C GLU I 157 -0.89 -0.15 -43.97
N LEU I 158 -1.93 -0.95 -44.12
CA LEU I 158 -1.93 -2.11 -44.99
C LEU I 158 -1.66 -1.75 -46.46
N ILE I 159 -2.25 -0.66 -46.95
CA ILE I 159 -2.12 -0.29 -48.34
C ILE I 159 -0.70 0.24 -48.58
N GLY I 160 -0.21 1.10 -47.71
CA GLY I 160 1.12 1.65 -47.91
C GLY I 160 1.12 2.86 -48.76
N ASN I 161 2.22 3.59 -48.85
CA ASN I 161 2.21 4.80 -49.73
C ASN I 161 3.21 4.71 -50.90
N GLU I 162 3.73 3.53 -51.16
CA GLU I 162 4.53 3.35 -52.34
C GLU I 162 3.58 3.42 -53.55
N ASN I 163 4.05 4.00 -54.63
CA ASN I 163 3.32 4.15 -55.87
C ASN I 163 1.94 4.82 -55.76
N HIS I 164 0.87 4.16 -56.11
CA HIS I 164 -0.45 4.70 -56.03
C HIS I 164 -1.19 4.32 -54.75
N GLY I 165 -0.45 3.98 -53.72
CA GLY I 165 -1.01 3.64 -52.45
C GLY I 165 -1.92 4.72 -51.87
N LEU I 166 -1.54 5.97 -51.90
CA LEU I 166 -2.36 7.04 -51.41
C LEU I 166 -3.64 7.16 -52.17
N TYR I 167 -3.62 7.01 -53.49
CA TYR I 167 -4.83 6.95 -54.29
C TYR I 167 -5.74 5.80 -53.80
N LEU I 168 -5.18 4.59 -53.62
CA LEU I 168 -6.01 3.51 -53.19
C LEU I 168 -6.62 3.74 -51.79
N ALA I 169 -5.82 4.28 -50.90
CA ALA I 169 -6.30 4.58 -49.56
C ALA I 169 -7.43 5.62 -49.59
N ASP I 170 -7.23 6.65 -50.37
CA ASP I 170 -8.23 7.71 -50.49
C ASP I 170 -9.55 7.19 -51.08
N GLN I 171 -9.47 6.30 -52.09
CA GLN I 171 -10.65 5.65 -52.62
C GLN I 171 -11.33 4.75 -51.64
N TYR I 172 -10.55 4.04 -50.83
CA TYR I 172 -11.13 3.22 -49.81
C TYR I 172 -11.95 4.04 -48.80
N VAL I 173 -11.35 5.11 -48.33
CA VAL I 173 -12.01 5.99 -47.36
C VAL I 173 -13.24 6.68 -47.99
N LYS I 174 -13.13 7.09 -49.26
CA LYS I 174 -14.28 7.64 -49.97
C LYS I 174 -15.47 6.67 -49.93
N GLY I 175 -15.19 5.40 -50.15
CA GLY I 175 -16.22 4.36 -50.09
C GLY I 175 -16.85 4.21 -48.72
N ILE I 176 -16.06 4.31 -47.65
CA ILE I 176 -16.60 4.29 -46.33
C ILE I 176 -17.50 5.50 -46.12
N ALA I 177 -17.04 6.69 -46.50
CA ALA I 177 -17.85 7.88 -46.29
C ALA I 177 -19.21 7.75 -46.97
N LYS I 178 -19.18 7.26 -48.20
CA LYS I 178 -20.40 7.10 -48.99
C LYS I 178 -21.35 6.08 -48.34
N SER I 179 -20.85 4.97 -47.85
CA SER I 179 -21.72 3.95 -47.31
C SER I 179 -22.27 4.38 -45.98
N ARG I 180 -21.58 5.21 -45.19
CA ARG I 180 -22.16 5.67 -43.95
C ARG I 180 -23.20 6.77 -44.11
N LYS I 181 -23.32 7.45 -45.23
CA LYS I 181 -24.37 8.49 -45.40
C LYS I 181 -25.61 7.77 -45.87
N SER I 182 -25.42 6.74 -46.71
CA SER I 182 -26.51 5.96 -47.33
C SER I 182 -27.14 5.04 -46.28
N LEU J 2 -9.91 32.13 -56.34
CA LEU J 2 -10.49 33.13 -55.41
C LEU J 2 -9.40 34.13 -55.05
N SER J 3 -9.74 35.38 -54.98
CA SER J 3 -8.82 36.38 -54.51
C SER J 3 -8.44 36.22 -53.01
N LYS J 4 -7.32 36.85 -52.64
CA LYS J 4 -6.84 36.77 -51.29
C LYS J 4 -7.86 37.40 -50.33
N ASP J 5 -8.40 38.54 -50.72
CA ASP J 5 -9.39 39.20 -49.89
C ASP J 5 -10.66 38.37 -49.67
N ILE J 6 -11.17 37.75 -50.71
CA ILE J 6 -12.38 36.94 -50.66
C ILE J 6 -12.09 35.71 -49.76
N ILE J 7 -10.92 35.10 -49.90
CA ILE J 7 -10.54 33.99 -49.03
C ILE J 7 -10.56 34.38 -47.58
N LYS J 8 -9.96 35.52 -47.27
CA LYS J 8 -9.96 35.98 -45.91
C LYS J 8 -11.39 36.25 -45.39
N LEU J 9 -12.21 36.91 -46.17
CA LEU J 9 -13.60 37.20 -45.75
C LEU J 9 -14.43 35.93 -45.58
N LEU J 10 -14.27 34.96 -46.46
CA LEU J 10 -14.97 33.69 -46.34
C LEU J 10 -14.56 32.94 -45.10
N ASN J 11 -13.27 32.90 -44.78
CA ASN J 11 -12.81 32.27 -43.56
C ASN J 11 -13.35 32.97 -42.36
N GLU J 12 -13.31 34.30 -42.38
CA GLU J 12 -13.93 35.03 -41.26
C GLU J 12 -15.41 34.71 -41.12
N GLN J 13 -16.13 34.57 -42.23
CA GLN J 13 -17.55 34.25 -42.18
C GLN J 13 -17.82 32.85 -41.57
N VAL J 14 -16.97 31.86 -41.86
CA VAL J 14 -17.08 30.56 -41.22
C VAL J 14 -17.01 30.73 -39.72
N ASN J 15 -15.99 31.46 -39.26
CA ASN J 15 -15.82 31.72 -37.83
C ASN J 15 -16.99 32.49 -37.20
N LYS J 16 -17.53 33.46 -37.94
CA LYS J 16 -18.68 34.19 -37.45
C LYS J 16 -19.92 33.28 -37.32
N GLU J 17 -20.13 32.39 -38.26
CA GLU J 17 -21.24 31.46 -38.15
C GLU J 17 -21.08 30.49 -37.00
N MET J 18 -19.87 30.04 -36.70
CA MET J 18 -19.67 29.16 -35.54
C MET J 18 -19.94 29.95 -34.27
N ASN J 19 -19.47 31.20 -34.22
CA ASN J 19 -19.75 32.07 -33.08
C ASN J 19 -21.28 32.28 -32.90
N SER J 20 -22.01 32.49 -34.01
CA SER J 20 -23.46 32.62 -33.92
C SER J 20 -24.13 31.40 -33.40
N SER J 21 -23.72 30.24 -33.89
CA SER J 21 -24.25 29.00 -33.40
C SER J 21 -24.10 28.92 -31.87
N ASN J 22 -22.92 29.23 -31.35
CA ASN J 22 -22.70 29.17 -29.92
C ASN J 22 -23.57 30.16 -29.15
N LEU J 23 -23.69 31.37 -29.69
CA LEU J 23 -24.48 32.37 -29.06
C LEU J 23 -25.93 31.94 -28.96
N TYR J 24 -26.48 31.41 -30.05
CA TYR J 24 -27.89 30.97 -30.01
C TYR J 24 -28.11 29.77 -29.13
N MET J 25 -27.14 28.87 -28.99
CA MET J 25 -27.27 27.79 -28.02
C MET J 25 -27.31 28.34 -26.60
N SER J 26 -26.48 29.34 -26.32
CA SER J 26 -26.52 29.95 -25.00
C SER J 26 -27.82 30.69 -24.71
N MET J 27 -28.34 31.39 -25.71
CA MET J 27 -29.67 32.02 -25.60
C MET J 27 -30.75 31.01 -25.36
N SER J 28 -30.66 29.89 -26.06
CA SER J 28 -31.62 28.82 -25.88
C SER J 28 -31.62 28.31 -24.47
N SER J 29 -30.43 28.09 -23.91
CA SER J 29 -30.30 27.62 -22.57
C SER J 29 -30.86 28.66 -21.56
N TRP J 30 -30.64 29.95 -21.79
CA TRP J 30 -31.23 30.96 -20.93
C TRP J 30 -32.75 30.86 -20.93
N CYS J 31 -33.34 30.61 -22.07
CA CYS J 31 -34.81 30.43 -22.16
C CYS J 31 -35.27 29.29 -21.30
N TYR J 32 -34.59 28.18 -21.36
CA TYR J 32 -34.91 27.06 -20.48
C TYR J 32 -34.58 27.26 -19.03
N THR J 33 -33.55 27.94 -18.65
CA THR J 33 -33.09 28.01 -17.27
C THR J 33 -32.59 29.42 -16.71
N GLY J 34 -32.71 30.48 -17.48
CA GLY J 34 -32.31 31.80 -17.11
C GLY J 34 -30.85 32.11 -16.79
N SER J 35 -30.70 33.13 -15.92
CA SER J 35 -29.38 33.77 -15.55
C SER J 35 -28.80 34.70 -16.54
N SER J 48 -36.44 33.50 -14.63
CA SER J 48 -36.69 32.37 -13.75
C SER J 48 -37.68 31.33 -14.26
N TYR J 49 -38.37 31.58 -15.37
CA TYR J 49 -39.33 30.61 -15.88
C TYR J 49 -38.77 29.76 -17.06
N SER J 50 -39.33 28.55 -17.32
CA SER J 50 -38.99 27.82 -18.54
C SER J 50 -39.75 28.25 -19.85
N LEU J 51 -39.07 28.90 -20.75
CA LEU J 51 -39.65 29.36 -22.01
C LEU J 51 -39.22 28.40 -23.08
N ASP J 52 -39.89 27.25 -23.15
CA ASP J 52 -39.48 26.17 -24.03
C ASP J 52 -39.76 26.43 -25.49
N GLY J 53 -40.73 27.28 -25.79
CA GLY J 53 -41.02 27.63 -27.16
C GLY J 53 -39.87 28.45 -27.74
N CYS J 54 -39.48 29.48 -27.02
CA CYS J 54 -38.34 30.27 -27.43
C CYS J 54 -37.06 29.44 -27.41
N GLY J 55 -36.90 28.62 -26.37
CA GLY J 55 -35.74 27.77 -26.24
C GLY J 55 -35.56 26.84 -27.44
N THR J 56 -36.66 26.21 -27.89
CA THR J 56 -36.63 25.34 -29.05
C THR J 56 -36.30 26.10 -30.35
N PHE J 57 -36.94 27.23 -30.52
CA PHE J 57 -36.71 28.05 -31.67
C PHE J 57 -35.22 28.47 -31.77
N LEU J 58 -34.66 28.95 -30.66
CA LEU J 58 -33.29 29.39 -30.69
C LEU J 58 -32.28 28.26 -30.91
N PHE J 59 -32.55 27.09 -30.32
CA PHE J 59 -31.75 25.90 -30.58
C PHE J 59 -31.75 25.55 -32.05
N ASP J 60 -32.94 25.53 -32.65
CA ASP J 60 -33.03 25.21 -34.04
C ASP J 60 -32.34 26.25 -34.91
N HIS J 61 -32.41 27.53 -34.53
CA HIS J 61 -31.72 28.51 -35.27
C HIS J 61 -30.21 28.37 -35.13
N ALA J 62 -29.74 28.04 -33.93
CA ALA J 62 -28.30 27.73 -33.74
C ALA J 62 -27.80 26.63 -34.68
N ALA J 63 -28.60 25.57 -34.79
CA ALA J 63 -28.25 24.46 -35.66
C ALA J 63 -28.16 24.86 -37.10
N GLU J 64 -29.04 25.76 -37.51
CA GLU J 64 -29.12 26.33 -38.84
C GLU J 64 -27.85 27.14 -39.17
N GLU J 65 -27.38 27.90 -38.21
CA GLU J 65 -26.19 28.69 -38.39
C GLU J 65 -25.00 27.76 -38.59
N TYR J 66 -24.93 26.65 -37.85
CA TYR J 66 -23.88 25.71 -38.08
C TYR J 66 -23.96 25.08 -39.49
N GLU J 67 -25.15 24.83 -39.98
CA GLU J 67 -25.33 24.37 -41.34
C GLU J 67 -24.77 25.39 -42.38
N HIS J 68 -24.92 26.68 -42.11
CA HIS J 68 -24.31 27.70 -42.96
C HIS J 68 -22.82 27.60 -42.92
N ALA J 69 -22.22 27.44 -41.73
CA ALA J 69 -20.80 27.24 -41.61
C ALA J 69 -20.34 26.04 -42.42
N LYS J 70 -21.03 24.94 -42.33
CA LYS J 70 -20.69 23.75 -43.10
C LYS J 70 -20.70 23.97 -44.61
N LYS J 71 -21.70 24.64 -45.13
CA LYS J 71 -21.82 24.95 -46.55
C LYS J 71 -20.67 25.80 -47.03
N LEU J 72 -20.29 26.76 -46.23
CA LEU J 72 -19.12 27.54 -46.57
C LEU J 72 -17.82 26.76 -46.56
N ILE J 73 -17.66 25.85 -45.60
CA ILE J 73 -16.49 24.99 -45.53
C ILE J 73 -16.44 24.09 -46.79
N VAL J 74 -17.56 23.53 -47.19
CA VAL J 74 -17.64 22.71 -48.40
C VAL J 74 -17.13 23.49 -49.61
N PHE J 75 -17.60 24.72 -49.74
CA PHE J 75 -17.18 25.57 -50.81
C PHE J 75 -15.67 25.85 -50.79
N LEU J 76 -15.13 26.14 -49.64
CA LEU J 76 -13.70 26.33 -49.52
C LEU J 76 -12.90 25.06 -49.87
N ASN J 77 -13.31 23.91 -49.33
CA ASN J 77 -12.64 22.65 -49.61
C ASN J 77 -12.68 22.37 -51.13
N GLU J 78 -13.85 22.54 -51.72
CA GLU J 78 -14.03 22.23 -53.16
C GLU J 78 -13.27 23.16 -54.06
N ASN J 79 -13.01 24.39 -53.60
CA ASN J 79 -12.20 25.33 -54.31
C ASN J 79 -10.71 25.30 -53.97
N ASN J 80 -10.32 24.31 -53.21
CA ASN J 80 -8.93 24.15 -52.80
C ASN J 80 -8.35 25.30 -52.01
N VAL J 81 -9.13 25.93 -51.14
CA VAL J 81 -8.68 27.02 -50.31
C VAL J 81 -8.62 26.52 -48.85
N PRO J 82 -7.55 26.75 -48.14
CA PRO J 82 -7.46 26.34 -46.73
C PRO J 82 -8.51 26.98 -45.83
N VAL J 83 -9.12 26.18 -44.96
CA VAL J 83 -10.05 26.69 -43.98
C VAL J 83 -9.21 27.04 -42.76
N GLN J 84 -9.35 28.21 -42.20
CA GLN J 84 -8.56 28.60 -41.01
C GLN J 84 -9.52 28.89 -39.90
N LEU J 85 -9.77 27.92 -39.06
CA LEU J 85 -10.61 28.07 -37.94
C LEU J 85 -9.82 28.73 -36.81
N THR J 86 -10.40 29.76 -36.20
CA THR J 86 -9.71 30.51 -35.19
C THR J 86 -10.30 30.17 -33.86
N SER J 87 -9.73 30.74 -32.81
CA SER J 87 -10.08 30.29 -31.49
C SER J 87 -11.54 30.76 -31.21
N ILE J 88 -12.23 29.97 -30.40
CA ILE J 88 -13.62 30.16 -30.09
C ILE J 88 -13.80 30.94 -28.79
N SER J 89 -14.47 32.05 -28.86
CA SER J 89 -14.68 32.87 -27.69
C SER J 89 -15.99 32.50 -27.05
N ALA J 90 -16.04 32.35 -25.75
CA ALA J 90 -17.25 31.94 -25.08
C ALA J 90 -18.34 32.96 -25.42
N PRO J 91 -19.54 32.53 -25.74
CA PRO J 91 -20.65 33.47 -25.89
C PRO J 91 -21.09 34.05 -24.57
N GLU J 92 -21.85 35.13 -24.62
CA GLU J 92 -22.49 35.67 -23.44
C GLU J 92 -23.49 34.62 -22.93
N HIS J 93 -23.52 34.44 -21.62
CA HIS J 93 -24.41 33.51 -20.91
C HIS J 93 -25.59 34.17 -20.11
N LYS J 94 -25.52 35.45 -19.80
CA LYS J 94 -26.49 36.16 -18.97
C LYS J 94 -27.25 37.14 -19.79
N PHE J 95 -28.55 37.13 -19.67
CA PHE J 95 -29.36 38.04 -20.41
C PHE J 95 -30.42 38.65 -19.51
N GLU J 96 -30.78 39.89 -19.79
CA GLU J 96 -31.74 40.63 -18.98
C GLU J 96 -33.20 40.25 -19.03
N GLY J 97 -33.67 39.65 -20.11
CA GLY J 97 -35.09 39.31 -20.22
C GLY J 97 -35.41 38.89 -21.64
N LEU J 98 -36.64 38.51 -21.91
CA LEU J 98 -37.01 37.94 -23.20
C LEU J 98 -36.93 39.01 -24.30
N THR J 99 -37.44 40.21 -24.05
CA THR J 99 -37.27 41.27 -25.01
C THR J 99 -35.85 41.55 -25.35
N GLN J 100 -35.04 41.62 -24.32
CA GLN J 100 -33.62 41.95 -24.55
C GLN J 100 -32.89 40.92 -25.34
N ILE J 101 -33.18 39.66 -25.06
CA ILE J 101 -32.53 38.56 -25.80
C ILE J 101 -32.90 38.66 -27.26
N PHE J 102 -34.18 38.88 -27.62
CA PHE J 102 -34.52 38.97 -29.01
C PHE J 102 -34.06 40.26 -29.68
N GLN J 103 -33.92 41.34 -28.89
CA GLN J 103 -33.35 42.56 -29.40
C GLN J 103 -31.84 42.31 -29.75
N LYS J 104 -31.11 41.63 -28.88
CA LYS J 104 -29.73 41.31 -29.17
C LYS J 104 -29.59 40.39 -30.37
N ALA J 105 -30.45 39.39 -30.41
CA ALA J 105 -30.44 38.46 -31.55
C ALA J 105 -30.71 39.16 -32.85
N TYR J 106 -31.70 40.01 -32.87
CA TYR J 106 -32.00 40.78 -34.09
C TYR J 106 -30.85 41.66 -34.52
N GLU J 107 -30.26 42.39 -33.60
CA GLU J 107 -29.07 43.19 -33.93
C GLU J 107 -27.93 42.34 -34.44
N HIS J 108 -27.76 41.19 -33.83
CA HIS J 108 -26.75 40.25 -34.31
C HIS J 108 -27.04 39.79 -35.77
N GLU J 109 -28.28 39.46 -36.06
CA GLU J 109 -28.65 39.10 -37.43
C GLU J 109 -28.42 40.23 -38.41
N GLN J 110 -28.70 41.47 -38.03
CA GLN J 110 -28.39 42.60 -38.90
C GLN J 110 -26.91 42.68 -39.19
N HIS J 111 -26.08 42.48 -38.16
CA HIS J 111 -24.63 42.46 -38.36
C HIS J 111 -24.19 41.34 -39.34
N ILE J 112 -24.76 40.15 -39.19
CA ILE J 112 -24.42 39.05 -40.10
C ILE J 112 -24.85 39.41 -41.54
N SER J 113 -26.04 39.98 -41.70
CA SER J 113 -26.51 40.43 -43.04
C SER J 113 -25.50 41.39 -43.68
N GLU J 114 -25.02 42.33 -42.92
CA GLU J 114 -24.07 43.28 -43.35
C GLU J 114 -22.74 42.61 -43.76
N SER J 115 -22.27 41.66 -42.96
CA SER J 115 -21.04 40.99 -43.26
C SER J 115 -21.15 40.17 -44.58
N ILE J 116 -22.30 39.56 -44.85
CA ILE J 116 -22.51 38.88 -46.08
C ILE J 116 -22.55 39.87 -47.28
N ASN J 117 -23.26 40.98 -47.12
CA ASN J 117 -23.26 41.99 -48.13
C ASN J 117 -21.85 42.46 -48.51
N ASN J 118 -20.97 42.57 -47.52
CA ASN J 118 -19.63 42.96 -47.77
C ASN J 118 -18.87 41.92 -48.66
N ILE J 119 -19.10 40.65 -48.42
CA ILE J 119 -18.46 39.64 -49.22
C ILE J 119 -18.97 39.72 -50.65
N VAL J 120 -20.27 39.87 -50.81
CA VAL J 120 -20.89 39.86 -52.11
C VAL J 120 -20.36 41.07 -52.93
N ASP J 121 -20.23 42.19 -52.23
CA ASP J 121 -19.72 43.34 -52.85
C ASP J 121 -18.27 43.17 -53.30
N HIS J 122 -17.44 42.54 -52.49
CA HIS J 122 -16.09 42.23 -52.90
C HIS J 122 -16.03 41.25 -54.12
N ALA J 123 -16.93 40.27 -54.17
CA ALA J 123 -16.97 39.38 -55.29
C ALA J 123 -17.28 40.15 -56.60
N ILE J 124 -18.21 41.08 -56.54
CA ILE J 124 -18.49 41.97 -57.72
C ILE J 124 -17.25 42.75 -58.14
N LYS J 125 -16.60 43.37 -57.20
CA LYS J 125 -15.41 44.16 -57.48
C LYS J 125 -14.27 43.35 -58.06
N SER J 126 -14.06 42.15 -57.61
CA SER J 126 -13.02 41.36 -58.13
C SER J 126 -13.46 40.50 -59.29
N LYS J 127 -14.66 40.67 -59.81
CA LYS J 127 -15.20 39.87 -60.90
C LYS J 127 -15.25 38.42 -60.64
N ASP J 128 -15.44 38.03 -59.39
CA ASP J 128 -15.53 36.65 -59.04
C ASP J 128 -16.99 36.23 -59.08
N HIS J 129 -17.49 35.95 -60.26
CA HIS J 129 -18.88 35.66 -60.42
C HIS J 129 -19.31 34.32 -60.01
N ALA J 130 -18.40 33.36 -59.97
CA ALA J 130 -18.75 32.09 -59.44
C ALA J 130 -19.05 32.20 -57.97
N THR J 131 -18.25 32.98 -57.27
CA THR J 131 -18.49 33.16 -55.86
C THR J 131 -19.79 33.99 -55.57
N PHE J 132 -20.00 35.04 -56.37
CA PHE J 132 -21.25 35.78 -56.34
C PHE J 132 -22.44 34.86 -56.46
N ASN J 133 -22.41 34.01 -57.47
CA ASN J 133 -23.49 33.04 -57.73
C ASN J 133 -23.69 32.06 -56.55
N PHE J 134 -22.60 31.58 -56.03
CA PHE J 134 -22.67 30.69 -54.87
C PHE J 134 -23.32 31.33 -53.65
N LEU J 135 -22.98 32.56 -53.36
CA LEU J 135 -23.46 33.23 -52.21
C LEU J 135 -24.98 33.59 -52.22
N GLN J 136 -25.68 33.42 -53.34
CA GLN J 136 -27.07 33.87 -53.41
C GLN J 136 -27.98 33.13 -52.46
N TRP J 137 -27.82 31.80 -52.30
CA TRP J 137 -28.62 31.07 -51.37
C TRP J 137 -28.43 31.69 -49.95
N TYR J 138 -27.23 32.14 -49.66
CA TYR J 138 -26.88 32.60 -48.35
C TYR J 138 -27.44 33.99 -48.09
N VAL J 139 -27.36 34.87 -49.07
CA VAL J 139 -28.00 36.18 -48.99
C VAL J 139 -29.51 36.04 -48.73
N SER J 140 -30.12 35.15 -49.46
CA SER J 140 -31.56 34.92 -49.39
C SER J 140 -31.97 34.32 -48.03
N GLU J 141 -31.28 33.28 -47.59
CA GLU J 141 -31.59 32.66 -46.29
C GLU J 141 -31.35 33.61 -45.15
N GLN J 142 -30.27 34.37 -45.22
CA GLN J 142 -29.97 35.31 -44.17
C GLN J 142 -31.02 36.38 -44.07
N HIS J 143 -31.49 36.84 -45.20
CA HIS J 143 -32.53 37.84 -45.19
C HIS J 143 -33.81 37.35 -44.53
N GLU J 144 -34.20 36.11 -44.82
CA GLU J 144 -35.35 35.47 -44.22
C GLU J 144 -35.15 35.40 -42.72
N GLU J 145 -33.94 35.04 -42.27
CA GLU J 145 -33.67 34.97 -40.83
C GLU J 145 -33.76 36.31 -40.12
N GLU J 146 -33.21 37.34 -40.74
CA GLU J 146 -33.25 38.66 -40.16
C GLU J 146 -34.68 39.13 -40.02
N VAL J 147 -35.46 38.96 -41.05
CA VAL J 147 -36.87 39.32 -41.01
C VAL J 147 -37.66 38.52 -39.95
N LEU J 148 -37.40 37.23 -39.84
CA LEU J 148 -38.04 36.41 -38.85
C LEU J 148 -37.75 36.91 -37.43
N PHE J 149 -36.50 37.27 -37.13
CA PHE J 149 -36.21 37.83 -35.83
C PHE J 149 -36.88 39.16 -35.54
N LYS J 150 -36.96 40.00 -36.54
CA LYS J 150 -37.71 41.26 -36.43
C LYS J 150 -39.18 40.97 -36.14
N ASP J 151 -39.77 40.03 -36.85
CA ASP J 151 -41.18 39.69 -36.62
C ASP J 151 -41.44 39.14 -35.20
N ILE J 152 -40.55 38.29 -34.71
CA ILE J 152 -40.71 37.75 -33.36
C ILE J 152 -40.56 38.84 -32.33
N LEU J 153 -39.54 39.66 -32.48
CA LEU J 153 -39.34 40.78 -31.58
C LEU J 153 -40.56 41.67 -31.53
N ASP J 154 -41.10 42.02 -32.69
CA ASP J 154 -42.28 42.83 -32.73
C ASP J 154 -43.52 42.15 -32.09
N LYS J 155 -43.69 40.87 -32.28
CA LYS J 155 -44.77 40.14 -31.66
C LYS J 155 -44.65 40.10 -30.13
N ILE J 156 -43.44 39.91 -29.62
CA ILE J 156 -43.17 39.95 -28.18
C ILE J 156 -43.61 41.33 -27.66
N GLU J 157 -43.32 42.40 -28.39
CA GLU J 157 -43.73 43.75 -27.98
C GLU J 157 -45.25 43.97 -28.09
N LEU J 158 -45.89 43.46 -29.14
CA LEU J 158 -47.32 43.54 -29.27
C LEU J 158 -48.07 42.80 -28.11
N ILE J 159 -47.58 41.62 -27.72
CA ILE J 159 -48.26 40.85 -26.73
C ILE J 159 -48.10 41.48 -25.36
N GLY J 160 -46.89 41.91 -25.02
CA GLY J 160 -46.68 42.52 -23.73
C GLY J 160 -46.40 41.50 -22.66
N ASN J 161 -45.97 41.93 -21.47
CA ASN J 161 -45.69 40.91 -20.43
C ASN J 161 -46.58 41.06 -19.18
N GLU J 162 -47.67 41.78 -19.28
CA GLU J 162 -48.59 41.75 -18.18
C GLU J 162 -49.31 40.41 -18.20
N ASN J 163 -49.66 39.93 -17.02
CA ASN J 163 -50.37 38.68 -16.80
C ASN J 163 -49.73 37.45 -17.51
N HIS J 164 -50.41 36.79 -18.41
CA HIS J 164 -49.91 35.65 -19.10
C HIS J 164 -49.29 35.98 -20.46
N GLY J 165 -48.87 37.22 -20.64
CA GLY J 165 -48.25 37.64 -21.86
C GLY J 165 -47.01 36.81 -22.21
N LEU J 166 -46.14 36.51 -21.24
CA LEU J 166 -44.98 35.69 -21.53
C LEU J 166 -45.36 34.32 -22.04
N TYR J 167 -46.38 33.71 -21.40
CA TYR J 167 -46.90 32.45 -21.89
C TYR J 167 -47.39 32.57 -23.32
N LEU J 168 -48.18 33.58 -23.64
CA LEU J 168 -48.66 33.74 -25.01
C LEU J 168 -47.52 33.93 -26.02
N ALA J 169 -46.55 34.71 -25.65
CA ALA J 169 -45.39 34.94 -26.54
C ALA J 169 -44.63 33.62 -26.77
N ASP J 170 -44.41 32.88 -25.68
CA ASP J 170 -43.70 31.61 -25.79
C ASP J 170 -44.44 30.59 -26.66
N GLN J 171 -45.78 30.54 -26.55
CA GLN J 171 -46.58 29.70 -27.40
C GLN J 171 -46.57 30.14 -28.84
N TYR J 172 -46.55 31.44 -29.08
CA TYR J 172 -46.45 31.95 -30.44
C TYR J 172 -45.12 31.48 -31.09
N VAL J 173 -44.03 31.66 -30.38
CA VAL J 173 -42.70 31.26 -30.89
C VAL J 173 -42.62 29.73 -31.06
N LYS J 174 -43.19 28.98 -30.13
CA LYS J 174 -43.26 27.54 -30.26
C LYS J 174 -43.90 27.14 -31.58
N GLY J 175 -45.00 27.81 -31.94
CA GLY J 175 -45.68 27.58 -33.21
C GLY J 175 -44.82 27.87 -34.42
N ILE J 176 -44.04 28.96 -34.37
CA ILE J 176 -43.15 29.26 -35.45
C ILE J 176 -42.08 28.13 -35.55
N ALA J 177 -41.50 27.72 -34.43
CA ALA J 177 -40.47 26.70 -34.48
C ALA J 177 -40.99 25.42 -35.12
N LYS J 178 -42.19 25.04 -34.73
CA LYS J 178 -42.81 23.81 -35.24
C LYS J 178 -43.09 23.92 -36.73
N SER J 179 -43.58 25.05 -37.21
CA SER J 179 -43.90 25.16 -38.61
C SER J 179 -42.66 25.22 -39.46
N ARG J 180 -41.55 25.75 -38.98
CA ARG J 180 -40.33 25.74 -39.76
C ARG J 180 -39.62 24.38 -39.83
N LYS J 181 -39.92 23.41 -38.99
CA LYS J 181 -39.20 22.10 -39.07
C LYS J 181 -39.67 21.18 -40.19
N LEU K 2 -34.24 48.50 -45.82
CA LEU K 2 -34.20 49.06 -47.22
C LEU K 2 -33.87 50.53 -47.14
N SER K 3 -33.05 51.01 -48.01
CA SER K 3 -32.80 52.42 -48.14
C SER K 3 -34.03 53.27 -48.55
N LYS K 4 -33.98 54.54 -48.26
CA LYS K 4 -35.07 55.38 -48.59
C LYS K 4 -35.30 55.45 -50.08
N ASP K 5 -34.23 55.55 -50.86
CA ASP K 5 -34.35 55.55 -52.29
C ASP K 5 -35.00 54.29 -52.87
N ILE K 6 -34.62 53.15 -52.39
CA ILE K 6 -35.12 51.85 -52.85
C ILE K 6 -36.61 51.77 -52.47
N ILE K 7 -36.98 52.21 -51.26
CA ILE K 7 -38.37 52.25 -50.84
C ILE K 7 -39.20 53.08 -51.81
N LYS K 8 -38.72 54.26 -52.12
CA LYS K 8 -39.44 55.11 -53.03
C LYS K 8 -39.57 54.47 -54.43
N LEU K 9 -38.50 53.90 -54.95
CA LEU K 9 -38.54 53.22 -56.28
C LEU K 9 -39.47 52.03 -56.29
N LEU K 10 -39.51 51.24 -55.23
CA LEU K 10 -40.40 50.10 -55.14
C LEU K 10 -41.85 50.54 -55.10
N ASN K 11 -42.17 51.59 -54.33
CA ASN K 11 -43.52 52.12 -54.31
C ASN K 11 -43.91 52.64 -55.70
N GLU K 12 -42.99 53.35 -56.34
CA GLU K 12 -43.27 53.80 -57.69
C GLU K 12 -43.49 52.65 -58.65
N GLN K 13 -42.75 51.56 -58.51
CA GLN K 13 -42.92 50.39 -59.36
C GLN K 13 -44.27 49.71 -59.17
N VAL K 14 -44.78 49.65 -57.93
CA VAL K 14 -46.14 49.15 -57.69
C VAL K 14 -47.09 49.96 -58.51
N ASN K 15 -47.00 51.28 -58.43
CA ASN K 15 -47.87 52.20 -59.19
C ASN K 15 -47.75 52.01 -60.70
N LYS K 16 -46.52 51.81 -61.20
CA LYS K 16 -46.36 51.58 -62.60
C LYS K 16 -47.00 50.25 -63.04
N GLU K 17 -46.90 49.21 -62.24
CA GLU K 17 -47.55 47.96 -62.57
C GLU K 17 -49.07 48.06 -62.56
N MET K 18 -49.63 48.81 -61.64
CA MET K 18 -51.10 48.99 -61.64
C MET K 18 -51.49 49.79 -62.85
N ASN K 19 -50.73 50.81 -63.18
CA ASN K 19 -50.98 51.62 -64.39
C ASN K 19 -50.88 50.75 -65.64
N SER K 20 -49.90 49.85 -65.72
CA SER K 20 -49.81 48.90 -66.85
C SER K 20 -50.99 48.02 -66.97
N SER K 21 -51.42 47.49 -65.86
CA SER K 21 -52.61 46.65 -65.87
C SER K 21 -53.76 47.38 -66.46
N ASN K 22 -53.99 48.62 -66.06
CA ASN K 22 -55.11 49.41 -66.60
C ASN K 22 -54.95 49.70 -68.05
N LEU K 23 -53.75 50.01 -68.47
CA LEU K 23 -53.47 50.25 -69.87
C LEU K 23 -53.80 49.05 -70.72
N TYR K 24 -53.37 47.87 -70.28
CA TYR K 24 -53.67 46.65 -71.06
C TYR K 24 -55.14 46.30 -71.03
N MET K 25 -55.87 46.61 -69.99
CA MET K 25 -57.31 46.44 -70.02
C MET K 25 -57.96 47.35 -71.02
N SER K 26 -57.49 48.58 -71.12
CA SER K 26 -58.02 49.52 -72.11
C SER K 26 -57.70 49.05 -73.53
N MET K 27 -56.48 48.57 -73.76
CA MET K 27 -56.11 48.01 -75.04
C MET K 27 -56.96 46.82 -75.39
N SER K 28 -57.21 45.97 -74.41
CA SER K 28 -58.04 44.81 -74.62
C SER K 28 -59.42 45.21 -75.05
N SER K 29 -60.01 46.20 -74.38
CA SER K 29 -61.31 46.68 -74.73
C SER K 29 -61.34 47.27 -76.15
N TRP K 30 -60.30 48.00 -76.56
CA TRP K 30 -60.23 48.54 -77.92
C TRP K 30 -60.31 47.37 -78.91
N CYS K 31 -59.57 46.27 -78.62
CA CYS K 31 -59.60 45.11 -79.51
C CYS K 31 -61.01 44.57 -79.65
N TYR K 32 -61.61 44.34 -78.51
CA TYR K 32 -62.90 43.73 -78.47
C TYR K 32 -64.04 44.50 -79.03
N THR K 33 -63.99 45.80 -78.91
CA THR K 33 -65.16 46.58 -79.26
C THR K 33 -65.25 47.12 -80.63
N GLY K 34 -66.45 47.08 -81.19
CA GLY K 34 -66.73 47.60 -82.51
C GLY K 34 -68.19 47.54 -82.75
N SER K 47 -60.61 49.03 -85.89
CA SER K 47 -61.21 49.78 -84.80
C SER K 47 -62.67 49.37 -84.60
N SER K 48 -63.31 49.18 -85.73
CA SER K 48 -64.69 48.79 -85.78
C SER K 48 -64.89 47.28 -85.76
N TYR K 49 -63.83 46.50 -85.71
CA TYR K 49 -63.99 45.04 -85.71
C TYR K 49 -63.79 44.35 -84.35
N SER K 50 -64.44 43.21 -84.05
CA SER K 50 -64.08 42.45 -82.82
C SER K 50 -62.83 41.53 -82.92
N LEU K 51 -61.72 41.96 -82.34
CA LEU K 51 -60.47 41.21 -82.38
C LEU K 51 -60.36 40.52 -80.99
N ASP K 52 -61.07 39.43 -80.81
CA ASP K 52 -61.16 38.78 -79.54
C ASP K 52 -59.96 38.00 -79.14
N GLY K 53 -59.14 37.58 -80.13
CA GLY K 53 -57.87 36.93 -79.83
C GLY K 53 -56.92 37.88 -79.16
N CYS K 54 -56.74 39.03 -79.78
CA CYS K 54 -55.92 40.07 -79.16
C CYS K 54 -56.52 40.56 -77.87
N GLY K 55 -57.82 40.75 -77.86
CA GLY K 55 -58.56 41.15 -76.68
C GLY K 55 -58.28 40.22 -75.45
N THR K 56 -58.37 38.92 -75.68
CA THR K 56 -58.09 37.95 -74.63
C THR K 56 -56.66 37.95 -74.17
N PHE K 57 -55.76 38.00 -75.13
CA PHE K 57 -54.36 38.05 -74.82
C PHE K 57 -54.03 39.27 -73.95
N LEU K 58 -54.51 40.46 -74.34
CA LEU K 58 -54.17 41.66 -73.61
C LEU K 58 -54.80 41.67 -72.21
N PHE K 59 -56.02 41.17 -72.08
CA PHE K 59 -56.66 41.03 -70.79
C PHE K 59 -55.80 40.13 -69.86
N ASP K 60 -55.40 39.00 -70.38
CA ASP K 60 -54.59 38.10 -69.59
C ASP K 60 -53.23 38.73 -69.23
N HIS K 61 -52.64 39.51 -70.14
CA HIS K 61 -51.42 40.17 -69.81
C HIS K 61 -51.66 41.25 -68.74
N ALA K 62 -52.77 41.98 -68.84
CA ALA K 62 -53.15 42.92 -67.78
C ALA K 62 -53.20 42.28 -66.39
N ALA K 63 -53.82 41.10 -66.32
CA ALA K 63 -53.92 40.38 -65.07
C ALA K 63 -52.58 40.00 -64.52
N GLU K 64 -51.66 39.58 -65.39
CA GLU K 64 -50.33 39.24 -65.00
C GLU K 64 -49.55 40.47 -64.44
N GLU K 65 -49.75 41.64 -65.03
CA GLU K 65 -49.11 42.82 -64.51
C GLU K 65 -49.61 43.13 -63.11
N TYR K 66 -50.89 42.94 -62.87
CA TYR K 66 -51.41 43.11 -61.54
C TYR K 66 -50.84 42.12 -60.55
N GLU K 67 -50.62 40.90 -60.97
CA GLU K 67 -49.90 39.93 -60.14
C GLU K 67 -48.47 40.41 -59.77
N HIS K 68 -47.80 41.08 -60.68
CA HIS K 68 -46.50 41.67 -60.35
C HIS K 68 -46.64 42.75 -59.30
N ALA K 69 -47.64 43.63 -59.43
CA ALA K 69 -47.91 44.61 -58.40
C ALA K 69 -48.14 43.99 -57.05
N LYS K 70 -48.93 42.94 -57.01
CA LYS K 70 -49.19 42.23 -55.74
C LYS K 70 -47.94 41.66 -55.11
N LYS K 71 -47.08 41.04 -55.90
CA LYS K 71 -45.85 40.49 -55.40
C LYS K 71 -44.94 41.53 -54.81
N LEU K 72 -44.87 42.69 -55.43
CA LEU K 72 -44.13 43.80 -54.86
C LEU K 72 -44.72 44.33 -53.55
N ILE K 73 -46.05 44.42 -53.46
CA ILE K 73 -46.70 44.80 -52.24
C ILE K 73 -46.40 43.79 -51.09
N VAL K 74 -46.45 42.51 -51.39
CA VAL K 74 -46.09 41.48 -50.41
C VAL K 74 -44.70 41.68 -49.89
N PHE K 75 -43.76 41.92 -50.78
CA PHE K 75 -42.37 42.20 -50.39
C PHE K 75 -42.27 43.42 -49.47
N LEU K 76 -42.94 44.48 -49.82
CA LEU K 76 -42.95 45.68 -48.96
C LEU K 76 -43.57 45.39 -47.57
N ASN K 77 -44.73 44.75 -47.54
CA ASN K 77 -45.41 44.41 -46.28
C ASN K 77 -44.46 43.53 -45.41
N GLU K 78 -43.88 42.52 -46.03
CA GLU K 78 -43.02 41.56 -45.30
C GLU K 78 -41.75 42.20 -44.81
N ASN K 79 -41.26 43.25 -45.46
CA ASN K 79 -40.12 43.97 -45.03
C ASN K 79 -40.44 45.17 -44.13
N ASN K 80 -41.67 45.29 -43.72
CA ASN K 80 -42.09 46.36 -42.86
C ASN K 80 -41.92 47.76 -43.43
N VAL K 81 -42.15 47.94 -44.72
CA VAL K 81 -42.00 49.22 -45.38
C VAL K 81 -43.43 49.68 -45.77
N PRO K 82 -43.79 50.92 -45.55
CA PRO K 82 -45.10 51.40 -45.94
C PRO K 82 -45.36 51.37 -47.41
N VAL K 83 -46.50 50.93 -47.86
CA VAL K 83 -46.86 51.03 -49.28
C VAL K 83 -47.63 52.34 -49.34
N GLN K 84 -47.25 53.28 -50.18
CA GLN K 84 -47.98 54.56 -50.15
C GLN K 84 -48.54 54.83 -51.51
N LEU K 85 -49.77 54.39 -51.79
CA LEU K 85 -50.28 54.40 -53.10
C LEU K 85 -50.77 55.88 -53.38
N THR K 86 -50.41 56.32 -54.59
CA THR K 86 -50.90 57.56 -55.10
C THR K 86 -51.92 57.19 -56.17
N SER K 87 -52.39 58.15 -56.98
CA SER K 87 -53.33 57.91 -57.95
C SER K 87 -52.75 56.98 -59.03
N ILE K 88 -53.60 56.26 -59.70
CA ILE K 88 -53.16 55.50 -60.91
C ILE K 88 -53.76 56.28 -62.08
N SER K 89 -52.90 56.76 -62.95
CA SER K 89 -53.37 57.60 -64.10
C SER K 89 -54.27 56.82 -65.08
N ALA K 90 -55.22 57.49 -65.65
CA ALA K 90 -56.11 56.92 -66.64
C ALA K 90 -55.23 56.49 -67.84
N PRO K 91 -55.51 55.33 -68.38
CA PRO K 91 -54.82 54.90 -69.60
C PRO K 91 -55.38 55.61 -70.85
N GLU K 92 -54.58 55.62 -71.88
CA GLU K 92 -55.05 55.87 -73.25
C GLU K 92 -56.15 54.91 -73.64
N HIS K 93 -57.20 55.40 -74.28
CA HIS K 93 -58.28 54.60 -74.76
C HIS K 93 -58.49 54.57 -76.30
N LYS K 94 -57.88 55.49 -77.03
CA LYS K 94 -58.07 55.57 -78.49
C LYS K 94 -56.83 55.15 -79.17
N PHE K 95 -56.95 54.26 -80.14
CA PHE K 95 -55.78 53.78 -80.83
C PHE K 95 -56.12 53.76 -82.33
N GLU K 96 -55.09 53.98 -83.12
CA GLU K 96 -55.10 53.98 -84.56
C GLU K 96 -55.40 52.68 -85.27
N GLY K 97 -54.95 51.58 -84.72
CA GLY K 97 -55.08 50.29 -85.43
C GLY K 97 -54.30 49.25 -84.65
N LEU K 98 -54.31 48.01 -85.17
CA LEU K 98 -53.74 46.90 -84.43
C LEU K 98 -52.23 46.99 -84.35
N THR K 99 -51.57 47.33 -85.43
CA THR K 99 -50.15 47.58 -85.41
C THR K 99 -49.76 48.62 -84.39
N GLN K 100 -50.49 49.71 -84.39
CA GLN K 100 -50.14 50.81 -83.52
C GLN K 100 -50.32 50.44 -82.04
N ILE K 101 -51.36 49.71 -81.73
CA ILE K 101 -51.57 49.26 -80.38
C ILE K 101 -50.42 48.37 -79.90
N PHE K 102 -49.98 47.43 -80.71
CA PHE K 102 -48.84 46.59 -80.33
C PHE K 102 -47.51 47.31 -80.33
N GLN K 103 -47.38 48.34 -81.16
CA GLN K 103 -46.19 49.21 -81.13
C GLN K 103 -46.16 49.97 -79.79
N LYS K 104 -47.30 50.52 -79.37
CA LYS K 104 -47.36 51.19 -78.08
C LYS K 104 -47.09 50.27 -76.93
N ALA K 105 -47.69 49.09 -77.01
CA ALA K 105 -47.46 48.08 -75.96
C ALA K 105 -46.02 47.70 -75.84
N TYR K 106 -45.39 47.43 -76.96
CA TYR K 106 -43.99 47.09 -76.94
C TYR K 106 -43.11 48.19 -76.37
N GLU K 107 -43.33 49.41 -76.79
CA GLU K 107 -42.60 50.54 -76.22
C GLU K 107 -42.82 50.68 -74.71
N HIS K 108 -44.06 50.44 -74.30
CA HIS K 108 -44.36 50.47 -72.90
C HIS K 108 -43.58 49.35 -72.14
N GLU K 109 -43.53 48.15 -72.67
CA GLU K 109 -42.79 47.08 -72.05
C GLU K 109 -41.27 47.42 -71.96
N GLN K 110 -40.72 48.05 -73.00
CA GLN K 110 -39.35 48.48 -72.91
C GLN K 110 -39.14 49.48 -71.78
N HIS K 111 -40.07 50.42 -71.62
CA HIS K 111 -40.00 51.38 -70.51
C HIS K 111 -40.07 50.68 -69.13
N ILE K 112 -40.93 49.69 -68.98
CA ILE K 112 -41.02 48.93 -67.73
C ILE K 112 -39.68 48.19 -67.48
N SER K 113 -39.13 47.57 -68.52
CA SER K 113 -37.81 46.90 -68.38
C SER K 113 -36.75 47.87 -67.85
N GLU K 114 -36.74 49.07 -68.41
CA GLU K 114 -35.80 50.10 -68.00
C GLU K 114 -36.01 50.51 -66.54
N SER K 115 -37.28 50.66 -66.14
CA SER K 115 -37.57 51.05 -64.77
C SER K 115 -37.12 49.97 -63.79
N ILE K 116 -37.25 48.71 -64.12
CA ILE K 116 -36.76 47.65 -63.27
C ILE K 116 -35.20 47.65 -63.21
N ASN K 117 -34.57 47.82 -64.34
CA ASN K 117 -33.13 47.94 -64.36
C ASN K 117 -32.63 49.07 -63.46
N ASN K 118 -33.34 50.18 -63.40
CA ASN K 118 -32.99 51.26 -62.55
C ASN K 118 -33.02 50.85 -61.04
N ILE K 119 -34.03 50.08 -60.64
CA ILE K 119 -34.10 49.64 -59.28
C ILE K 119 -32.93 48.70 -58.97
N VAL K 120 -32.66 47.79 -59.87
CA VAL K 120 -31.65 46.79 -59.67
C VAL K 120 -30.26 47.46 -59.55
N ASP K 121 -30.09 48.47 -60.37
CA ASP K 121 -28.89 49.23 -60.33
C ASP K 121 -28.71 49.96 -59.00
N HIS K 122 -29.78 50.54 -58.49
CA HIS K 122 -29.72 51.17 -57.19
C HIS K 122 -29.42 50.13 -56.05
N ALA K 123 -29.99 48.94 -56.13
CA ALA K 123 -29.74 47.93 -55.14
C ALA K 123 -28.21 47.56 -55.14
N ILE K 124 -27.62 47.43 -56.30
CA ILE K 124 -26.16 47.18 -56.39
C ILE K 124 -25.35 48.30 -55.76
N LYS K 125 -25.68 49.53 -56.08
CA LYS K 125 -24.97 50.68 -55.54
C LYS K 125 -25.09 50.82 -54.08
N SER K 126 -26.23 50.52 -53.49
CA SER K 126 -26.37 50.64 -52.09
C SER K 126 -26.05 49.35 -51.37
N LYS K 127 -25.55 48.37 -52.10
CA LYS K 127 -25.19 47.13 -51.54
C LYS K 127 -26.31 46.39 -50.86
N ASP K 128 -27.55 46.55 -51.37
CA ASP K 128 -28.70 45.86 -50.86
C ASP K 128 -28.89 44.56 -51.65
N HIS K 129 -28.14 43.56 -51.25
CA HIS K 129 -28.15 42.32 -52.03
C HIS K 129 -29.33 41.45 -51.82
N ALA K 130 -30.02 41.59 -50.70
CA ALA K 130 -31.23 40.88 -50.51
C ALA K 130 -32.28 41.35 -51.50
N THR K 131 -32.34 42.66 -51.70
CA THR K 131 -33.27 43.21 -52.64
C THR K 131 -32.91 42.85 -54.12
N PHE K 132 -31.61 42.94 -54.45
CA PHE K 132 -31.11 42.46 -55.74
C PHE K 132 -31.60 41.04 -56.02
N ASN K 133 -31.40 40.16 -55.05
CA ASN K 133 -31.81 38.76 -55.16
C ASN K 133 -33.31 38.60 -55.37
N PHE K 134 -34.09 39.35 -54.59
CA PHE K 134 -35.53 39.32 -54.77
C PHE K 134 -36.00 39.72 -56.16
N LEU K 135 -35.41 40.75 -56.69
CA LEU K 135 -35.81 41.29 -57.96
C LEU K 135 -35.50 40.37 -59.20
N GLN K 136 -34.75 39.30 -59.04
CA GLN K 136 -34.35 38.51 -60.22
C GLN K 136 -35.50 37.86 -60.92
N TRP K 137 -36.49 37.32 -60.19
CA TRP K 137 -37.65 36.73 -60.82
C TRP K 137 -38.31 37.81 -61.70
N TYR K 138 -38.30 39.06 -61.26
CA TYR K 138 -39.02 40.11 -61.91
C TYR K 138 -38.28 40.58 -63.14
N VAL K 139 -36.96 40.71 -63.06
CA VAL K 139 -36.12 40.98 -64.22
C VAL K 139 -36.36 39.95 -65.34
N SER K 140 -36.35 38.70 -64.94
CA SER K 140 -36.49 37.59 -65.86
C SER K 140 -37.88 37.55 -66.50
N GLU K 141 -38.95 37.64 -65.69
CA GLU K 141 -40.31 37.64 -66.23
C GLU K 141 -40.57 38.82 -67.12
N GLN K 142 -40.06 39.99 -66.72
CA GLN K 142 -40.28 41.16 -67.53
C GLN K 142 -39.60 41.04 -68.88
N HIS K 143 -38.42 40.48 -68.87
CA HIS K 143 -37.72 40.28 -70.13
C HIS K 143 -38.49 39.36 -71.08
N GLU K 144 -39.06 38.29 -70.56
CA GLU K 144 -39.87 37.39 -71.34
C GLU K 144 -41.10 38.14 -71.90
N GLU K 145 -41.69 39.01 -71.10
CA GLU K 145 -42.82 39.79 -71.59
C GLU K 145 -42.46 40.77 -72.71
N GLU K 146 -41.34 41.44 -72.56
CA GLU K 146 -40.88 42.35 -73.56
C GLU K 146 -40.61 41.65 -74.88
N VAL K 147 -39.95 40.52 -74.82
CA VAL K 147 -39.72 39.71 -75.98
C VAL K 147 -41.02 39.21 -76.65
N LEU K 148 -41.97 38.76 -75.84
CA LEU K 148 -43.24 38.31 -76.34
C LEU K 148 -43.96 39.44 -77.13
N PHE K 149 -43.97 40.66 -76.59
CA PHE K 149 -44.57 41.76 -77.29
C PHE K 149 -43.88 42.11 -78.61
N LYS K 150 -42.56 42.06 -78.62
CA LYS K 150 -41.80 42.23 -79.84
C LYS K 150 -42.17 41.14 -80.86
N ASP K 151 -42.26 39.90 -80.43
CA ASP K 151 -42.62 38.83 -81.35
C ASP K 151 -44.02 39.00 -81.96
N ILE K 152 -44.99 39.40 -81.13
CA ILE K 152 -46.33 39.59 -81.63
C ILE K 152 -46.39 40.74 -82.60
N LEU K 153 -45.75 41.85 -82.23
CA LEU K 153 -45.71 43.02 -83.10
C LEU K 153 -45.12 42.64 -84.46
N ASP K 154 -44.01 41.90 -84.46
CA ASP K 154 -43.42 41.49 -85.69
C ASP K 154 -44.31 40.53 -86.52
N LYS K 155 -45.02 39.63 -85.87
CA LYS K 155 -45.95 38.77 -86.54
C LYS K 155 -47.12 39.55 -87.21
N ILE K 156 -47.65 40.53 -86.49
CA ILE K 156 -48.67 41.40 -87.03
C ILE K 156 -48.17 42.09 -88.29
N GLU K 157 -46.92 42.52 -88.29
CA GLU K 157 -46.30 43.15 -89.47
C GLU K 157 -46.02 42.16 -90.60
N LEU K 158 -45.59 40.94 -90.30
CA LEU K 158 -45.44 39.91 -91.31
C LEU K 158 -46.77 39.55 -92.00
N ILE K 159 -47.85 39.46 -91.26
CA ILE K 159 -49.13 39.08 -91.81
C ILE K 159 -49.69 40.19 -92.67
N GLY K 160 -49.64 41.41 -92.19
CA GLY K 160 -50.19 42.52 -92.94
C GLY K 160 -51.70 42.67 -92.70
N ASN K 161 -52.30 43.73 -93.20
CA ASN K 161 -53.76 43.87 -93.04
C ASN K 161 -54.55 43.92 -94.36
N GLU K 162 -53.94 43.62 -95.47
CA GLU K 162 -54.71 43.51 -96.67
C GLU K 162 -55.57 42.23 -96.54
N ASN K 163 -56.76 42.27 -97.11
CA ASN K 163 -57.72 41.17 -97.08
C ASN K 163 -58.08 40.62 -95.66
N HIS K 164 -57.87 39.35 -95.40
CA HIS K 164 -58.17 38.76 -94.12
C HIS K 164 -56.95 38.71 -93.17
N GLY K 165 -56.00 39.59 -93.41
CA GLY K 165 -54.81 39.71 -92.58
C GLY K 165 -55.14 39.95 -91.12
N LEU K 166 -56.07 40.86 -90.82
CA LEU K 166 -56.40 41.14 -89.41
C LEU K 166 -56.97 39.89 -88.75
N TYR K 167 -57.84 39.16 -89.46
CA TYR K 167 -58.35 37.90 -88.97
C TYR K 167 -57.22 36.93 -88.69
N LEU K 168 -56.28 36.76 -89.62
CA LEU K 168 -55.18 35.85 -89.37
C LEU K 168 -54.33 36.25 -88.16
N ALA K 169 -54.07 37.53 -88.04
CA ALA K 169 -53.29 38.03 -86.91
C ALA K 169 -54.02 37.76 -85.59
N ASP K 170 -55.31 38.02 -85.57
CA ASP K 170 -56.11 37.77 -84.39
C ASP K 170 -56.15 36.30 -83.97
N GLN K 171 -56.24 35.41 -84.95
CA GLN K 171 -56.19 33.98 -84.69
C GLN K 171 -54.82 33.53 -84.20
N TYR K 172 -53.76 34.13 -84.74
CA TYR K 172 -52.45 33.86 -84.25
C TYR K 172 -52.30 34.20 -82.76
N VAL K 173 -52.72 35.41 -82.43
CA VAL K 173 -52.62 35.89 -81.03
C VAL K 173 -53.54 35.05 -80.10
N LYS K 174 -54.74 34.68 -80.59
CA LYS K 174 -55.62 33.84 -79.83
C LYS K 174 -54.92 32.53 -79.43
N GLY K 175 -54.20 31.95 -80.38
CA GLY K 175 -53.42 30.74 -80.12
C GLY K 175 -52.33 30.92 -79.07
N ILE K 176 -51.65 32.05 -79.10
CA ILE K 176 -50.65 32.33 -78.10
C ILE K 176 -51.36 32.46 -76.73
N ALA K 177 -52.46 33.19 -76.66
CA ALA K 177 -53.11 33.36 -75.38
C ALA K 177 -53.52 32.01 -74.78
N LYS K 178 -54.04 31.14 -75.61
CA LYS K 178 -54.50 29.84 -75.18
C LYS K 178 -53.32 28.98 -74.69
N SER K 179 -52.19 29.00 -75.38
CA SER K 179 -51.10 28.15 -74.98
C SER K 179 -50.43 28.69 -73.72
N ARG K 180 -50.44 29.98 -73.46
CA ARG K 180 -49.86 30.48 -72.23
C ARG K 180 -50.73 30.24 -70.98
N LYS K 181 -52.01 29.91 -71.08
CA LYS K 181 -52.82 29.70 -69.86
C LYS K 181 -52.63 28.36 -69.16
N LEU L 2 -76.74 13.43 -9.90
CA LEU L 2 -76.86 12.11 -9.23
C LEU L 2 -77.26 12.24 -7.79
N SER L 3 -78.11 11.41 -7.32
CA SER L 3 -78.47 11.44 -5.92
C SER L 3 -77.32 11.00 -4.97
N LYS L 4 -77.45 11.37 -3.72
CA LYS L 4 -76.40 11.12 -2.75
C LYS L 4 -76.24 9.60 -2.55
N ASP L 5 -77.36 8.90 -2.49
CA ASP L 5 -77.34 7.47 -2.31
C ASP L 5 -76.60 6.72 -3.48
N ILE L 6 -76.92 7.08 -4.70
CA ILE L 6 -76.32 6.48 -5.86
C ILE L 6 -74.83 6.82 -5.92
N ILE L 7 -74.47 8.05 -5.60
CA ILE L 7 -73.06 8.45 -5.55
C ILE L 7 -72.31 7.53 -4.57
N LYS L 8 -72.86 7.32 -3.39
CA LYS L 8 -72.20 6.47 -2.45
C LYS L 8 -72.07 5.03 -2.95
N LEU L 9 -73.12 4.48 -3.51
CA LEU L 9 -73.11 3.12 -4.07
C LEU L 9 -72.07 2.96 -5.22
N LEU L 10 -72.02 3.96 -6.12
CA LEU L 10 -71.07 3.95 -7.18
C LEU L 10 -69.61 3.99 -6.70
N ASN L 11 -69.33 4.85 -5.72
CA ASN L 11 -68.01 4.91 -5.12
C ASN L 11 -67.66 3.61 -4.45
N GLU L 12 -68.61 2.98 -3.79
CA GLU L 12 -68.38 1.70 -3.16
C GLU L 12 -68.01 0.65 -4.24
N GLN L 13 -68.67 0.70 -5.37
CA GLN L 13 -68.39 -0.21 -6.46
C GLN L 13 -66.96 -0.02 -7.04
N VAL L 14 -66.54 1.22 -7.20
CA VAL L 14 -65.18 1.51 -7.63
C VAL L 14 -64.20 0.83 -6.70
N ASN L 15 -64.42 1.02 -5.40
CA ASN L 15 -63.56 0.37 -4.36
C ASN L 15 -63.60 -1.08 -4.37
N LYS L 16 -64.77 -1.68 -4.62
CA LYS L 16 -64.85 -3.13 -4.74
C LYS L 16 -64.05 -3.61 -5.94
N GLU L 17 -64.13 -2.92 -7.06
CA GLU L 17 -63.35 -3.31 -8.21
C GLU L 17 -61.84 -3.19 -7.98
N MET L 18 -61.39 -2.17 -7.27
CA MET L 18 -59.97 -2.03 -6.99
C MET L 18 -59.55 -3.18 -6.05
N ASN L 19 -60.38 -3.48 -5.05
CA ASN L 19 -60.09 -4.55 -4.15
C ASN L 19 -60.03 -5.92 -4.91
N SER L 20 -60.96 -6.15 -5.85
CA SER L 20 -60.95 -7.36 -6.64
C SER L 20 -59.70 -7.48 -7.46
N SER L 21 -59.29 -6.39 -8.11
CA SER L 21 -58.11 -6.42 -8.88
C SER L 21 -56.91 -6.92 -8.05
N ASN L 22 -56.76 -6.35 -6.89
CA ASN L 22 -55.71 -6.68 -6.00
C ASN L 22 -55.78 -8.16 -5.54
N LEU L 23 -56.96 -8.64 -5.22
CA LEU L 23 -57.17 -10.03 -4.78
C LEU L 23 -56.79 -10.98 -5.91
N TYR L 24 -57.21 -10.69 -7.14
CA TYR L 24 -56.85 -11.57 -8.25
C TYR L 24 -55.38 -11.55 -8.59
N MET L 25 -54.67 -10.46 -8.36
CA MET L 25 -53.23 -10.47 -8.49
C MET L 25 -52.59 -11.39 -7.47
N SER L 26 -53.09 -11.36 -6.24
CA SER L 26 -52.56 -12.25 -5.22
C SER L 26 -52.84 -13.76 -5.56
N MET L 27 -54.05 -14.04 -6.06
CA MET L 27 -54.37 -15.37 -6.50
C MET L 27 -53.52 -15.82 -7.67
N SER L 28 -53.25 -14.91 -8.58
CA SER L 28 -52.39 -15.20 -9.71
C SER L 28 -51.01 -15.59 -9.25
N SER L 29 -50.47 -14.84 -8.29
CA SER L 29 -49.17 -15.13 -7.76
C SER L 29 -49.14 -16.50 -7.06
N TRP L 30 -50.19 -16.85 -6.32
CA TRP L 30 -50.23 -18.19 -5.69
C TRP L 30 -50.15 -19.25 -6.79
N CYS L 31 -50.83 -19.07 -7.91
CA CYS L 31 -50.74 -20.03 -9.01
C CYS L 31 -49.32 -20.23 -9.49
N TYR L 32 -48.62 -19.14 -9.69
CA TYR L 32 -47.21 -19.23 -10.06
C TYR L 32 -46.27 -19.73 -8.99
N THR L 33 -46.49 -19.45 -7.73
CA THR L 33 -45.50 -19.73 -6.69
C THR L 33 -46.07 -20.30 -5.30
N GLY L 34 -47.36 -20.62 -5.23
CA GLY L 34 -47.96 -21.16 -4.09
C GLY L 34 -47.61 -22.60 -3.75
N TYR L 49 -45.72 -26.14 -7.19
CA TYR L 49 -45.98 -26.18 -8.64
C TYR L 49 -46.33 -24.88 -9.35
N SER L 50 -45.75 -24.62 -10.53
CA SER L 50 -46.17 -23.49 -11.34
C SER L 50 -47.40 -23.71 -12.25
N LEU L 51 -48.53 -23.14 -11.90
CA LEU L 51 -49.74 -23.25 -12.70
C LEU L 51 -49.86 -21.94 -13.49
N ASP L 52 -49.12 -21.84 -14.58
CA ASP L 52 -49.03 -20.62 -15.34
C ASP L 52 -50.26 -20.32 -16.16
N GLY L 53 -51.03 -21.35 -16.51
CA GLY L 53 -52.28 -21.12 -17.21
C GLY L 53 -53.28 -20.41 -16.33
N CYS L 54 -53.46 -20.94 -15.13
CA CYS L 54 -54.33 -20.28 -14.17
C CYS L 54 -53.77 -18.94 -13.74
N GLY L 55 -52.47 -18.88 -13.55
CA GLY L 55 -51.80 -17.63 -13.18
C GLY L 55 -52.04 -16.52 -14.21
N THR L 56 -51.91 -16.85 -15.49
CA THR L 56 -52.18 -15.87 -16.54
C THR L 56 -53.60 -15.47 -16.62
N PHE L 57 -54.49 -16.42 -16.53
CA PHE L 57 -55.92 -16.15 -16.54
C PHE L 57 -56.31 -15.18 -15.39
N LEU L 58 -55.85 -15.45 -14.20
CA LEU L 58 -56.20 -14.61 -13.05
C LEU L 58 -55.60 -13.20 -13.14
N PHE L 59 -54.37 -13.11 -13.63
CA PHE L 59 -53.73 -11.81 -13.89
C PHE L 59 -54.58 -11.01 -14.88
N ASP L 60 -54.96 -11.64 -15.97
CA ASP L 60 -55.77 -10.95 -16.94
C ASP L 60 -57.13 -10.57 -16.42
N HIS L 61 -57.72 -11.40 -15.58
CA HIS L 61 -58.96 -11.05 -14.95
C HIS L 61 -58.76 -9.87 -13.98
N ALA L 62 -57.67 -9.85 -13.23
CA ALA L 62 -57.34 -8.71 -12.39
C ALA L 62 -57.29 -7.39 -13.20
N ALA L 63 -56.62 -7.44 -14.33
CA ALA L 63 -56.50 -6.28 -15.19
C ALA L 63 -57.86 -5.79 -15.69
N GLU L 64 -58.73 -6.73 -16.02
CA GLU L 64 -60.07 -6.38 -16.45
C GLU L 64 -60.90 -5.74 -15.36
N GLU L 65 -60.74 -6.19 -14.11
CA GLU L 65 -61.46 -5.56 -13.00
C GLU L 65 -61.00 -4.12 -12.85
N TYR L 66 -59.72 -3.86 -13.00
CA TYR L 66 -59.26 -2.50 -12.96
C TYR L 66 -59.82 -1.67 -14.10
N GLU L 67 -59.97 -2.23 -15.28
CA GLU L 67 -60.67 -1.56 -16.37
C GLU L 67 -62.11 -1.18 -16.01
N HIS L 68 -62.81 -2.03 -15.29
CA HIS L 68 -64.15 -1.68 -14.80
C HIS L 68 -64.08 -0.52 -13.82
N ALA L 69 -63.13 -0.53 -12.89
CA ALA L 69 -62.93 0.57 -11.99
C ALA L 69 -62.71 1.87 -12.74
N LYS L 70 -61.87 1.86 -13.76
CA LYS L 70 -61.61 3.04 -14.55
C LYS L 70 -62.86 3.59 -15.24
N LYS L 71 -63.66 2.73 -15.83
CA LYS L 71 -64.85 3.16 -16.49
C LYS L 71 -65.86 3.78 -15.54
N LEU L 72 -65.97 3.26 -14.35
CA LEU L 72 -66.80 3.85 -13.33
C LEU L 72 -66.28 5.25 -12.88
N ILE L 73 -64.95 5.38 -12.73
CA ILE L 73 -64.35 6.64 -12.37
C ILE L 73 -64.61 7.70 -13.46
N VAL L 74 -64.48 7.32 -14.72
CA VAL L 74 -64.82 8.24 -15.82
C VAL L 74 -66.22 8.77 -15.70
N PHE L 75 -67.16 7.88 -15.44
CA PHE L 75 -68.55 8.25 -15.26
C PHE L 75 -68.73 9.25 -14.09
N LEU L 76 -68.10 8.98 -12.98
CA LEU L 76 -68.16 9.91 -11.86
C LEU L 76 -67.52 11.28 -12.17
N ASN L 77 -66.35 11.29 -12.78
CA ASN L 77 -65.67 12.53 -13.17
C ASN L 77 -66.58 13.35 -14.12
N GLU L 78 -67.11 12.66 -15.13
CA GLU L 78 -67.93 13.33 -16.16
C GLU L 78 -69.24 13.85 -15.60
N ASN L 79 -69.77 13.23 -14.53
CA ASN L 79 -70.94 13.71 -13.88
C ASN L 79 -70.66 14.68 -12.71
N ASN L 80 -69.44 15.11 -12.58
CA ASN L 80 -69.07 16.04 -11.55
C ASN L 80 -69.26 15.53 -10.10
N VAL L 81 -69.02 14.28 -9.86
CA VAL L 81 -69.23 13.67 -8.54
C VAL L 81 -67.80 13.31 -8.01
N PRO L 82 -67.53 13.61 -6.77
CA PRO L 82 -66.24 13.23 -6.18
C PRO L 82 -66.04 11.72 -6.08
N VAL L 83 -64.85 11.26 -6.46
CA VAL L 83 -64.47 9.88 -6.37
C VAL L 83 -63.84 9.76 -4.96
N GLN L 84 -64.24 8.83 -4.14
CA GLN L 84 -63.68 8.66 -2.81
C GLN L 84 -63.06 7.27 -2.71
N LEU L 85 -61.81 7.17 -2.95
CA LEU L 85 -61.12 5.92 -2.88
C LEU L 85 -60.80 5.57 -1.39
N THR L 86 -61.01 4.34 -1.04
CA THR L 86 -60.75 3.84 0.30
C THR L 86 -59.48 3.03 0.28
N SER L 87 -59.03 2.68 1.46
CA SER L 87 -57.85 1.86 1.56
C SER L 87 -58.18 0.47 0.99
N ILE L 88 -57.20 -0.18 0.39
CA ILE L 88 -57.41 -1.51 -0.18
C ILE L 88 -56.78 -2.48 0.81
N SER L 89 -57.58 -3.37 1.39
CA SER L 89 -57.07 -4.31 2.40
C SER L 89 -56.07 -5.29 1.83
N ALA L 90 -55.05 -5.70 2.57
CA ALA L 90 -54.15 -6.73 2.07
C ALA L 90 -54.92 -7.98 1.75
N PRO L 91 -54.76 -8.53 0.51
CA PRO L 91 -55.58 -9.67 0.12
C PRO L 91 -55.04 -10.91 0.78
N GLU L 92 -55.82 -11.97 0.76
CA GLU L 92 -55.39 -13.27 1.18
C GLU L 92 -54.28 -13.72 0.21
N HIS L 93 -53.24 -14.34 0.74
CA HIS L 93 -52.12 -14.81 -0.10
C HIS L 93 -51.85 -16.29 0.04
N LYS L 94 -52.42 -16.97 1.03
CA LYS L 94 -52.25 -18.44 1.21
C LYS L 94 -53.52 -19.12 0.87
N PHE L 95 -53.44 -20.15 0.09
CA PHE L 95 -54.60 -20.91 -0.34
C PHE L 95 -54.24 -22.39 -0.27
N GLU L 96 -55.27 -23.19 -0.13
CA GLU L 96 -55.09 -24.63 0.07
C GLU L 96 -54.90 -25.39 -1.18
N GLY L 97 -55.39 -24.91 -2.30
CA GLY L 97 -55.22 -25.75 -3.55
C GLY L 97 -56.03 -25.03 -4.62
N LEU L 98 -55.98 -25.64 -5.82
CA LEU L 98 -56.53 -25.00 -7.00
C LEU L 98 -58.04 -24.94 -6.95
N THR L 99 -58.69 -26.01 -6.52
CA THR L 99 -60.14 -25.96 -6.31
C THR L 99 -60.54 -24.89 -5.35
N GLN L 100 -59.83 -24.82 -4.26
CA GLN L 100 -60.15 -23.88 -3.24
C GLN L 100 -60.03 -22.43 -3.70
N ILE L 101 -59.01 -22.11 -4.45
CA ILE L 101 -58.81 -20.81 -4.96
C ILE L 101 -59.95 -20.43 -5.93
N PHE L 102 -60.33 -21.31 -6.83
CA PHE L 102 -61.42 -21.02 -7.75
C PHE L 102 -62.78 -21.01 -7.07
N GLN L 103 -62.94 -21.75 -6.00
CA GLN L 103 -64.17 -21.68 -5.20
C GLN L 103 -64.27 -20.29 -4.54
N LYS L 104 -63.18 -19.78 -3.98
CA LYS L 104 -63.18 -18.44 -3.43
C LYS L 104 -63.45 -17.39 -4.49
N ALA L 105 -62.78 -17.54 -5.62
CA ALA L 105 -62.97 -16.60 -6.73
C ALA L 105 -64.42 -16.58 -7.21
N TYR L 106 -65.00 -17.73 -7.40
CA TYR L 106 -66.39 -17.80 -7.82
C TYR L 106 -67.34 -17.18 -6.83
N GLU L 107 -67.16 -17.49 -5.55
CA GLU L 107 -67.97 -16.83 -4.51
C GLU L 107 -67.79 -15.33 -4.50
N HIS L 108 -66.56 -14.89 -4.71
CA HIS L 108 -66.31 -13.47 -4.82
C HIS L 108 -67.06 -12.85 -6.02
N GLU L 109 -67.03 -13.49 -7.17
CA GLU L 109 -67.75 -12.99 -8.31
C GLU L 109 -69.27 -12.95 -8.05
N GLN L 110 -69.82 -13.96 -7.37
CA GLN L 110 -71.23 -13.89 -6.99
C GLN L 110 -71.52 -12.70 -6.12
N HIS L 111 -70.64 -12.40 -5.16
CA HIS L 111 -70.83 -11.21 -4.31
C HIS L 111 -70.80 -9.91 -5.18
N ILE L 112 -69.88 -9.81 -6.12
CA ILE L 112 -69.81 -8.63 -6.98
C ILE L 112 -71.13 -8.52 -7.81
N SER L 113 -71.60 -9.64 -8.35
CA SER L 113 -72.88 -9.63 -9.08
C SER L 113 -74.03 -9.12 -8.25
N GLU L 114 -74.08 -9.56 -7.01
CA GLU L 114 -75.12 -9.12 -6.06
C GLU L 114 -74.99 -7.63 -5.79
N SER L 115 -73.77 -7.13 -5.63
CA SER L 115 -73.59 -5.72 -5.36
C SER L 115 -74.03 -4.87 -6.54
N ILE L 116 -73.80 -5.31 -7.77
CA ILE L 116 -74.29 -4.60 -8.94
C ILE L 116 -75.84 -4.65 -9.00
N ASN L 117 -76.43 -5.82 -8.75
CA ASN L 117 -77.87 -5.89 -8.67
C ASN L 117 -78.46 -4.88 -7.67
N ASN L 118 -77.80 -4.72 -6.53
CA ASN L 118 -78.25 -3.78 -5.54
C ASN L 118 -78.24 -2.35 -6.06
N ILE L 119 -77.18 -1.96 -6.72
CA ILE L 119 -77.13 -0.63 -7.24
C ILE L 119 -78.18 -0.37 -8.32
N VAL L 120 -78.40 -1.34 -9.17
CA VAL L 120 -79.38 -1.20 -10.28
C VAL L 120 -80.77 -1.11 -9.72
N ASP L 121 -81.01 -1.90 -8.70
CA ASP L 121 -82.29 -1.86 -7.99
C ASP L 121 -82.51 -0.52 -7.40
N HIS L 122 -81.47 0.01 -6.79
CA HIS L 122 -81.58 1.30 -6.20
C HIS L 122 -81.87 2.40 -7.25
N ALA L 123 -81.20 2.36 -8.38
CA ALA L 123 -81.40 3.32 -9.42
C ALA L 123 -82.86 3.30 -9.90
N ILE L 124 -83.46 2.11 -10.06
CA ILE L 124 -84.90 2.04 -10.42
C ILE L 124 -85.78 2.73 -9.38
N LYS L 125 -85.56 2.38 -8.12
CA LYS L 125 -86.37 2.93 -7.06
C LYS L 125 -86.25 4.41 -6.91
N SER L 126 -85.08 4.99 -7.11
CA SER L 126 -84.93 6.38 -6.94
C SER L 126 -85.08 7.11 -8.26
N LYS L 127 -85.56 6.48 -9.32
CA LYS L 127 -85.68 7.16 -10.58
C LYS L 127 -84.42 7.70 -11.18
N ASP L 128 -83.27 7.09 -10.88
CA ASP L 128 -81.96 7.44 -11.43
C ASP L 128 -81.81 6.64 -12.79
N HIS L 129 -82.56 6.98 -13.84
CA HIS L 129 -82.55 6.18 -15.03
C HIS L 129 -81.37 6.37 -15.92
N ALA L 130 -80.73 7.52 -15.83
CA ALA L 130 -79.53 7.69 -16.57
C ALA L 130 -78.46 6.75 -16.04
N THR L 131 -78.39 6.63 -14.71
CA THR L 131 -77.43 5.72 -14.14
C THR L 131 -77.75 4.24 -14.41
N PHE L 132 -79.02 3.86 -14.31
CA PHE L 132 -79.51 2.53 -14.71
C PHE L 132 -79.01 2.21 -16.11
N ASN L 133 -79.25 3.14 -17.05
CA ASN L 133 -78.87 2.91 -18.43
C ASN L 133 -77.34 2.74 -18.60
N PHE L 134 -76.60 3.59 -17.90
CA PHE L 134 -75.16 3.47 -17.96
C PHE L 134 -74.61 2.15 -17.46
N LEU L 135 -75.18 1.66 -16.40
CA LEU L 135 -74.70 0.45 -15.79
C LEU L 135 -74.94 -0.86 -16.57
N GLN L 136 -75.71 -0.82 -17.68
CA GLN L 136 -76.05 -2.05 -18.36
C GLN L 136 -74.83 -2.81 -18.92
N TRP L 137 -73.84 -2.11 -19.46
CA TRP L 137 -72.61 -2.77 -19.89
C TRP L 137 -72.00 -3.56 -18.72
N TYR L 138 -72.09 -3.02 -17.53
CA TYR L 138 -71.43 -3.56 -16.38
C TYR L 138 -72.19 -4.77 -15.86
N VAL L 139 -73.52 -4.70 -15.82
CA VAL L 139 -74.34 -5.83 -15.48
C VAL L 139 -74.03 -7.04 -16.41
N SER L 140 -73.97 -6.74 -17.68
CA SER L 140 -73.74 -7.75 -18.70
C SER L 140 -72.34 -8.38 -18.61
N GLU L 141 -71.31 -7.54 -18.52
CA GLU L 141 -69.93 -8.05 -18.39
C GLU L 141 -69.72 -8.82 -17.13
N GLN L 142 -70.31 -8.35 -16.03
CA GLN L 142 -70.15 -9.08 -14.76
C GLN L 142 -70.78 -10.42 -14.83
N HIS L 143 -71.93 -10.49 -15.45
CA HIS L 143 -72.59 -11.77 -15.55
C HIS L 143 -71.75 -12.79 -16.36
N GLU L 144 -71.17 -12.35 -17.47
CA GLU L 144 -70.27 -13.17 -18.24
C GLU L 144 -69.07 -13.65 -17.39
N GLU L 145 -68.53 -12.77 -16.56
CA GLU L 145 -67.45 -13.16 -15.67
C GLU L 145 -67.83 -14.18 -14.62
N GLU L 146 -68.98 -14.01 -14.02
CA GLU L 146 -69.46 -14.94 -13.03
C GLU L 146 -69.66 -16.31 -13.62
N VAL L 147 -70.29 -16.35 -14.77
CA VAL L 147 -70.47 -17.62 -15.47
C VAL L 147 -69.14 -18.29 -15.87
N LEU L 148 -68.18 -17.50 -16.35
CA LEU L 148 -66.88 -18.01 -16.69
C LEU L 148 -66.19 -18.67 -15.49
N PHE L 149 -66.22 -18.03 -14.33
CA PHE L 149 -65.65 -18.62 -13.12
C PHE L 149 -66.35 -19.88 -12.68
N LYS L 150 -67.65 -19.93 -12.81
CA LYS L 150 -68.38 -21.18 -12.54
C LYS L 150 -67.96 -22.25 -13.46
N ASP L 151 -67.82 -21.93 -14.73
CA ASP L 151 -67.42 -22.93 -15.71
C ASP L 151 -66.00 -23.49 -15.44
N ILE L 152 -65.08 -22.62 -15.07
CA ILE L 152 -63.72 -23.07 -14.79
C ILE L 152 -63.70 -23.93 -13.52
N LEU L 153 -64.38 -23.47 -12.48
CA LEU L 153 -64.46 -24.22 -11.25
C LEU L 153 -65.03 -25.63 -11.51
N ASP L 154 -66.10 -25.70 -12.27
CA ASP L 154 -66.67 -26.98 -12.59
C ASP L 154 -65.75 -27.87 -13.43
N LYS L 155 -65.02 -27.31 -14.35
CA LYS L 155 -64.03 -28.04 -15.11
C LYS L 155 -62.90 -28.59 -14.27
N ILE L 156 -62.40 -27.79 -13.33
CA ILE L 156 -61.38 -28.23 -12.38
C ILE L 156 -61.91 -29.42 -11.60
N GLU L 157 -63.15 -29.37 -11.17
CA GLU L 157 -63.82 -30.47 -10.49
C GLU L 157 -64.01 -31.73 -11.38
N LEU L 158 -64.43 -31.56 -12.62
CA LEU L 158 -64.55 -32.64 -13.57
C LEU L 158 -63.21 -33.34 -13.85
N ILE L 159 -62.12 -32.59 -13.99
CA ILE L 159 -60.85 -33.16 -14.32
C ILE L 159 -60.30 -33.92 -13.13
N GLY L 160 -60.35 -33.35 -11.95
CA GLY L 160 -59.82 -34.00 -10.78
C GLY L 160 -58.33 -33.78 -10.63
N ASN L 161 -57.73 -34.22 -9.53
CA ASN L 161 -56.28 -34.03 -9.37
C ASN L 161 -55.49 -35.33 -9.25
N GLU L 162 -56.09 -36.43 -9.60
CA GLU L 162 -55.33 -37.63 -9.68
C GLU L 162 -54.38 -37.50 -10.91
N ASN L 163 -53.18 -38.03 -10.80
CA ASN L 163 -52.16 -38.04 -11.86
C ASN L 163 -51.82 -36.68 -12.49
N HIS L 164 -52.04 -36.51 -13.76
CA HIS L 164 -51.77 -35.28 -14.41
C HIS L 164 -53.00 -34.34 -14.50
N GLY L 165 -53.96 -34.54 -13.61
CA GLY L 165 -55.13 -33.73 -13.55
C GLY L 165 -54.84 -32.24 -13.40
N LEU L 166 -53.93 -31.87 -12.49
CA LEU L 166 -53.61 -30.46 -12.35
C LEU L 166 -53.04 -29.86 -13.63
N TYR L 167 -52.17 -30.61 -14.28
CA TYR L 167 -51.65 -30.19 -15.57
C TYR L 167 -52.77 -30.00 -16.58
N LEU L 168 -53.69 -30.95 -16.70
CA LEU L 168 -54.78 -30.79 -17.65
C LEU L 168 -55.66 -29.59 -17.34
N ALA L 169 -55.94 -29.38 -16.07
CA ALA L 169 -56.77 -28.22 -15.69
C ALA L 169 -56.06 -26.92 -16.05
N ASP L 170 -54.76 -26.86 -15.73
CA ASP L 170 -53.99 -25.68 -16.05
C ASP L 170 -53.91 -25.38 -17.55
N GLN L 171 -53.77 -26.42 -18.38
CA GLN L 171 -53.80 -26.27 -19.82
C GLN L 171 -55.14 -25.83 -20.33
N TYR L 172 -56.21 -26.36 -19.73
CA TYR L 172 -57.53 -25.93 -20.12
C TYR L 172 -57.71 -24.40 -19.87
N VAL L 173 -57.33 -23.96 -18.68
CA VAL L 173 -57.46 -22.54 -18.32
C VAL L 173 -56.54 -21.67 -19.18
N LYS L 174 -55.33 -22.15 -19.46
CA LYS L 174 -54.42 -21.44 -20.35
C LYS L 174 -55.10 -21.17 -21.69
N GLY L 175 -55.79 -22.16 -22.23
CA GLY L 175 -56.53 -22.02 -23.48
C GLY L 175 -57.64 -20.99 -23.41
N ILE L 176 -58.37 -20.96 -22.29
CA ILE L 176 -59.39 -19.94 -22.14
C ILE L 176 -58.71 -18.55 -22.10
N ALA L 177 -57.63 -18.39 -21.33
CA ALA L 177 -57.02 -17.10 -21.24
C ALA L 177 -56.56 -16.58 -22.63
N LYS L 178 -55.97 -17.47 -23.41
CA LYS L 178 -55.53 -17.13 -24.74
C LYS L 178 -56.65 -16.75 -25.65
N SER L 179 -57.76 -17.48 -25.63
CA SER L 179 -58.81 -17.16 -26.54
C SER L 179 -59.52 -15.87 -26.13
N ARG L 180 -59.56 -15.50 -24.87
CA ARG L 180 -60.16 -14.25 -24.51
C ARG L 180 -59.30 -13.01 -24.79
N LYS L 181 -58.01 -13.13 -25.06
CA LYS L 181 -57.19 -11.91 -25.30
C LYS L 181 -57.34 -11.28 -26.70
NA NA M . 43.40 -37.11 57.78
NA NA N . 24.71 -24.33 60.12
FE FE O . 31.11 -8.98 47.55
NA NA P . 21.03 -1.91 17.80
NA NA Q . 38.16 3.31 32.29
C1 GOL R . 38.46 -5.40 21.78
O1 GOL R . 38.57 -4.34 22.78
C2 GOL R . 37.75 -6.69 22.17
O2 GOL R . 38.22 -7.05 23.45
C3 GOL R . 37.98 -7.91 21.25
O3 GOL R . 36.79 -8.72 21.09
NA NA S . 72.08 -32.99 39.84
C1 GOL T . 72.21 -25.74 23.48
O1 GOL T . 73.00 -24.67 23.02
C2 GOL T . 70.97 -26.01 22.64
O2 GOL T . 71.26 -26.82 21.52
C3 GOL T . 70.01 -26.74 23.54
O3 GOL T . 69.29 -27.72 22.84
C1 GOL U . 69.59 -20.22 37.94
O1 GOL U . 70.18 -20.21 36.60
C2 GOL U . 68.91 -18.89 38.36
O2 GOL U . 67.94 -18.36 37.40
C3 GOL U . 69.96 -17.77 38.57
O3 GOL U . 70.87 -18.04 39.64
CL CL V . 73.01 -12.80 50.34
NA NA W . 59.11 -10.07 31.22
C1 GOL X . 53.67 -22.14 43.13
O1 GOL X . 53.62 -22.10 44.52
C2 GOL X . 52.79 -23.24 42.59
O2 GOL X . 51.44 -22.89 42.71
C3 GOL X . 53.05 -23.36 41.12
O3 GOL X . 52.12 -24.27 40.56
C1 GOL Y . 68.02 -8.75 51.67
O1 GOL Y . 68.23 -10.08 52.14
C2 GOL Y . 67.77 -8.94 50.18
O2 GOL Y . 66.52 -9.68 50.03
C3 GOL Y . 67.80 -7.60 49.42
O3 GOL Y . 66.85 -6.70 50.03
CL CL Z . 72.98 -9.33 46.62
NA NA AA . 44.01 -1.20 1.83
NA NA BA . 26.73 0.78 -12.60
NA NA CA . 42.35 1.42 3.37
FE FE DA . 34.98 -11.16 -27.81
C1 GOL EA . 26.80 -35.75 49.57
O1 GOL EA . 28.13 -35.97 49.14
C2 GOL EA . 26.98 -34.82 50.77
O2 GOL EA . 26.34 -33.61 50.39
C3 GOL EA . 26.30 -35.32 52.04
O3 GOL EA . 26.03 -34.34 53.05
NA NA FA . 22.42 -55.35 57.45
NA NA GA . 40.97 -67.94 62.45
NA NA HA . 26.28 -46.30 69.79
NA NA IA . 23.81 -33.32 49.24
FE FE JA . 35.73 -84.34 50.87
C1 GOL KA . 23.55 -48.15 68.46
O1 GOL KA . 24.23 -47.20 69.29
C2 GOL KA . 23.56 -49.56 69.07
O2 GOL KA . 23.45 -50.55 68.03
C3 GOL KA . 22.37 -49.82 69.99
O3 GOL KA . 21.08 -49.70 69.32
C1 GOL LA . 39.76 -57.70 54.09
O1 GOL LA . 40.62 -58.45 54.94
C2 GOL LA . 40.07 -57.83 52.60
O2 GOL LA . 40.10 -59.21 52.32
C3 GOL LA . 38.96 -57.17 51.82
O3 GOL LA . 39.29 -56.86 50.48
CL CL MA . 22.26 -44.83 69.76
NA NA NA . -44.29 7.81 -12.27
NA NA OA . -62.36 21.16 -9.45
FE FE PA . -55.78 36.52 -22.07
CL CL QA . -60.00 20.33 -1.33
NA NA RA . -43.60 -22.01 -9.14
NA NA SA . -66.76 43.85 -51.51
NA NA TA . -48.76 48.54 -37.41
NA NA UA . -44.55 46.91 -38.35
C1 GOL VA . -49.68 37.36 -48.61
O1 GOL VA . -50.87 36.55 -48.62
C2 GOL VA . -49.95 38.56 -47.73
O2 GOL VA . -49.32 38.31 -46.48
C3 GOL VA . -49.33 39.86 -48.22
O3 GOL VA . -49.22 40.94 -47.25
NA NA WA . -42.80 42.90 -37.70
NA NA XA . -16.38 10.56 -31.69
NA NA YA . -8.33 -2.94 -37.51
C1 GOL ZA . -18.06 23.27 -33.43
O1 GOL ZA . -17.80 23.32 -34.83
C2 GOL ZA . -18.53 24.58 -32.78
O2 GOL ZA . -17.47 25.44 -32.28
C3 GOL ZA . -19.55 25.30 -33.61
O3 GOL ZA . -20.60 25.85 -32.82
C1 GOL AB . -16.64 18.09 -47.61
O1 GOL AB . -15.49 18.73 -48.15
C2 GOL AB . -17.67 17.66 -48.67
O2 GOL AB . -17.04 16.82 -49.61
C3 GOL AB . -18.78 16.93 -47.95
O3 GOL AB . -19.53 16.02 -48.75
NA NA BB . -28.39 34.11 -39.62
NA NA CB . -44.45 43.63 -68.26
NA NA DB . -45.86 46.12 -66.57
FE FE EB . -55.24 33.89 -97.38
CL CL FB . -45.94 56.59 -56.45
NA NA GB . -61.31 -0.93 0.27
NA NA HB . -66.10 -9.43 -11.97
NA NA IB . -58.34 -6.45 -0.09
NA NA JB . -63.83 12.53 -19.98
NA NA KB . -79.41 10.15 -9.80
FE FE LB . -54.49 -39.07 -18.93
C1 GOL MB . -48.52 -12.50 -16.25
O1 GOL MB . -48.50 -13.36 -15.09
C2 GOL MB . -49.30 -12.99 -17.48
O2 GOL MB . -48.69 -14.24 -17.76
C3 GOL MB . -49.26 -12.04 -18.70
O3 GOL MB . -50.56 -11.78 -19.38
CL CL NB . -65.25 0.76 0.22
CL CL OB . -58.10 -21.88 0.37
CL CL PB . -79.17 8.88 -12.69
#